data_6FKN
#
_entry.id   6FKN
#
_cell.length_a   153.630
_cell.length_b   153.630
_cell.length_c   425.370
_cell.angle_alpha   90.00
_cell.angle_beta   90.00
_cell.angle_gamma   120.00
#
_symmetry.space_group_name_H-M   'P 65 2 2'
#
loop_
_entity.id
_entity.type
_entity.pdbx_description
1 polymer 'Plexin A, isoform A'
2 polymer MIP07328p
3 branched alpha-D-mannopyranose-(1-3)-beta-D-mannopyranose-(1-4)-2-acetamido-2-deoxy-beta-D-glucopyranose-(1-4)-2-acetamido-2-deoxy-beta-D-glucopyranose
4 branched beta-D-mannopyranose-(1-4)-2-acetamido-2-deoxy-beta-D-glucopyranose-(1-4)-2-acetamido-2-deoxy-beta-D-glucopyranose
5 branched alpha-D-mannopyranose-(1-3)-[alpha-D-mannopyranose-(1-6)]beta-D-mannopyranose-(1-4)-2-acetamido-2-deoxy-beta-D-glucopyranose-(1-4)-2-acetamido-2-deoxy-beta-D-glucopyranose
6 non-polymer 2-acetamido-2-deoxy-beta-D-glucopyranose
#
loop_
_entity_poly.entity_id
_entity_poly.type
_entity_poly.pdbx_seq_one_letter_code
_entity_poly.pdbx_strand_id
1 'polypeptide(L)'
;ETGQTLAANIWSDKTTAQNEPINLTNANAPIKNAKNLNSTITNVAAFDTKLNHLLVDTITGRVFVGGVNRLYQLSPDLEL
SETVKTGPQNDSVECSILDCPLNAVRSPTDNYNKVLLIDRATSRLIACGSLFQGTCTVRNLQNVSIIEHEVPDAVVANDA
NSSTVAFIAPGPPQHPVTNVMYVGVTYTNNSPYRSEIPAVASRSLEKTKMFQIASSAVTTGTRTFINSYARETYFVNYVY
GFSSERFSYFLTTQLKHSHHSSPKEYITKLVRICQEDSNYYSYTEIPVECISDAQGGTKFNLVQAGFLGKPSSDLAQSLG
ISIQDDVLFAVFSKGEGNTPTNNSALCIYSLKSIRRKFMQNIKSCFNGSGMRGLDFISPSMPCVLTKLQTIGEDFCGLDV
NSPLGGETPITSVPVAMFNTKLTSVAATSTSGYTVVFVGTSDGFLKKVVIESSSIANEYASFAVDLGSEINRDMQFDNQN
LYIYVMSKTKVSKVKVFDCSDYKTCGDCLGARDPYCGWCSLENKCSPRSNCQDDANDPLYWVSYKTGKCTTITSVVPHQL
QRTTARTLELIIDHLPQLKENLICAFTTEDKALFTNATKKRNGVNCTTPRTDMLPQIEQGKHHFTAKLSVRTRNGPDLVS
TDFTFFDCSTHSSCTRCVSSEFPCDWCVEAHRCTHDTAENCRNDILVTGVSRIGPSYRSGPGFCPTGTKHHHHHH
;
A,C
2 'polypeptide(L)'
;ETGDVKPDLQTKQDKVLAHFIGNSTDYFKILDHNDEFVLVGAKDVIYNVSLNGLKEIARLEWHSTDADRELCALKGKHEW
DCHNYLRVYALRPNGEVLLCGTNSYKPRCRHYTPVEVSSEEAGSAGHAHAMRYEVSRDVEAQGLCPYSPAHNSTYAFADG
HLYSATVADFSGGDPLIYRENLRTEQYDLKQLNQPDFVGAIERNGYVLFFFRELSMEVMNFGKAVYSRVARVCKNDRGGP
YSHGKSWTSFLKARLNCSVPGEFPFYFDEIQAISPIVESGSKSLIYAVFTTSVNAIPGSAVCAFNVDDILAAFDGEFKSQ
KDSQSHWLPVEREQVPKPRPGQCVEDSRTLTSIAVNFIKNHPLMEEAVPAVHGRPLLTKVNLHHRLTAIAVHPQVKSLSG
AYYDVIYSGTDDGKVTKFINILSTHPNSTVDRLKTVVISEMQVLPLGTPIRELVISTSKNSLVVVSDGSLVSVPLHHCSH
IVDCLGCLSLQDPICAWDLQTHECKNLATSQHKFGTKTYLQSLNSTKKAAALLCPHIPRDAPGAETVSFVTMAPPPTEEQ
KLLYSNVGSGTKHHHHHH
;
B,D
#
# COMPACT_ATOMS: atom_id res chain seq x y z
N ASN A 38 5.74 -37.28 -18.74
CA ASN A 38 5.86 -36.54 -19.98
C ASN A 38 7.28 -36.71 -20.53
N SER A 39 7.38 -36.84 -21.86
CA SER A 39 8.67 -37.03 -22.51
C SER A 39 9.35 -35.73 -22.91
N THR A 40 8.60 -34.61 -22.99
CA THR A 40 9.23 -33.34 -23.33
C THR A 40 10.02 -32.78 -22.15
N ILE A 41 9.59 -33.05 -20.93
CA ILE A 41 10.28 -32.60 -19.73
C ILE A 41 11.25 -33.68 -19.28
N THR A 42 12.51 -33.31 -19.13
CA THR A 42 13.59 -34.27 -18.91
C THR A 42 13.87 -34.48 -17.42
N ASN A 43 14.26 -33.42 -16.72
CA ASN A 43 14.53 -33.46 -15.30
C ASN A 43 13.63 -32.45 -14.59
N VAL A 44 13.24 -32.81 -13.37
CA VAL A 44 12.48 -31.92 -12.50
C VAL A 44 13.12 -31.96 -11.12
N ALA A 45 13.47 -30.77 -10.61
CA ALA A 45 14.03 -30.64 -9.26
C ALA A 45 13.07 -29.82 -8.43
N ALA A 46 12.55 -30.42 -7.35
CA ALA A 46 11.65 -29.74 -6.45
C ALA A 46 12.41 -29.31 -5.20
N PHE A 47 12.28 -28.03 -4.86
CA PHE A 47 13.00 -27.42 -3.74
C PHE A 47 12.05 -27.15 -2.58
N ASP A 48 12.64 -26.98 -1.38
CA ASP A 48 11.85 -26.86 -0.17
C ASP A 48 11.33 -25.46 0.08
N THR A 49 11.98 -24.45 -0.47
CA THR A 49 11.60 -23.07 -0.25
C THR A 49 11.08 -22.46 -1.54
N LYS A 50 10.70 -21.19 -1.46
CA LYS A 50 10.30 -20.41 -2.62
C LYS A 50 11.54 -19.87 -3.33
N LEU A 51 11.58 -20.04 -4.65
CA LEU A 51 12.76 -19.71 -5.45
C LEU A 51 12.63 -18.31 -6.04
N ASN A 52 13.76 -17.60 -6.10
CA ASN A 52 13.79 -16.18 -6.51
C ASN A 52 14.55 -15.94 -7.80
N HIS A 53 15.66 -16.64 -8.04
CA HIS A 53 16.49 -16.38 -9.20
C HIS A 53 17.11 -17.68 -9.70
N LEU A 54 17.64 -17.61 -10.92
CA LEU A 54 18.18 -18.76 -11.62
C LEU A 54 19.17 -18.28 -12.65
N LEU A 55 20.39 -18.82 -12.62
CA LEU A 55 21.35 -18.56 -13.69
C LEU A 55 22.08 -19.84 -14.03
N VAL A 56 22.55 -19.92 -15.28
CA VAL A 56 23.35 -21.04 -15.78
C VAL A 56 24.73 -20.51 -16.14
N ASP A 57 25.77 -21.23 -15.68
CA ASP A 57 27.14 -20.93 -16.09
C ASP A 57 27.29 -21.23 -17.58
N THR A 58 27.72 -20.22 -18.35
CA THR A 58 27.73 -20.32 -19.81
C THR A 58 28.77 -21.32 -20.33
N ILE A 59 29.78 -21.68 -19.54
CA ILE A 59 30.81 -22.59 -20.00
C ILE A 59 30.74 -23.96 -19.32
N THR A 60 30.32 -24.04 -18.06
CA THR A 60 30.23 -25.32 -17.35
C THR A 60 28.81 -25.84 -17.25
N GLY A 61 27.80 -25.03 -17.59
CA GLY A 61 26.43 -25.47 -17.58
C GLY A 61 25.86 -25.81 -16.22
N ARG A 62 26.61 -25.57 -15.15
CA ARG A 62 26.09 -25.72 -13.81
C ARG A 62 24.95 -24.75 -13.57
N VAL A 63 24.01 -25.15 -12.71
CA VAL A 63 22.81 -24.38 -12.43
C VAL A 63 22.88 -23.85 -11.00
N PHE A 64 22.61 -22.56 -10.84
CA PHE A 64 22.57 -21.92 -9.54
C PHE A 64 21.17 -21.36 -9.29
N VAL A 65 20.61 -21.71 -8.13
CA VAL A 65 19.26 -21.31 -7.76
C VAL A 65 19.31 -20.55 -6.44
N GLY A 66 18.78 -19.33 -6.43
CA GLY A 66 18.69 -18.52 -5.23
C GLY A 66 17.25 -18.41 -4.78
N GLY A 67 17.02 -18.77 -3.51
CA GLY A 67 15.67 -18.79 -2.97
C GLY A 67 15.60 -18.19 -1.59
N VAL A 68 14.38 -18.20 -1.05
CA VAL A 68 14.13 -17.67 0.29
C VAL A 68 14.83 -18.56 1.31
N ASN A 69 15.73 -17.96 2.08
CA ASN A 69 16.50 -18.63 3.12
C ASN A 69 17.42 -19.71 2.59
N ARG A 70 17.57 -19.81 1.28
CA ARG A 70 18.32 -20.93 0.70
C ARG A 70 19.16 -20.44 -0.49
N LEU A 71 20.08 -21.30 -0.90
CA LEU A 71 20.96 -21.09 -2.05
C LEU A 71 21.53 -22.41 -2.56
N TYR A 72 21.15 -22.83 -3.78
CA TYR A 72 21.48 -24.17 -4.26
C TYR A 72 22.38 -24.13 -5.51
N GLN A 73 23.24 -25.14 -5.63
CA GLN A 73 24.06 -25.36 -6.80
C GLN A 73 23.74 -26.74 -7.37
N LEU A 74 23.61 -26.81 -8.69
CA LEU A 74 23.25 -28.08 -9.32
C LEU A 74 24.09 -28.31 -10.55
N SER A 75 24.06 -29.55 -11.02
CA SER A 75 24.73 -29.96 -12.25
C SER A 75 23.83 -29.65 -13.44
N PRO A 76 24.34 -29.76 -14.66
CA PRO A 76 23.51 -29.42 -15.83
C PRO A 76 22.27 -30.27 -15.96
N ASP A 77 22.19 -31.39 -15.24
CA ASP A 77 21.03 -32.26 -15.21
C ASP A 77 20.18 -32.08 -13.94
N LEU A 78 20.30 -30.92 -13.29
CA LEU A 78 19.52 -30.58 -12.09
C LEU A 78 19.75 -31.55 -10.94
N GLU A 79 20.95 -32.13 -10.88
CA GLU A 79 21.34 -32.95 -9.74
C GLU A 79 21.97 -32.04 -8.69
N LEU A 80 21.52 -32.16 -7.44
CA LEU A 80 21.94 -31.24 -6.41
C LEU A 80 23.38 -31.51 -6.00
N SER A 81 24.20 -30.46 -6.01
CA SER A 81 25.59 -30.54 -5.55
C SER A 81 25.77 -29.94 -4.16
N GLU A 82 25.38 -28.68 -3.98
CA GLU A 82 25.52 -28.01 -2.70
C GLU A 82 24.26 -27.24 -2.36
N THR A 83 24.04 -27.04 -1.07
CA THR A 83 22.92 -26.27 -0.57
C THR A 83 23.40 -25.44 0.62
N VAL A 84 23.00 -24.17 0.65
CA VAL A 84 23.50 -23.21 1.63
C VAL A 84 22.31 -22.60 2.36
N LYS A 85 22.34 -22.66 3.69
CA LYS A 85 21.30 -22.05 4.53
C LYS A 85 21.69 -20.58 4.77
N THR A 86 20.88 -19.66 4.25
CA THR A 86 21.15 -18.23 4.36
C THR A 86 20.26 -17.52 5.37
N GLY A 87 19.34 -18.24 6.00
CA GLY A 87 18.43 -17.64 6.94
C GLY A 87 17.58 -18.69 7.61
N PRO A 88 16.76 -18.27 8.58
CA PRO A 88 16.60 -16.87 8.99
C PRO A 88 17.61 -16.40 10.05
N GLN A 89 17.78 -15.09 10.17
CA GLN A 89 18.67 -14.48 11.15
C GLN A 89 17.92 -13.37 11.89
N ASN A 90 18.43 -13.00 13.08
CA ASN A 90 17.89 -11.83 13.78
C ASN A 90 18.21 -10.56 13.01
N ASP A 91 17.17 -9.78 12.67
CA ASP A 91 17.35 -8.54 11.94
C ASP A 91 16.09 -7.70 12.05
N SER A 92 16.27 -6.39 12.17
CA SER A 92 15.18 -5.43 12.07
C SER A 92 15.47 -4.46 10.93
N VAL A 93 14.42 -3.97 10.28
CA VAL A 93 14.61 -2.99 9.22
C VAL A 93 15.05 -1.64 9.76
N GLU A 94 14.73 -1.35 11.02
CA GLU A 94 15.12 -0.11 11.68
C GLU A 94 16.61 -0.06 12.02
N CYS A 95 17.31 -1.18 11.98
CA CYS A 95 18.69 -1.26 12.44
C CYS A 95 19.61 -1.64 11.30
N SER A 96 20.85 -1.16 11.37
CA SER A 96 21.92 -1.62 10.52
C SER A 96 22.65 -2.75 11.23
N ILE A 97 23.79 -3.16 10.67
CA ILE A 97 24.59 -4.22 11.30
C ILE A 97 25.31 -3.68 12.53
N LEU A 98 25.77 -2.43 12.47
CA LEU A 98 26.63 -1.87 13.49
C LEU A 98 25.86 -1.24 14.65
N ASP A 99 24.72 -0.61 14.37
CA ASP A 99 23.93 0.09 15.37
C ASP A 99 22.47 -0.30 15.27
N CYS A 100 21.81 -0.36 16.43
CA CYS A 100 20.39 -0.67 16.54
C CYS A 100 19.76 0.35 17.47
N PRO A 101 19.03 1.34 16.94
CA PRO A 101 18.51 2.41 17.78
C PRO A 101 17.63 1.90 18.91
N LEU A 102 17.43 2.78 19.90
CA LEU A 102 16.73 2.41 21.12
C LEU A 102 15.28 2.01 20.82
N ALA A 104 14.13 -0.64 19.66
CA ALA A 104 13.99 -1.52 18.50
C ALA A 104 14.77 -2.80 18.77
N VAL A 105 14.17 -3.94 18.41
CA VAL A 105 14.74 -5.24 18.70
C VAL A 105 14.83 -6.05 17.42
N ARG A 106 15.93 -6.79 17.27
CA ARG A 106 16.10 -7.67 16.13
C ARG A 106 15.29 -8.94 16.34
N SER A 107 14.62 -9.39 15.28
CA SER A 107 13.78 -10.57 15.29
C SER A 107 14.10 -11.43 14.09
N PRO A 108 13.89 -12.74 14.18
CA PRO A 108 14.21 -13.63 13.05
C PRO A 108 13.36 -13.32 11.82
N THR A 109 14.04 -13.02 10.71
CA THR A 109 13.40 -12.65 9.46
C THR A 109 14.01 -13.43 8.31
N ASP A 110 13.20 -13.64 7.27
CA ASP A 110 13.62 -14.41 6.12
C ASP A 110 14.61 -13.62 5.28
N ASN A 111 15.37 -14.35 4.46
CA ASN A 111 16.47 -13.78 3.67
C ASN A 111 16.18 -14.02 2.19
N TYR A 112 15.44 -13.11 1.56
CA TYR A 112 15.07 -13.28 0.16
C TYR A 112 16.26 -12.95 -0.73
N ASN A 113 16.60 -13.89 -1.62
CA ASN A 113 17.71 -13.67 -2.54
C ASN A 113 17.32 -12.68 -3.63
N LYS A 114 18.10 -11.62 -3.79
CA LYS A 114 17.76 -10.55 -4.72
C LYS A 114 18.69 -10.45 -5.92
N VAL A 115 19.92 -10.92 -5.78
CA VAL A 115 20.90 -10.85 -6.86
C VAL A 115 21.64 -12.19 -6.91
N LEU A 116 21.85 -12.68 -8.12
CA LEU A 116 22.65 -13.87 -8.35
C LEU A 116 23.47 -13.63 -9.61
N LEU A 117 24.80 -13.63 -9.49
CA LEU A 117 25.68 -13.24 -10.58
C LEU A 117 26.99 -14.02 -10.54
N ILE A 118 27.58 -14.21 -11.73
CA ILE A 118 28.87 -14.87 -11.88
C ILE A 118 29.88 -13.89 -12.46
N ASP A 119 31.06 -13.81 -11.87
CA ASP A 119 32.18 -13.08 -12.46
C ASP A 119 33.06 -14.05 -13.24
N ARG A 120 33.34 -13.70 -14.49
CA ARG A 120 34.12 -14.59 -15.34
C ARG A 120 35.62 -14.41 -15.15
N ALA A 121 36.10 -13.16 -15.07
CA ALA A 121 37.52 -12.92 -14.92
C ALA A 121 38.08 -13.62 -13.68
N THR A 122 37.42 -13.45 -12.55
CA THR A 122 37.77 -14.12 -11.30
C THR A 122 36.65 -15.09 -10.95
N SER A 123 36.97 -16.37 -10.86
CA SER A 123 35.97 -17.40 -10.63
C SER A 123 35.37 -17.22 -9.24
N ARG A 124 34.20 -16.57 -9.18
CA ARG A 124 33.54 -16.33 -7.90
C ARG A 124 32.07 -15.94 -8.15
N LEU A 125 31.19 -16.44 -7.30
CA LEU A 125 29.76 -16.19 -7.42
C LEU A 125 29.35 -15.07 -6.48
N ILE A 126 28.44 -14.22 -6.94
CA ILE A 126 27.93 -13.11 -6.15
C ILE A 126 26.46 -13.38 -5.84
N ALA A 127 26.12 -13.37 -4.56
CA ALA A 127 24.76 -13.57 -4.09
C ALA A 127 24.43 -12.47 -3.09
N CYS A 128 23.32 -11.77 -3.31
CA CYS A 128 22.88 -10.72 -2.40
C CYS A 128 21.54 -11.08 -1.79
N GLY A 129 21.42 -10.85 -0.48
CA GLY A 129 20.20 -11.13 0.25
C GLY A 129 19.51 -9.86 0.72
N SER A 130 18.29 -10.04 1.22
CA SER A 130 17.48 -8.92 1.68
C SER A 130 17.85 -8.45 3.09
N LEU A 131 18.45 -9.31 3.91
CA LEU A 131 18.75 -8.95 5.29
C LEU A 131 19.82 -7.87 5.36
N PHE A 132 19.87 -7.20 6.51
CA PHE A 132 20.98 -6.30 6.88
C PHE A 132 21.13 -5.16 5.88
N GLN A 133 20.00 -4.60 5.45
CA GLN A 133 19.95 -3.49 4.49
C GLN A 133 20.45 -3.89 3.10
N GLY A 134 20.30 -5.15 2.71
CA GLY A 134 20.68 -5.57 1.37
C GLY A 134 22.16 -5.85 1.15
N THR A 135 22.65 -6.89 1.81
CA THR A 135 24.07 -7.25 1.82
C THR A 135 24.37 -8.29 0.75
N CYS A 136 25.55 -8.17 0.13
CA CYS A 136 26.05 -9.15 -0.83
C CYS A 136 27.17 -9.98 -0.22
N THR A 137 27.19 -11.28 -0.56
CA THR A 137 28.30 -12.16 -0.21
C THR A 137 28.99 -12.63 -1.48
N VAL A 138 30.27 -12.98 -1.38
CA VAL A 138 31.05 -13.44 -2.52
C VAL A 138 31.48 -14.86 -2.24
N ARG A 139 30.94 -15.80 -3.00
CA ARG A 139 31.13 -17.22 -2.77
C ARG A 139 31.91 -17.85 -3.92
N ASN A 140 32.63 -18.93 -3.61
CA ASN A 140 33.42 -19.62 -4.61
C ASN A 140 32.53 -20.33 -5.63
N LEU A 141 32.96 -20.31 -6.89
CA LEU A 141 32.14 -20.89 -7.97
C LEU A 141 32.17 -22.41 -7.95
N GLN A 142 33.30 -23.03 -7.62
CA GLN A 142 33.34 -24.49 -7.58
C GLN A 142 32.46 -25.02 -6.45
N ASN A 143 32.40 -24.30 -5.33
CA ASN A 143 31.70 -24.78 -4.15
C ASN A 143 31.05 -23.56 -3.50
N VAL A 144 29.74 -23.41 -3.71
CA VAL A 144 29.05 -22.20 -3.27
C VAL A 144 28.97 -22.11 -1.74
N SER A 145 29.25 -23.20 -1.02
CA SER A 145 29.21 -23.19 0.44
C SER A 145 30.33 -22.33 1.03
N ILE A 146 31.38 -22.08 0.27
CA ILE A 146 32.55 -21.35 0.73
C ILE A 146 32.30 -19.85 0.56
N ILE A 147 32.52 -19.09 1.63
CA ILE A 147 32.44 -17.63 1.59
C ILE A 147 33.86 -17.10 1.47
N GLU A 148 34.12 -16.32 0.43
CA GLU A 148 35.45 -15.77 0.24
C GLU A 148 35.58 -14.33 0.74
N HIS A 149 34.53 -13.53 0.61
CA HIS A 149 34.56 -12.14 1.03
C HIS A 149 33.17 -11.76 1.51
N GLU A 150 33.09 -11.14 2.68
CA GLU A 150 31.84 -10.67 3.25
C GLU A 150 31.88 -9.14 3.34
N VAL A 151 30.99 -8.48 2.62
CA VAL A 151 30.97 -7.02 2.61
C VAL A 151 29.82 -6.54 3.48
N PRO A 152 29.95 -5.39 4.15
CA PRO A 152 28.81 -4.82 4.89
C PRO A 152 28.02 -3.74 4.14
N ASP A 153 28.43 -3.40 2.91
CA ASP A 153 27.82 -2.28 2.20
C ASP A 153 26.38 -2.59 1.83
N ALA A 154 25.52 -1.59 2.02
CA ALA A 154 24.12 -1.66 1.61
C ALA A 154 24.06 -1.48 0.11
N VAL A 155 23.59 -2.51 -0.60
CA VAL A 155 23.71 -2.52 -2.05
C VAL A 155 22.36 -2.78 -2.71
N VAL A 156 21.54 -3.61 -2.07
CA VAL A 156 20.35 -4.19 -2.68
C VAL A 156 19.13 -3.91 -1.81
N ALA A 157 17.95 -3.93 -2.44
CA ALA A 157 16.70 -3.74 -1.70
C ALA A 157 16.53 -4.76 -0.59
N ASN A 158 16.25 -4.27 0.62
CA ASN A 158 16.01 -5.10 1.79
C ASN A 158 14.54 -5.50 1.95
N ASP A 159 13.73 -5.23 0.95
CA ASP A 159 12.34 -5.68 0.93
C ASP A 159 12.28 -7.10 0.37
N ALA A 160 11.11 -7.73 0.49
CA ALA A 160 10.88 -9.03 -0.12
C ALA A 160 10.29 -8.92 -1.52
N ASN A 161 9.64 -7.80 -1.84
CA ASN A 161 8.96 -7.60 -3.11
C ASN A 161 9.46 -6.40 -3.91
N SER A 162 10.38 -5.59 -3.38
CA SER A 162 10.90 -4.46 -4.13
C SER A 162 11.99 -4.92 -5.09
N SER A 163 11.90 -4.49 -6.35
CA SER A 163 12.74 -5.08 -7.39
C SER A 163 14.21 -4.79 -7.16
N THR A 164 15.06 -5.60 -7.81
CA THR A 164 16.50 -5.35 -7.86
C THR A 164 17.05 -6.08 -9.07
N VAL A 165 17.75 -5.35 -9.93
CA VAL A 165 18.27 -5.84 -11.21
C VAL A 165 19.77 -5.61 -11.24
N ALA A 166 20.54 -6.65 -11.54
CA ALA A 166 21.98 -6.55 -11.53
C ALA A 166 22.61 -7.37 -12.65
N PHE A 167 23.48 -6.73 -13.43
CA PHE A 167 24.26 -7.42 -14.43
C PHE A 167 25.67 -6.86 -14.41
N ILE A 168 26.61 -7.63 -14.96
CA ILE A 168 28.02 -7.26 -15.02
C ILE A 168 28.37 -6.91 -16.45
N ALA A 169 29.07 -5.80 -16.64
CA ALA A 169 29.42 -5.29 -17.96
C ALA A 169 30.61 -4.36 -17.81
N PRO A 170 31.28 -4.02 -18.92
CA PRO A 170 32.40 -3.08 -18.86
C PRO A 170 32.03 -1.74 -18.25
N GLY A 171 33.02 -1.11 -17.63
CA GLY A 171 32.85 0.20 -17.03
C GLY A 171 34.12 0.84 -16.53
N PRO A 172 33.99 1.98 -15.87
CA PRO A 172 35.15 2.62 -15.20
C PRO A 172 35.52 1.85 -13.94
N PRO A 173 36.54 2.29 -13.17
CA PRO A 173 37.44 3.47 -13.22
C PRO A 173 38.39 3.43 -14.41
N GLN A 174 39.03 2.29 -14.61
CA GLN A 174 39.90 2.14 -15.77
C GLN A 174 39.07 2.14 -17.05
N HIS A 175 39.74 2.46 -18.17
CA HIS A 175 39.10 2.32 -19.47
C HIS A 175 38.64 0.87 -19.65
N PRO A 176 37.65 0.62 -20.52
CA PRO A 176 36.80 -0.58 -20.35
C PRO A 176 37.51 -1.92 -20.45
N VAL A 177 38.57 -2.10 -19.65
CA VAL A 177 39.19 -3.42 -19.49
C VAL A 177 38.74 -4.11 -18.21
N THR A 178 38.14 -3.37 -17.28
CA THR A 178 37.59 -3.92 -16.06
C THR A 178 36.07 -3.87 -16.11
N ASN A 179 35.43 -4.94 -15.64
CA ASN A 179 33.99 -5.02 -15.58
C ASN A 179 33.48 -4.47 -14.26
N VAL A 180 32.25 -3.97 -14.26
CA VAL A 180 31.60 -3.47 -13.04
C VAL A 180 30.23 -4.10 -12.94
N MET A 181 29.58 -3.88 -11.80
CA MET A 181 28.22 -4.36 -11.56
C MET A 181 27.28 -3.17 -11.63
N TYR A 182 26.41 -3.16 -12.64
CA TYR A 182 25.32 -2.18 -12.73
C TYR A 182 24.14 -2.70 -11.92
N VAL A 183 23.70 -1.92 -10.93
CA VAL A 183 22.61 -2.32 -10.04
C VAL A 183 21.51 -1.27 -10.09
N GLY A 184 20.26 -1.74 -10.05
CA GLY A 184 19.11 -0.87 -9.96
C GLY A 184 18.17 -1.33 -8.86
N VAL A 185 17.93 -0.46 -7.88
CA VAL A 185 17.23 -0.84 -6.66
C VAL A 185 16.03 0.08 -6.45
N THR A 186 14.92 -0.51 -6.03
CA THR A 186 13.72 0.23 -5.65
C THR A 186 13.82 0.69 -4.20
N TYR A 187 13.28 1.89 -3.93
CA TYR A 187 13.32 2.49 -2.59
C TYR A 187 12.27 1.80 -1.72
N THR A 188 12.73 0.97 -0.76
CA THR A 188 11.79 0.17 0.04
C THR A 188 11.03 1.00 1.07
N ASN A 189 11.54 2.18 1.43
CA ASN A 189 10.81 3.12 2.28
C ASN A 189 10.49 2.52 3.64
N ASN A 190 11.46 1.81 4.23
CA ASN A 190 11.23 1.16 5.52
C ASN A 190 12.33 1.44 6.53
N SER A 191 13.27 2.33 6.21
CA SER A 191 14.38 2.58 7.11
C SER A 191 14.99 3.92 6.76
N PRO A 192 15.60 4.60 7.72
CA PRO A 192 16.37 5.79 7.37
C PRO A 192 17.62 5.47 6.56
N TYR A 193 18.22 4.29 6.78
CA TYR A 193 19.40 3.89 6.03
C TYR A 193 19.12 3.68 4.54
N ARG A 194 17.85 3.71 4.12
CA ARG A 194 17.53 3.44 2.73
C ARG A 194 17.85 4.62 1.81
N SER A 195 17.91 5.85 2.34
CA SER A 195 18.24 6.99 1.51
C SER A 195 19.65 6.90 0.96
N GLU A 196 20.54 6.24 1.71
CA GLU A 196 21.94 6.10 1.31
C GLU A 196 22.12 5.32 0.00
N ILE A 197 21.19 4.43 -0.35
CA ILE A 197 21.30 3.53 -1.50
C ILE A 197 20.81 4.18 -2.80
N PRO A 198 21.63 4.18 -3.86
CA PRO A 198 21.20 4.80 -5.12
C PRO A 198 20.13 3.98 -5.81
N ALA A 199 19.49 4.62 -6.79
CA ALA A 199 18.50 3.91 -7.58
C ALA A 199 19.13 3.22 -8.78
N VAL A 200 20.08 3.89 -9.44
CA VAL A 200 20.92 3.25 -10.45
C VAL A 200 22.36 3.61 -10.17
N ALA A 201 23.25 2.61 -10.22
CA ALA A 201 24.65 2.84 -9.91
C ALA A 201 25.51 1.75 -10.51
N SER A 202 26.75 2.11 -10.84
CA SER A 202 27.80 1.18 -11.20
C SER A 202 28.63 0.89 -9.97
N ARG A 203 29.02 -0.38 -9.79
CA ARG A 203 29.72 -0.79 -8.58
C ARG A 203 30.96 -1.61 -8.92
N SER A 204 32.04 -1.34 -8.19
CA SER A 204 33.33 -1.95 -8.51
C SER A 204 33.37 -3.41 -8.12
N LEU A 205 34.16 -4.18 -8.87
CA LEU A 205 34.39 -5.58 -8.57
C LEU A 205 35.84 -5.83 -8.15
N GLU A 206 36.55 -4.78 -7.77
CA GLU A 206 37.92 -4.92 -7.30
C GLU A 206 37.93 -5.43 -5.87
N LYS A 207 38.87 -6.33 -5.57
CA LYS A 207 38.93 -6.91 -4.24
C LYS A 207 39.13 -5.83 -3.17
N THR A 208 39.93 -4.80 -3.49
CA THR A 208 40.21 -3.73 -2.53
C THR A 208 38.95 -2.90 -2.25
N LYS A 209 38.18 -2.58 -3.28
CA LYS A 209 37.04 -1.70 -3.17
C LYS A 209 35.75 -2.42 -3.55
N MET A 210 35.48 -3.55 -2.89
CA MET A 210 34.40 -4.42 -3.35
C MET A 210 33.04 -3.77 -3.10
N PHE A 211 32.25 -3.63 -4.17
CA PHE A 211 30.85 -3.17 -4.19
C PHE A 211 30.70 -1.68 -3.92
N GLN A 212 31.79 -0.92 -3.93
CA GLN A 212 31.68 0.53 -3.81
C GLN A 212 31.37 1.14 -5.17
N ILE A 213 30.80 2.35 -5.14
CA ILE A 213 30.50 3.03 -6.40
C ILE A 213 31.78 3.15 -7.22
N ALA A 214 31.69 2.83 -8.51
CA ALA A 214 32.88 2.56 -9.31
C ALA A 214 33.75 3.81 -9.43
N SER A 215 33.15 4.94 -9.76
CA SER A 215 33.86 6.20 -9.90
C SER A 215 33.00 7.30 -9.29
N SER A 216 33.55 8.01 -8.31
CA SER A 216 32.81 9.04 -7.61
C SER A 216 33.73 10.22 -7.34
N ALA A 217 33.19 11.42 -7.48
CA ALA A 217 33.94 12.65 -7.22
C ALA A 217 33.07 13.52 -6.32
N VAL A 218 33.33 14.82 -6.36
CA VAL A 218 32.67 15.74 -5.44
C VAL A 218 31.23 15.99 -5.87
N THR A 219 31.03 16.40 -7.11
CA THR A 219 29.70 16.73 -7.60
C THR A 219 29.07 15.65 -8.48
N THR A 220 29.82 14.63 -8.89
CA THR A 220 29.32 13.70 -9.88
C THR A 220 29.88 12.30 -9.64
N GLY A 221 29.28 11.31 -10.29
CA GLY A 221 29.74 9.94 -10.15
C GLY A 221 28.87 8.97 -10.91
N THR A 222 29.19 7.68 -10.75
CA THR A 222 28.44 6.60 -11.41
C THR A 222 27.28 6.19 -10.51
N ARG A 223 26.24 7.04 -10.50
CA ARG A 223 25.20 6.95 -9.49
C ARG A 223 24.06 7.90 -9.86
N THR A 224 22.83 7.44 -9.63
CA THR A 224 21.67 8.32 -9.72
C THR A 224 20.77 8.04 -8.54
N PHE A 225 20.45 9.08 -7.78
CA PHE A 225 19.48 8.99 -6.70
C PHE A 225 18.17 9.64 -7.12
N ILE A 226 17.09 9.26 -6.44
CA ILE A 226 15.81 9.92 -6.60
C ILE A 226 15.63 10.93 -5.46
N ASN A 227 15.21 12.15 -5.81
CA ASN A 227 15.26 13.27 -4.89
C ASN A 227 14.41 13.03 -3.64
N SER A 228 14.70 13.81 -2.60
CA SER A 228 14.02 13.66 -1.31
C SER A 228 12.53 13.89 -1.44
N TYR A 229 12.08 14.69 -2.42
CA TYR A 229 10.65 14.99 -2.48
C TYR A 229 9.88 13.91 -3.23
N ALA A 230 10.52 13.20 -4.17
CA ALA A 230 9.85 12.16 -4.93
C ALA A 230 10.20 10.76 -4.46
N ARG A 231 11.15 10.62 -3.53
CA ARG A 231 11.71 9.31 -3.20
C ARG A 231 10.68 8.39 -2.59
N GLU A 232 9.83 8.90 -1.70
CA GLU A 232 8.84 8.10 -0.98
C GLU A 232 7.52 7.94 -1.73
N THR A 233 7.32 8.66 -2.83
CA THR A 233 6.08 8.57 -3.61
C THR A 233 6.30 8.01 -5.01
N TYR A 234 7.39 8.39 -5.68
CA TYR A 234 7.67 7.98 -7.06
C TYR A 234 8.62 6.80 -7.02
N PHE A 235 8.06 5.59 -7.13
CA PHE A 235 8.83 4.37 -7.10
C PHE A 235 9.13 3.89 -8.52
N VAL A 236 10.23 3.17 -8.66
CA VAL A 236 10.70 2.68 -9.95
C VAL A 236 10.85 1.18 -9.86
N ASN A 237 10.20 0.45 -10.75
CA ASN A 237 10.27 -1.00 -10.78
C ASN A 237 11.22 -1.43 -11.90
N TYR A 238 12.32 -2.08 -11.52
CA TYR A 238 13.34 -2.51 -12.47
C TYR A 238 13.10 -3.98 -12.83
N VAL A 239 12.84 -4.23 -14.12
CA VAL A 239 12.39 -5.53 -14.59
C VAL A 239 13.54 -6.38 -15.11
N TYR A 240 14.39 -5.81 -15.97
CA TYR A 240 15.39 -6.54 -16.72
C TYR A 240 16.57 -5.62 -16.98
N GLY A 241 17.75 -6.20 -17.02
CA GLY A 241 18.96 -5.46 -17.33
C GLY A 241 19.82 -6.20 -18.32
N PHE A 242 20.51 -5.43 -19.16
CA PHE A 242 21.32 -6.04 -20.20
C PHE A 242 22.30 -5.01 -20.74
N SER A 243 23.38 -5.52 -21.31
CA SER A 243 24.44 -4.74 -21.92
C SER A 243 24.52 -5.04 -23.42
N SER A 244 24.63 -3.98 -24.24
CA SER A 244 24.63 -4.13 -25.69
C SER A 244 25.32 -2.94 -26.34
N GLU A 245 26.44 -3.20 -27.02
CA GLU A 245 27.14 -2.23 -27.87
C GLU A 245 27.55 -0.98 -27.08
N ARG A 246 28.31 -1.22 -26.01
CA ARG A 246 28.93 -0.19 -25.19
C ARG A 246 27.92 0.62 -24.36
N PHE A 247 26.71 0.10 -24.12
CA PHE A 247 25.73 0.79 -23.28
C PHE A 247 25.09 -0.18 -22.29
N SER A 248 24.80 0.30 -21.08
CA SER A 248 24.06 -0.49 -20.09
C SER A 248 22.61 -0.03 -20.04
N TYR A 249 21.70 -1.00 -19.95
CA TYR A 249 20.27 -0.78 -20.13
C TYR A 249 19.47 -1.34 -18.96
N PHE A 250 18.35 -0.69 -18.67
CA PHE A 250 17.41 -1.14 -17.66
C PHE A 250 16.00 -0.98 -18.21
N LEU A 251 15.20 -2.03 -18.08
CA LEU A 251 13.81 -2.01 -18.51
C LEU A 251 12.97 -1.78 -17.27
N THR A 252 12.24 -0.65 -17.22
CA THR A 252 11.56 -0.21 -16.00
C THR A 252 10.10 0.10 -16.26
N THR A 253 9.27 -0.08 -15.21
CA THR A 253 7.92 0.45 -15.16
C THR A 253 7.84 1.50 -14.07
N GLN A 254 7.19 2.63 -14.37
CA GLN A 254 7.14 3.75 -13.45
C GLN A 254 6.06 4.73 -13.87
N LEU A 255 5.72 5.65 -12.97
CA LEU A 255 4.74 6.69 -13.26
C LEU A 255 5.25 7.65 -14.33
N LYS A 256 4.37 8.03 -15.26
CA LYS A 256 4.76 8.92 -16.34
C LYS A 256 5.15 10.30 -15.83
N HIS A 257 4.54 10.76 -14.74
CA HIS A 257 4.73 12.11 -14.22
C HIS A 257 5.06 12.06 -12.74
N SER A 258 5.93 12.98 -12.31
CA SER A 258 6.28 13.11 -10.90
C SER A 258 5.32 14.02 -10.15
N HIS A 259 4.98 15.18 -10.73
CA HIS A 259 4.05 16.10 -10.09
C HIS A 259 2.64 15.50 -10.07
N HIS A 260 1.82 16.01 -9.15
CA HIS A 260 0.44 15.56 -9.02
C HIS A 260 -0.52 16.34 -9.92
N SER A 261 0.00 17.07 -10.91
CA SER A 261 -0.86 17.83 -11.81
C SER A 261 -1.66 16.95 -12.76
N SER A 262 -1.21 15.71 -12.98
CA SER A 262 -1.83 14.80 -13.93
C SER A 262 -2.28 13.51 -13.23
N PRO A 263 -3.30 12.84 -13.76
CA PRO A 263 -3.70 11.53 -13.20
C PRO A 263 -2.60 10.49 -13.37
N LYS A 264 -2.64 9.48 -12.51
CA LYS A 264 -1.59 8.47 -12.45
C LYS A 264 -1.67 7.57 -13.67
N GLU A 265 -0.65 7.62 -14.52
CA GLU A 265 -0.48 6.69 -15.63
C GLU A 265 0.86 5.98 -15.49
N TYR A 266 0.86 4.66 -15.66
CA TYR A 266 2.09 3.87 -15.58
C TYR A 266 2.61 3.59 -16.98
N ILE A 267 3.91 3.78 -17.17
CA ILE A 267 4.53 3.57 -18.47
C ILE A 267 5.73 2.67 -18.27
N THR A 268 6.20 2.13 -19.39
CA THR A 268 7.44 1.37 -19.41
C THR A 268 8.54 2.27 -19.95
N LYS A 269 9.65 2.34 -19.23
CA LYS A 269 10.74 3.19 -19.64
C LYS A 269 11.98 2.33 -19.89
N LEU A 270 12.99 2.96 -20.49
CA LEU A 270 14.24 2.29 -20.81
C LEU A 270 15.38 3.20 -20.38
N VAL A 271 16.12 2.79 -19.35
CA VAL A 271 17.18 3.57 -18.72
C VAL A 271 18.51 3.16 -19.32
N ARG A 272 19.32 4.13 -19.76
CA ARG A 272 20.55 3.88 -20.48
C ARG A 272 21.69 4.69 -19.86
N ILE A 273 22.90 4.16 -19.93
CA ILE A 273 24.12 4.91 -19.56
C ILE A 273 25.28 4.43 -20.42
N CYS A 274 26.07 5.37 -20.90
CA CYS A 274 27.31 5.02 -21.59
C CYS A 274 28.27 4.33 -20.60
N GLN A 275 28.95 3.28 -21.05
CA GLN A 275 29.78 2.52 -20.12
C GLN A 275 31.14 3.17 -19.89
N GLU A 276 31.62 3.99 -20.83
CA GLU A 276 32.81 4.79 -20.58
C GLU A 276 32.52 5.92 -19.60
N ASP A 277 31.26 6.35 -19.54
CA ASP A 277 30.87 7.51 -18.75
C ASP A 277 31.04 7.20 -17.26
N SER A 278 31.98 7.90 -16.62
CA SER A 278 32.22 7.81 -15.19
C SER A 278 31.56 8.93 -14.40
N ASN A 279 30.62 9.65 -15.02
CA ASN A 279 29.89 10.72 -14.35
C ASN A 279 28.38 10.55 -14.46
N TYR A 280 27.90 9.56 -15.19
CA TYR A 280 26.49 9.43 -15.55
C TYR A 280 25.97 10.69 -16.24
N TYR A 281 26.84 11.36 -16.99
CA TYR A 281 26.35 12.41 -17.88
C TYR A 281 25.41 11.86 -18.93
N SER A 282 25.50 10.56 -19.21
CA SER A 282 24.74 9.91 -20.26
C SER A 282 23.48 9.24 -19.75
N TYR A 283 23.17 9.38 -18.46
CA TYR A 283 21.92 8.84 -17.94
C TYR A 283 20.75 9.44 -18.72
N THR A 284 20.06 8.58 -19.47
CA THR A 284 18.94 9.00 -20.30
C THR A 284 17.85 7.94 -20.25
N GLU A 285 16.60 8.37 -20.44
CA GLU A 285 15.44 7.48 -20.45
C GLU A 285 14.52 7.88 -21.61
N ILE A 286 13.97 6.88 -22.28
CA ILE A 286 12.88 7.07 -23.22
C ILE A 286 11.79 6.09 -22.83
N PRO A 287 10.53 6.42 -23.08
CA PRO A 287 9.46 5.48 -22.77
C PRO A 287 9.36 4.42 -23.86
N VAL A 288 8.76 3.28 -23.49
CA VAL A 288 8.63 2.12 -24.36
C VAL A 288 7.16 1.77 -24.48
N GLU A 289 6.65 1.82 -25.70
CA GLU A 289 5.24 1.60 -25.98
C GLU A 289 5.07 0.34 -26.81
N CYS A 290 4.19 -0.54 -26.37
CA CYS A 290 3.80 -1.73 -27.13
C CYS A 290 2.30 -1.56 -27.36
N ILE A 291 1.94 -1.16 -28.58
CA ILE A 291 0.59 -0.65 -28.90
C ILE A 291 -0.09 -1.64 -29.83
N SER A 292 -1.40 -1.78 -29.67
CA SER A 292 -2.16 -2.73 -30.45
C SER A 292 -3.40 -2.07 -31.05
N ASP A 293 -3.84 -2.64 -32.16
CA ASP A 293 -5.01 -2.16 -32.89
C ASP A 293 -6.32 -2.49 -32.17
N ALA A 294 -6.34 -3.51 -31.31
CA ALA A 294 -7.58 -4.11 -30.85
C ALA A 294 -8.32 -3.21 -29.87
N GLN A 295 -9.65 -3.24 -29.97
CA GLN A 295 -10.53 -2.44 -29.10
C GLN A 295 -10.20 -0.95 -29.22
N GLY A 296 -10.06 -0.49 -30.46
CA GLY A 296 -9.58 0.86 -30.70
C GLY A 296 -8.12 0.99 -30.32
N GLY A 297 -7.83 1.71 -29.23
CA GLY A 297 -6.48 1.84 -28.74
C GLY A 297 -6.27 0.93 -27.55
N THR A 298 -5.29 0.03 -27.68
CA THR A 298 -4.84 -0.83 -26.58
C THR A 298 -3.37 -0.58 -26.31
N LYS A 299 -3.04 -0.17 -25.08
CA LYS A 299 -1.65 0.01 -24.65
C LYS A 299 -1.29 -1.05 -23.61
N PHE A 300 -0.30 -1.88 -23.93
CA PHE A 300 0.27 -2.83 -22.97
C PHE A 300 1.37 -2.09 -22.24
N ASN A 301 1.00 -1.43 -21.14
CA ASN A 301 1.92 -0.48 -20.54
C ASN A 301 2.91 -1.13 -19.58
N LEU A 302 2.58 -2.26 -18.97
CA LEU A 302 3.43 -2.87 -17.94
C LEU A 302 4.23 -4.02 -18.53
N VAL A 303 5.54 -3.86 -18.59
CA VAL A 303 6.41 -4.94 -19.03
C VAL A 303 6.60 -5.93 -17.88
N GLN A 304 6.69 -7.22 -18.22
CA GLN A 304 6.81 -8.24 -17.20
C GLN A 304 8.15 -8.95 -17.18
N ALA A 305 8.81 -9.08 -18.34
CA ALA A 305 10.07 -9.80 -18.44
C ALA A 305 10.76 -9.45 -19.75
N GLY A 306 12.09 -9.57 -19.75
CA GLY A 306 12.87 -9.22 -20.91
C GLY A 306 13.96 -10.25 -21.16
N PHE A 307 14.39 -10.29 -22.42
CA PHE A 307 15.41 -11.21 -22.87
C PHE A 307 16.07 -10.63 -24.11
N LEU A 308 17.41 -10.63 -24.12
CA LEU A 308 18.21 -10.11 -25.22
C LEU A 308 18.78 -11.26 -26.01
N GLY A 309 18.58 -11.23 -27.33
CA GLY A 309 18.95 -12.37 -28.13
C GLY A 309 19.16 -11.96 -29.57
N LYS A 310 19.51 -12.94 -30.39
CA LYS A 310 19.84 -12.65 -31.77
C LYS A 310 18.71 -13.11 -32.70
N PRO A 311 18.54 -12.46 -33.86
CA PRO A 311 17.49 -12.85 -34.79
C PRO A 311 17.90 -13.98 -35.73
N SER A 312 16.98 -14.35 -36.62
CA SER A 312 17.21 -15.34 -37.65
C SER A 312 17.41 -14.64 -38.98
N SER A 313 17.76 -15.43 -40.00
CA SER A 313 17.95 -14.86 -41.33
C SER A 313 16.71 -14.10 -41.78
N ASP A 314 15.53 -14.72 -41.65
CA ASP A 314 14.30 -14.07 -42.11
C ASP A 314 13.97 -12.86 -41.25
N LEU A 315 14.09 -12.98 -39.92
CA LEU A 315 13.68 -11.89 -39.04
C LEU A 315 14.61 -10.70 -39.16
N ALA A 316 15.92 -10.93 -39.27
CA ALA A 316 16.87 -9.83 -39.45
C ALA A 316 16.55 -9.01 -40.70
N GLN A 317 16.04 -9.64 -41.77
CA GLN A 317 15.69 -8.87 -42.97
C GLN A 317 14.52 -7.93 -42.69
N SER A 318 13.54 -8.38 -41.92
CA SER A 318 12.36 -7.56 -41.66
C SER A 318 12.73 -6.33 -40.84
N LEU A 319 13.53 -6.51 -39.79
CA LEU A 319 13.96 -5.42 -38.93
C LEU A 319 14.99 -4.52 -39.59
N GLY A 320 15.58 -4.95 -40.70
CA GLY A 320 16.65 -4.20 -41.34
C GLY A 320 17.93 -4.19 -40.53
N ILE A 321 18.36 -5.35 -40.06
CA ILE A 321 19.57 -5.48 -39.25
C ILE A 321 20.36 -6.68 -39.74
N SER A 322 21.62 -6.75 -39.29
CA SER A 322 22.38 -7.93 -39.59
C SER A 322 22.05 -9.02 -38.59
N ILE A 323 22.38 -10.26 -38.96
CA ILE A 323 22.08 -11.37 -38.08
C ILE A 323 22.91 -11.30 -36.80
N GLN A 324 24.05 -10.62 -36.83
CA GLN A 324 24.85 -10.52 -35.61
C GLN A 324 24.35 -9.46 -34.66
N ASP A 325 23.35 -8.69 -35.05
CA ASP A 325 22.83 -7.62 -34.21
C ASP A 325 21.90 -8.17 -33.13
N ASP A 326 21.65 -7.34 -32.13
CA ASP A 326 20.84 -7.74 -30.98
C ASP A 326 19.38 -7.33 -31.17
N VAL A 327 18.48 -8.13 -30.59
CA VAL A 327 17.06 -7.85 -30.55
C VAL A 327 16.59 -8.03 -29.11
N LEU A 328 15.78 -7.08 -28.64
CA LEU A 328 15.18 -7.15 -27.31
C LEU A 328 13.80 -7.78 -27.44
N PHE A 329 13.60 -8.87 -26.72
CA PHE A 329 12.30 -9.53 -26.62
C PHE A 329 11.71 -9.22 -25.26
N ALA A 330 10.46 -8.78 -25.22
CA ALA A 330 9.84 -8.45 -23.96
C ALA A 330 8.35 -8.73 -24.04
N VAL A 331 7.77 -9.10 -22.90
CA VAL A 331 6.35 -9.39 -22.78
C VAL A 331 5.71 -8.30 -21.94
N PHE A 332 4.70 -7.64 -22.51
CA PHE A 332 3.98 -6.56 -21.85
C PHE A 332 2.56 -7.01 -21.51
N SER A 333 2.05 -6.50 -20.40
CA SER A 333 0.72 -6.79 -19.93
C SER A 333 -0.03 -5.50 -19.67
N LYS A 334 -1.26 -5.41 -20.16
CA LYS A 334 -2.12 -4.28 -19.82
C LYS A 334 -2.49 -4.32 -18.35
N GLY A 335 -2.32 -3.20 -17.67
CA GLY A 335 -2.41 -3.15 -16.23
C GLY A 335 -3.48 -2.19 -15.75
N GLU A 336 -4.27 -2.66 -14.79
CA GLU A 336 -5.18 -1.83 -14.02
C GLU A 336 -4.36 -1.14 -12.92
N GLY A 337 -4.03 0.13 -13.12
CA GLY A 337 -3.06 0.76 -12.25
C GLY A 337 -1.71 0.08 -12.41
N ASN A 338 -1.12 -0.33 -11.29
CA ASN A 338 0.18 -0.99 -11.27
C ASN A 338 0.07 -2.51 -11.28
N THR A 339 -1.14 -3.05 -11.34
CA THR A 339 -1.30 -4.50 -11.29
C THR A 339 -1.50 -5.06 -12.69
N PRO A 340 -0.67 -5.98 -13.14
CA PRO A 340 -0.83 -6.55 -14.48
C PRO A 340 -2.08 -7.40 -14.57
N THR A 341 -2.82 -7.23 -15.67
CA THR A 341 -4.01 -8.02 -15.91
C THR A 341 -3.67 -9.22 -16.80
N ASN A 342 -4.66 -10.09 -17.02
CA ASN A 342 -4.49 -11.27 -17.87
C ASN A 342 -4.72 -10.93 -19.33
N ASN A 343 -3.94 -9.97 -19.82
CA ASN A 343 -4.14 -9.45 -21.18
C ASN A 343 -2.77 -8.99 -21.68
N SER A 344 -1.94 -9.96 -22.04
CA SER A 344 -0.53 -9.70 -22.34
C SER A 344 -0.28 -9.70 -23.83
N ALA A 345 0.92 -9.25 -24.21
CA ALA A 345 1.35 -9.21 -25.60
C ALA A 345 2.87 -9.36 -25.67
N LEU A 346 3.35 -9.92 -26.79
CA LEU A 346 4.78 -10.14 -27.03
C LEU A 346 5.28 -9.14 -28.07
N CYS A 347 6.28 -8.37 -27.70
CA CYS A 347 6.75 -7.27 -28.51
C CYS A 347 8.26 -7.41 -28.67
N ILE A 348 8.77 -7.13 -29.86
CA ILE A 348 10.20 -7.21 -30.14
C ILE A 348 10.69 -5.82 -30.51
N TYR A 349 11.92 -5.51 -30.10
CA TYR A 349 12.54 -4.23 -30.42
C TYR A 349 13.96 -4.49 -30.89
N SER A 350 14.32 -3.95 -32.04
CA SER A 350 15.71 -4.05 -32.47
C SER A 350 16.50 -2.91 -31.82
N LEU A 351 17.73 -3.22 -31.41
CA LEU A 351 18.54 -2.18 -30.77
C LEU A 351 19.06 -1.13 -31.74
N LYS A 352 18.96 -1.35 -33.06
CA LYS A 352 19.24 -0.24 -33.98
C LYS A 352 18.14 0.81 -33.89
N SER A 353 16.89 0.40 -33.67
CA SER A 353 15.82 1.37 -33.51
C SER A 353 15.74 1.90 -32.09
N ILE A 354 16.27 1.16 -31.12
CA ILE A 354 16.39 1.68 -29.77
C ILE A 354 17.46 2.75 -29.70
N ARG A 355 18.61 2.48 -30.33
CA ARG A 355 19.67 3.46 -30.35
C ARG A 355 19.28 4.68 -31.17
N ARG A 356 18.53 4.48 -32.26
CA ARG A 356 18.09 5.59 -33.07
C ARG A 356 16.95 6.37 -32.41
N LYS A 357 16.25 5.78 -31.45
CA LYS A 357 15.24 6.54 -30.73
C LYS A 357 15.85 7.36 -29.61
N PHE A 358 16.81 6.78 -28.88
CA PHE A 358 17.60 7.56 -27.94
C PHE A 358 18.25 8.74 -28.64
N MET A 359 18.89 8.49 -29.78
CA MET A 359 19.52 9.58 -30.51
C MET A 359 18.49 10.62 -30.92
N GLN A 360 17.27 10.18 -31.25
CA GLN A 360 16.24 11.12 -31.66
C GLN A 360 15.85 12.05 -30.52
N ASN A 361 15.75 11.51 -29.30
CA ASN A 361 15.41 12.31 -28.13
C ASN A 361 16.57 13.21 -27.72
N ILE A 362 17.79 12.72 -27.86
CA ILE A 362 18.94 13.52 -27.49
C ILE A 362 19.14 14.67 -28.47
N LYS A 363 19.14 14.36 -29.77
CA LYS A 363 19.26 15.38 -30.81
C LYS A 363 18.26 16.54 -30.59
N SER A 364 17.04 16.20 -30.17
CA SER A 364 15.98 17.19 -30.03
C SER A 364 16.24 18.12 -28.85
N CYS A 365 16.68 17.57 -27.73
CA CYS A 365 17.03 18.41 -26.58
C CYS A 365 18.18 19.35 -26.93
N PHE A 366 19.27 18.81 -27.50
CA PHE A 366 20.43 19.65 -27.83
C PHE A 366 20.12 20.67 -28.90
N ASN A 367 18.94 20.59 -29.53
CA ASN A 367 18.48 21.64 -30.43
C ASN A 367 17.58 22.65 -29.73
N GLY A 368 17.47 22.57 -28.41
CA GLY A 368 16.75 23.57 -27.63
C GLY A 368 15.28 23.31 -27.44
N SER A 369 14.73 22.27 -28.05
CA SER A 369 13.30 22.00 -27.95
C SER A 369 12.96 21.28 -26.65
N GLY A 370 11.98 21.80 -25.93
CA GLY A 370 11.35 21.07 -24.85
C GLY A 370 12.02 21.23 -23.51
N MET A 371 11.68 20.31 -22.61
CA MET A 371 12.18 20.25 -21.24
C MET A 371 13.05 19.02 -21.03
N ARG A 372 14.09 19.19 -20.21
CA ARG A 372 15.08 18.14 -20.01
C ARG A 372 14.45 16.87 -19.47
N GLY A 373 13.44 16.99 -18.64
CA GLY A 373 12.77 15.83 -18.08
C GLY A 373 13.43 15.34 -16.81
N LEU A 374 12.99 14.16 -16.38
CA LEU A 374 13.47 13.55 -15.14
C LEU A 374 13.36 14.51 -13.97
N ASP A 375 12.15 15.06 -13.80
CA ASP A 375 11.87 15.95 -12.69
C ASP A 375 11.96 15.27 -11.33
N PHE A 376 12.02 13.94 -11.29
CA PHE A 376 12.10 13.26 -10.00
C PHE A 376 13.54 13.07 -9.53
N ILE A 377 14.52 13.43 -10.35
CA ILE A 377 15.92 13.54 -9.92
C ILE A 377 16.22 14.93 -9.39
N SER A 378 15.87 15.94 -10.15
CA SER A 378 16.03 17.34 -9.81
C SER A 378 15.04 18.14 -10.65
N PRO A 379 14.68 19.35 -10.22
CA PRO A 379 13.62 20.08 -10.95
C PRO A 379 13.96 20.26 -12.41
N SER A 380 12.97 20.01 -13.27
CA SER A 380 13.19 19.90 -14.70
C SER A 380 13.38 21.28 -15.33
N MET A 381 14.55 21.52 -15.88
CA MET A 381 14.89 22.78 -16.52
C MET A 381 14.82 22.64 -18.04
N PRO A 382 14.62 23.74 -18.76
CA PRO A 382 14.45 23.65 -20.22
C PRO A 382 15.70 23.12 -20.91
N CYS A 383 15.49 22.41 -22.02
CA CYS A 383 16.61 21.99 -22.84
C CYS A 383 17.31 23.21 -23.43
N VAL A 384 18.65 23.15 -23.48
CA VAL A 384 19.49 24.25 -23.95
C VAL A 384 19.81 24.05 -25.43
N LEU A 385 19.75 25.13 -26.20
CA LEU A 385 20.21 25.11 -27.58
C LEU A 385 21.73 25.01 -27.61
N THR A 386 22.24 24.12 -28.44
CA THR A 386 23.63 23.73 -28.47
C THR A 386 24.12 23.72 -29.91
N LYS A 387 25.41 24.01 -30.10
CA LYS A 387 26.03 23.96 -31.41
C LYS A 387 26.49 22.57 -31.81
N LEU A 388 26.07 21.53 -31.08
CA LEU A 388 26.55 20.18 -31.36
C LEU A 388 26.14 19.75 -32.74
N GLN A 389 27.12 19.22 -33.50
CA GLN A 389 26.93 18.91 -34.90
C GLN A 389 27.01 17.42 -35.21
N THR A 390 27.50 16.60 -34.30
CA THR A 390 27.74 15.19 -34.58
C THR A 390 27.29 14.32 -33.42
N ILE A 391 26.04 14.49 -33.01
CA ILE A 391 25.41 13.55 -32.09
C ILE A 391 25.01 12.32 -32.89
N GLY A 392 25.58 11.17 -32.54
CA GLY A 392 25.24 9.94 -33.21
C GLY A 392 24.67 8.91 -32.27
N GLU A 393 24.65 7.65 -32.70
CA GLU A 393 24.13 6.58 -31.85
C GLU A 393 25.02 6.30 -30.65
N ASP A 394 26.31 6.63 -30.71
CA ASP A 394 27.24 6.35 -29.63
C ASP A 394 27.38 7.51 -28.65
N PHE A 395 26.50 8.51 -28.70
CA PHE A 395 26.67 9.71 -27.90
C PHE A 395 26.79 9.36 -26.42
N CYS A 396 27.85 9.88 -25.79
CA CYS A 396 28.25 9.44 -24.46
C CYS A 396 28.07 10.51 -23.37
N GLY A 397 27.42 11.64 -23.67
CA GLY A 397 27.01 12.59 -22.66
C GLY A 397 28.01 13.72 -22.44
N LEU A 398 27.48 14.86 -21.98
CA LEU A 398 28.28 16.04 -21.64
C LEU A 398 27.70 16.71 -20.40
N ASP A 399 28.33 17.81 -19.97
CA ASP A 399 27.84 18.59 -18.84
C ASP A 399 26.44 19.13 -19.07
N VAL A 400 26.09 19.42 -20.32
CA VAL A 400 24.89 20.17 -20.65
C VAL A 400 23.78 19.22 -21.04
N ASN A 401 22.57 19.51 -20.56
CA ASN A 401 21.39 18.68 -20.78
C ASN A 401 21.64 17.25 -20.29
N SER A 402 22.30 17.12 -19.12
CA SER A 402 22.93 15.85 -18.77
C SER A 402 21.93 14.78 -18.39
N PRO A 403 21.13 14.93 -17.36
CA PRO A 403 20.15 13.89 -17.07
C PRO A 403 18.91 14.12 -17.91
N LEU A 404 18.81 13.48 -19.06
CA LEU A 404 17.80 13.75 -20.06
C LEU A 404 16.68 12.73 -20.01
N GLY A 405 15.44 13.20 -19.96
CA GLY A 405 14.27 12.34 -20.04
C GLY A 405 13.53 12.48 -21.36
N GLY A 406 13.67 11.51 -22.25
CA GLY A 406 13.02 11.61 -23.55
C GLY A 406 11.53 11.40 -23.43
N GLU A 407 10.78 12.12 -24.26
CA GLU A 407 9.34 11.98 -24.32
C GLU A 407 8.86 11.25 -25.56
N THR A 408 9.68 11.19 -26.60
CA THR A 408 9.36 10.45 -27.81
C THR A 408 9.66 8.98 -27.59
N PRO A 409 8.64 8.13 -27.57
CA PRO A 409 8.85 6.73 -27.24
C PRO A 409 9.23 5.91 -28.46
N ILE A 410 9.90 4.79 -28.19
CA ILE A 410 10.06 3.75 -29.18
C ILE A 410 8.80 2.89 -29.17
N THR A 411 8.21 2.69 -30.34
CA THR A 411 6.89 2.07 -30.47
C THR A 411 7.00 0.78 -31.26
N SER A 412 6.23 -0.22 -30.84
CA SER A 412 6.17 -1.48 -31.58
C SER A 412 4.75 -2.05 -31.48
N VAL A 413 4.35 -2.74 -32.52
CA VAL A 413 3.09 -3.48 -32.54
C VAL A 413 3.40 -4.94 -32.21
N PRO A 414 2.72 -5.54 -31.22
CA PRO A 414 3.05 -6.92 -30.85
C PRO A 414 2.77 -7.91 -31.96
N VAL A 415 3.65 -8.92 -32.06
CA VAL A 415 3.48 -10.00 -33.02
C VAL A 415 2.53 -11.07 -32.52
N ALA A 416 2.16 -11.04 -31.24
CA ALA A 416 1.25 -12.01 -30.66
C ALA A 416 0.61 -11.41 -29.41
N MET A 417 -0.63 -11.82 -29.14
CA MET A 417 -1.31 -11.43 -27.92
C MET A 417 -1.88 -12.68 -27.23
N PHE A 418 -2.13 -12.55 -25.92
CA PHE A 418 -2.41 -13.71 -25.08
C PHE A 418 -3.47 -13.38 -24.04
N ASN A 419 -4.24 -14.40 -23.68
CA ASN A 419 -5.29 -14.28 -22.67
C ASN A 419 -4.82 -14.55 -21.25
N THR A 420 -3.51 -14.69 -21.04
CA THR A 420 -2.97 -14.94 -19.72
C THR A 420 -1.83 -13.95 -19.47
N LYS A 421 -1.48 -13.80 -18.20
CA LYS A 421 -0.36 -12.92 -17.83
C LYS A 421 0.94 -13.65 -18.12
N LEU A 422 1.76 -13.07 -19.00
CA LEU A 422 3.06 -13.64 -19.36
C LEU A 422 4.12 -13.14 -18.39
N THR A 423 4.96 -14.05 -17.90
CA THR A 423 5.92 -13.74 -16.85
C THR A 423 7.37 -14.03 -17.21
N SER A 424 7.65 -14.64 -18.35
CA SER A 424 9.04 -14.83 -18.77
C SER A 424 9.12 -14.87 -20.29
N VAL A 425 10.34 -14.74 -20.80
CA VAL A 425 10.56 -14.76 -22.24
C VAL A 425 11.99 -15.21 -22.52
N ALA A 426 12.14 -16.02 -23.57
CA ALA A 426 13.45 -16.47 -24.01
C ALA A 426 13.38 -16.80 -25.51
N ALA A 427 14.48 -16.55 -26.21
CA ALA A 427 14.51 -16.64 -27.67
C ALA A 427 15.75 -17.38 -28.14
N THR A 428 15.54 -18.32 -29.07
CA THR A 428 16.62 -19.11 -29.64
C THR A 428 16.41 -19.20 -31.15
N SER A 429 17.51 -19.22 -31.89
CA SER A 429 17.47 -19.38 -33.34
C SER A 429 18.40 -20.51 -33.77
N THR A 430 18.39 -21.62 -33.03
CA THR A 430 19.14 -22.80 -33.44
C THR A 430 18.64 -23.31 -34.78
N SER A 431 17.32 -23.41 -34.93
CA SER A 431 16.75 -23.63 -36.23
C SER A 431 16.92 -22.38 -37.09
N GLY A 432 16.49 -22.47 -38.34
CA GLY A 432 16.59 -21.31 -39.20
C GLY A 432 15.68 -20.17 -38.80
N TYR A 433 14.68 -20.45 -37.97
CA TYR A 433 13.70 -19.46 -37.54
C TYR A 433 13.92 -19.14 -36.07
N THR A 434 13.52 -17.92 -35.66
CA THR A 434 13.52 -17.57 -34.24
C THR A 434 12.27 -18.14 -33.58
N VAL A 435 12.47 -18.82 -32.46
CA VAL A 435 11.38 -19.33 -31.64
C VAL A 435 11.50 -18.65 -30.29
N VAL A 436 10.38 -18.09 -29.82
CA VAL A 436 10.34 -17.38 -28.56
C VAL A 436 9.62 -18.26 -27.55
N PHE A 437 10.26 -18.48 -26.40
CA PHE A 437 9.68 -19.26 -25.32
C PHE A 437 9.09 -18.31 -24.29
N VAL A 438 7.83 -18.54 -23.94
CA VAL A 438 7.05 -17.63 -23.11
C VAL A 438 6.47 -18.40 -21.94
N GLY A 439 6.66 -17.89 -20.72
CA GLY A 439 6.15 -18.52 -19.51
C GLY A 439 4.88 -17.85 -18.99
N THR A 440 3.97 -18.66 -18.45
CA THR A 440 2.67 -18.20 -17.99
C THR A 440 2.64 -18.06 -16.47
N SER A 441 1.80 -17.14 -15.99
CA SER A 441 1.55 -17.06 -14.54
C SER A 441 0.76 -18.24 -14.02
N ASP A 442 0.17 -19.03 -14.91
CA ASP A 442 -0.55 -20.23 -14.54
C ASP A 442 0.32 -21.47 -14.66
N GLY A 443 1.53 -21.34 -15.19
CA GLY A 443 2.47 -22.44 -15.25
C GLY A 443 2.65 -23.05 -16.62
N PHE A 444 2.16 -22.41 -17.67
CA PHE A 444 2.24 -22.95 -19.01
C PHE A 444 3.45 -22.39 -19.74
N LEU A 445 4.01 -23.21 -20.62
CA LEU A 445 5.06 -22.79 -21.54
C LEU A 445 4.47 -22.76 -22.94
N LYS A 446 4.65 -21.65 -23.64
CA LYS A 446 4.21 -21.50 -25.01
C LYS A 446 5.40 -21.18 -25.89
N LYS A 447 5.38 -21.68 -27.12
CA LYS A 447 6.41 -21.41 -28.11
C LYS A 447 5.79 -20.63 -29.26
N VAL A 448 6.42 -19.52 -29.63
CA VAL A 448 5.99 -18.70 -30.75
C VAL A 448 7.15 -18.64 -31.74
N VAL A 449 6.84 -18.80 -33.02
CA VAL A 449 7.82 -18.69 -34.09
C VAL A 449 7.60 -17.36 -34.80
N ILE A 450 8.66 -16.56 -34.91
CA ILE A 450 8.57 -15.20 -35.43
C ILE A 450 9.21 -15.18 -36.82
N GLU A 451 8.38 -15.02 -37.84
CA GLU A 451 8.85 -15.02 -39.22
C GLU A 451 9.10 -13.61 -39.75
N SER A 452 8.49 -12.60 -39.14
CA SER A 452 8.65 -11.21 -39.56
C SER A 452 8.30 -10.32 -38.38
N SER A 453 8.52 -9.02 -38.57
CA SER A 453 8.01 -8.07 -37.59
C SER A 453 6.50 -8.00 -37.58
N SER A 454 5.83 -8.68 -38.53
CA SER A 454 4.39 -8.64 -38.65
C SER A 454 3.72 -9.98 -38.41
N ILE A 455 4.39 -11.08 -38.72
CA ILE A 455 3.78 -12.41 -38.73
C ILE A 455 4.46 -13.28 -37.68
N ALA A 456 3.66 -13.86 -36.78
CA ALA A 456 4.12 -14.78 -35.76
C ALA A 456 2.90 -15.45 -35.16
N ASN A 457 3.09 -16.68 -34.68
CA ASN A 457 1.98 -17.47 -34.20
C ASN A 457 2.50 -18.63 -33.35
N GLU A 458 1.67 -19.06 -32.40
CA GLU A 458 2.00 -20.19 -31.55
C GLU A 458 1.97 -21.49 -32.34
N TYR A 459 2.92 -22.37 -32.07
CA TYR A 459 2.91 -23.71 -32.58
C TYR A 459 2.97 -24.77 -31.50
N ALA A 460 3.13 -24.37 -30.24
CA ALA A 460 3.16 -25.30 -29.13
C ALA A 460 2.68 -24.59 -27.87
N SER A 461 2.14 -25.37 -26.95
CA SER A 461 1.67 -24.84 -25.67
C SER A 461 1.35 -25.98 -24.72
N PHE A 462 1.98 -26.01 -23.55
CA PHE A 462 1.75 -27.09 -22.60
C PHE A 462 2.15 -26.62 -21.22
N ALA A 463 1.61 -27.28 -20.19
CA ALA A 463 1.86 -26.88 -18.82
C ALA A 463 3.14 -27.52 -18.28
N VAL A 464 3.97 -26.71 -17.63
CA VAL A 464 5.20 -27.20 -17.00
C VAL A 464 4.99 -27.46 -15.51
N ASP A 465 4.40 -26.51 -14.80
CA ASP A 465 3.97 -26.71 -13.41
C ASP A 465 2.62 -26.03 -13.25
N LEU A 466 1.54 -26.81 -13.33
CA LEU A 466 0.22 -26.21 -13.33
C LEU A 466 -0.10 -25.61 -11.97
N GLY A 467 -0.63 -24.39 -11.97
CA GLY A 467 -0.94 -23.69 -10.75
C GLY A 467 0.20 -22.94 -10.12
N SER A 468 1.28 -22.71 -10.87
CA SER A 468 2.52 -22.18 -10.31
C SER A 468 3.14 -21.22 -11.31
N GLU A 469 3.26 -19.94 -10.92
CA GLU A 469 3.76 -18.91 -11.83
C GLU A 469 5.21 -19.18 -12.21
N ILE A 470 5.50 -19.04 -13.51
CA ILE A 470 6.84 -19.29 -14.03
C ILE A 470 7.70 -18.05 -13.79
N ASN A 471 8.86 -18.26 -13.19
CA ASN A 471 9.76 -17.17 -12.83
C ASN A 471 10.27 -16.45 -14.08
N ARG A 472 10.74 -15.22 -13.86
CA ARG A 472 11.24 -14.41 -14.96
C ARG A 472 12.58 -14.91 -15.48
N ASP A 473 13.43 -15.42 -14.58
CA ASP A 473 14.74 -15.95 -14.95
C ASP A 473 14.55 -17.30 -15.63
N MET A 474 14.63 -17.33 -16.96
CA MET A 474 14.42 -18.54 -17.74
C MET A 474 15.53 -18.61 -18.78
N GLN A 475 16.45 -19.56 -18.62
CA GLN A 475 17.67 -19.60 -19.44
C GLN A 475 17.81 -20.94 -20.14
N PHE A 476 18.51 -20.91 -21.28
CA PHE A 476 18.72 -22.08 -22.13
C PHE A 476 19.96 -22.85 -21.71
N ASP A 477 20.10 -24.05 -22.28
CA ASP A 477 21.33 -24.80 -22.23
C ASP A 477 22.38 -24.11 -23.12
N ASN A 478 23.65 -24.55 -22.99
CA ASN A 478 24.72 -23.96 -23.78
C ASN A 478 24.54 -24.19 -25.28
N GLN A 479 23.93 -25.31 -25.68
CA GLN A 479 23.61 -25.58 -27.07
C GLN A 479 22.20 -25.11 -27.45
N ASN A 480 21.46 -24.52 -26.52
CA ASN A 480 20.06 -24.16 -26.75
C ASN A 480 19.23 -25.37 -27.14
N LEU A 481 19.46 -26.49 -26.46
CA LEU A 481 18.70 -27.70 -26.67
C LEU A 481 17.73 -28.01 -25.54
N TYR A 482 18.03 -27.55 -24.33
CA TYR A 482 17.11 -27.62 -23.23
C TYR A 482 16.94 -26.22 -22.65
N ILE A 483 15.80 -25.97 -22.04
CA ILE A 483 15.50 -24.68 -21.43
C ILE A 483 15.08 -24.93 -19.99
N TYR A 484 15.60 -24.13 -19.07
CA TYR A 484 15.33 -24.28 -17.64
C TYR A 484 14.15 -23.40 -17.25
N VAL A 485 13.05 -24.03 -16.82
CA VAL A 485 11.82 -23.34 -16.47
C VAL A 485 11.63 -23.46 -14.96
N MET A 486 11.62 -22.32 -14.28
CA MET A 486 11.54 -22.30 -12.83
C MET A 486 10.17 -21.75 -12.43
N SER A 487 9.44 -22.53 -11.62
CA SER A 487 8.15 -22.11 -11.09
C SER A 487 8.33 -21.60 -9.67
N LYS A 488 7.31 -21.72 -8.82
CA LYS A 488 7.43 -21.25 -7.46
C LYS A 488 8.46 -22.07 -6.68
N THR A 489 8.36 -23.40 -6.76
CA THR A 489 9.18 -24.27 -5.92
C THR A 489 9.96 -25.32 -6.70
N LYS A 490 9.89 -25.34 -8.02
CA LYS A 490 10.51 -26.38 -8.83
C LYS A 490 11.30 -25.73 -9.95
N VAL A 491 12.20 -26.52 -10.54
CA VAL A 491 12.87 -26.20 -11.79
C VAL A 491 12.71 -27.39 -12.73
N SER A 492 12.35 -27.11 -13.98
CA SER A 492 12.11 -28.15 -14.96
C SER A 492 13.04 -27.95 -16.14
N LYS A 493 13.78 -29.01 -16.50
CA LYS A 493 14.61 -29.01 -17.70
C LYS A 493 13.75 -29.49 -18.85
N VAL A 494 13.37 -28.58 -19.74
CA VAL A 494 12.46 -28.87 -20.84
C VAL A 494 13.25 -28.96 -22.15
N LYS A 495 12.98 -29.99 -22.93
CA LYS A 495 13.63 -30.14 -24.22
C LYS A 495 13.03 -29.12 -25.20
N VAL A 496 13.89 -28.47 -25.99
CA VAL A 496 13.42 -27.40 -26.87
C VAL A 496 12.62 -27.97 -28.03
N PHE A 497 13.05 -29.11 -28.57
CA PHE A 497 12.30 -29.78 -29.63
C PHE A 497 12.49 -31.28 -29.50
N ASP A 498 11.46 -32.02 -29.91
CA ASP A 498 11.52 -33.49 -29.97
C ASP A 498 10.76 -33.91 -31.23
N CYS A 499 11.50 -34.23 -32.29
CA CYS A 499 10.89 -34.59 -33.56
C CYS A 499 10.70 -36.10 -33.70
N SER A 500 11.27 -36.89 -32.81
CA SER A 500 11.21 -38.34 -32.94
C SER A 500 9.84 -38.90 -32.56
N ASP A 501 9.08 -38.20 -31.72
CA ASP A 501 7.79 -38.72 -31.28
C ASP A 501 6.70 -38.57 -32.32
N TYR A 502 6.99 -38.01 -33.50
CA TYR A 502 6.05 -37.91 -34.61
C TYR A 502 6.28 -39.10 -35.53
N LYS A 503 5.41 -40.10 -35.40
CA LYS A 503 5.51 -41.38 -36.11
C LYS A 503 5.25 -41.20 -37.60
N THR A 504 3.98 -41.01 -37.95
CA THR A 504 3.61 -40.75 -39.33
C THR A 504 4.15 -39.38 -39.74
N CYS A 505 3.94 -39.04 -41.01
CA CYS A 505 4.47 -37.80 -41.56
C CYS A 505 3.48 -36.63 -41.50
N GLY A 506 2.19 -36.89 -41.69
CA GLY A 506 1.22 -35.82 -41.52
C GLY A 506 1.26 -35.23 -40.12
N ASP A 507 1.73 -36.01 -39.14
CA ASP A 507 1.92 -35.48 -37.81
C ASP A 507 3.20 -34.66 -37.70
N CYS A 508 4.23 -35.02 -38.46
CA CYS A 508 5.48 -34.28 -38.44
C CYS A 508 5.31 -32.88 -39.01
N LEU A 509 4.79 -32.79 -40.23
CA LEU A 509 4.50 -31.49 -40.83
C LEU A 509 3.26 -30.84 -40.23
N GLY A 510 2.37 -31.61 -39.62
CA GLY A 510 1.18 -31.01 -39.02
C GLY A 510 1.47 -30.27 -37.73
N ALA A 511 2.53 -30.67 -37.02
CA ALA A 511 2.88 -30.00 -35.78
C ALA A 511 3.35 -28.57 -36.01
N ARG A 512 3.70 -28.24 -37.26
CA ARG A 512 4.13 -26.90 -37.64
C ARG A 512 5.29 -26.44 -36.77
N ASP A 513 6.13 -27.39 -36.39
CA ASP A 513 7.34 -27.12 -35.62
C ASP A 513 8.46 -26.68 -36.56
N PRO A 514 9.04 -25.49 -36.38
CA PRO A 514 10.16 -25.09 -37.24
C PRO A 514 11.40 -25.95 -37.06
N TYR A 515 11.51 -26.69 -35.96
CA TYR A 515 12.65 -27.57 -35.75
C TYR A 515 12.51 -28.89 -36.50
N CYS A 516 11.29 -29.23 -36.92
CA CYS A 516 11.00 -30.58 -37.42
C CYS A 516 10.70 -30.56 -38.91
N GLY A 517 11.45 -31.36 -39.66
CA GLY A 517 11.10 -31.74 -41.02
C GLY A 517 11.06 -33.25 -41.14
N TRP A 518 10.86 -33.69 -42.38
CA TRP A 518 10.62 -35.09 -42.69
C TRP A 518 11.51 -35.52 -43.84
N CYS A 519 12.45 -36.44 -43.56
CA CYS A 519 13.26 -37.03 -44.63
C CYS A 519 12.36 -37.88 -45.52
N SER A 520 12.59 -37.78 -46.82
CA SER A 520 11.78 -38.57 -47.75
C SER A 520 12.10 -40.05 -47.63
N LEU A 521 13.39 -40.40 -47.66
CA LEU A 521 13.83 -41.79 -47.65
C LEU A 521 13.49 -42.46 -46.33
N GLU A 522 14.24 -42.15 -45.27
CA GLU A 522 13.96 -42.72 -43.96
C GLU A 522 12.62 -42.19 -43.44
N ASN A 523 11.97 -42.99 -42.58
CA ASN A 523 10.66 -42.62 -42.08
C ASN A 523 10.77 -41.78 -40.82
N LYS A 524 11.82 -40.97 -40.72
CA LYS A 524 12.08 -40.21 -39.51
C LYS A 524 11.73 -38.75 -39.70
N CYS A 525 11.06 -38.19 -38.71
CA CYS A 525 10.93 -36.75 -38.56
C CYS A 525 12.16 -36.26 -37.81
N SER A 526 12.85 -35.27 -38.38
CA SER A 526 14.11 -34.77 -37.83
C SER A 526 14.51 -33.51 -38.58
N PRO A 527 15.41 -32.68 -38.02
CA PRO A 527 15.86 -31.48 -38.72
C PRO A 527 16.70 -31.81 -39.94
N ARG A 528 17.02 -30.75 -40.70
CA ARG A 528 17.72 -30.93 -41.98
C ARG A 528 19.05 -31.65 -41.78
N SER A 529 19.78 -31.27 -40.74
CA SER A 529 21.12 -31.83 -40.55
C SER A 529 21.09 -33.34 -40.34
N ASN A 530 19.96 -33.85 -39.85
CA ASN A 530 19.87 -35.27 -39.56
C ASN A 530 19.63 -36.12 -40.81
N CYS A 531 19.01 -35.55 -41.85
CA CYS A 531 18.83 -36.31 -43.08
C CYS A 531 20.15 -36.35 -43.86
N GLN A 532 20.21 -37.28 -44.79
CA GLN A 532 21.35 -37.44 -45.69
C GLN A 532 20.93 -37.01 -47.09
N ASP A 533 21.61 -35.98 -47.63
CA ASP A 533 21.35 -35.48 -48.97
C ASP A 533 21.83 -36.43 -50.07
N ASP A 534 22.00 -37.73 -49.78
CA ASP A 534 22.41 -38.69 -50.81
C ASP A 534 21.30 -38.93 -51.85
N ALA A 535 20.05 -38.68 -51.49
CA ALA A 535 18.95 -38.85 -52.43
C ALA A 535 19.05 -37.83 -53.55
N ASN A 536 18.66 -38.25 -54.76
CA ASN A 536 18.78 -37.39 -55.93
C ASN A 536 17.80 -36.22 -55.88
N ASP A 537 16.61 -36.44 -55.31
CA ASP A 537 15.61 -35.39 -55.29
C ASP A 537 15.91 -34.36 -54.19
N PRO A 538 15.73 -33.07 -54.47
CA PRO A 538 15.88 -32.07 -53.41
C PRO A 538 14.73 -32.05 -52.42
N LEU A 539 13.65 -32.78 -52.70
CA LEU A 539 12.52 -32.91 -51.78
C LEU A 539 12.77 -34.01 -50.76
N TYR A 540 14.05 -34.25 -50.43
CA TYR A 540 14.36 -35.24 -49.40
C TYR A 540 13.87 -34.76 -48.03
N TRP A 541 14.10 -33.50 -47.70
CA TRP A 541 13.66 -32.90 -46.44
C TRP A 541 12.73 -31.74 -46.76
N VAL A 542 11.51 -31.79 -46.24
CA VAL A 542 10.48 -30.80 -46.55
C VAL A 542 9.98 -30.19 -45.25
N SER A 543 9.73 -28.88 -45.28
CA SER A 543 9.27 -28.14 -44.10
C SER A 543 7.75 -28.25 -43.98
N TYR A 544 7.20 -27.62 -42.94
CA TYR A 544 5.77 -27.73 -42.67
C TYR A 544 4.93 -26.80 -43.51
N LYS A 545 5.54 -25.79 -44.14
CA LYS A 545 4.80 -24.85 -44.97
C LYS A 545 5.28 -24.80 -46.41
N THR A 546 6.43 -25.39 -46.72
CA THR A 546 6.97 -25.35 -48.07
C THR A 546 6.47 -26.50 -48.94
N GLY A 547 5.91 -27.55 -48.34
CA GLY A 547 5.46 -28.67 -49.13
C GLY A 547 4.40 -29.47 -48.40
N LYS A 548 3.91 -30.50 -49.09
CA LYS A 548 2.90 -31.41 -48.56
C LYS A 548 3.46 -32.82 -48.51
N CYS A 549 3.17 -33.53 -47.44
CA CYS A 549 3.69 -34.88 -47.29
C CYS A 549 2.81 -35.87 -48.03
N PHE B 20 38.33 54.66 -11.06
CA PHE B 20 39.11 53.57 -11.66
C PHE B 20 38.15 52.89 -12.63
N ILE B 21 38.32 53.13 -13.92
CA ILE B 21 37.32 52.74 -14.92
C ILE B 21 37.85 51.59 -15.75
N GLY B 22 36.97 50.65 -16.06
CA GLY B 22 37.22 49.59 -17.03
C GLY B 22 36.03 49.52 -17.96
N ASN B 23 35.93 48.48 -18.78
CA ASN B 23 34.79 48.37 -19.68
C ASN B 23 33.52 48.07 -18.88
N SER B 24 32.38 48.14 -19.55
CA SER B 24 31.15 47.64 -18.93
C SER B 24 31.03 46.13 -19.06
N THR B 25 31.84 45.52 -19.93
CA THR B 25 31.72 44.09 -20.21
C THR B 25 32.25 43.25 -19.05
N ASP B 26 33.36 43.66 -18.43
CA ASP B 26 33.84 42.94 -17.25
C ASP B 26 32.92 43.20 -16.05
N TYR B 27 33.13 42.43 -14.98
CA TYR B 27 32.22 42.43 -13.84
C TYR B 27 33.04 42.41 -12.55
N PHE B 28 33.21 43.57 -11.93
CA PHE B 28 34.06 43.72 -10.76
C PHE B 28 33.46 43.06 -9.53
N LYS B 29 34.32 42.45 -8.72
CA LYS B 29 33.91 41.83 -7.46
C LYS B 29 35.03 42.08 -6.46
N ILE B 30 34.75 42.86 -5.42
CA ILE B 30 35.73 43.06 -4.36
C ILE B 30 36.06 41.71 -3.75
N LEU B 31 37.31 41.30 -3.87
CA LEU B 31 37.76 40.02 -3.32
C LEU B 31 38.59 40.16 -2.05
N ASP B 32 39.04 41.37 -1.71
CA ASP B 32 39.72 41.66 -0.46
C ASP B 32 39.84 43.18 -0.33
N HIS B 33 39.71 43.69 0.89
CA HIS B 33 39.77 45.13 1.09
C HIS B 33 40.47 45.47 2.41
N ASN B 34 41.49 46.31 2.32
CA ASN B 34 42.12 46.97 3.46
C ASN B 34 41.88 48.46 3.37
N ASP B 35 42.33 49.20 4.38
CA ASP B 35 42.24 50.64 4.31
C ASP B 35 43.27 51.21 3.35
N GLU B 36 44.28 50.43 2.99
CA GLU B 36 45.29 50.89 2.04
C GLU B 36 45.09 50.35 0.63
N PHE B 37 44.67 49.09 0.48
CA PHE B 37 44.59 48.45 -0.83
C PHE B 37 43.29 47.65 -0.95
N VAL B 38 42.86 47.46 -2.19
CA VAL B 38 41.67 46.67 -2.54
C VAL B 38 42.02 45.82 -3.76
N LEU B 39 41.49 44.59 -3.78
CA LEU B 39 41.70 43.65 -4.88
C LEU B 39 40.38 43.48 -5.62
N VAL B 40 40.44 43.56 -6.95
CA VAL B 40 39.26 43.58 -7.81
C VAL B 40 39.41 42.45 -8.82
N GLY B 41 38.54 41.45 -8.75
CA GLY B 41 38.48 40.40 -9.75
C GLY B 41 37.60 40.81 -10.91
N ALA B 42 38.12 40.70 -12.13
CA ALA B 42 37.42 41.17 -13.32
C ALA B 42 37.47 40.09 -14.41
N LYS B 43 37.30 40.51 -15.66
CA LYS B 43 37.00 39.58 -16.75
C LYS B 43 38.14 38.60 -16.97
N ASP B 44 39.36 39.08 -17.07
CA ASP B 44 40.48 38.16 -17.30
C ASP B 44 41.67 38.53 -16.44
N VAL B 45 41.52 39.43 -15.49
CA VAL B 45 42.60 39.92 -14.67
C VAL B 45 42.10 40.12 -13.25
N ILE B 46 43.04 40.40 -12.35
CA ILE B 46 42.73 40.82 -11.00
C ILE B 46 43.66 41.97 -10.68
N TYR B 47 43.08 43.05 -10.15
CA TYR B 47 43.80 44.29 -9.92
C TYR B 47 44.09 44.45 -8.43
N ASN B 48 45.27 44.97 -8.13
CA ASN B 48 45.61 45.40 -6.78
C ASN B 48 45.63 46.92 -6.83
N VAL B 49 44.64 47.55 -6.20
CA VAL B 49 44.38 48.98 -6.39
C VAL B 49 44.60 49.72 -5.07
N SER B 50 45.37 50.80 -5.14
CA SER B 50 45.59 51.68 -4.00
C SER B 50 44.37 52.55 -3.74
N LEU B 51 43.92 52.58 -2.48
CA LEU B 51 42.82 53.47 -2.12
C LEU B 51 43.26 54.91 -2.00
N ASN B 52 44.56 55.20 -2.08
CA ASN B 52 45.02 56.58 -2.00
C ASN B 52 44.47 57.40 -3.15
N GLY B 53 44.60 56.89 -4.38
CA GLY B 53 44.07 57.61 -5.53
C GLY B 53 43.32 56.74 -6.51
N LEU B 54 42.90 55.55 -6.07
CA LEU B 54 42.32 54.53 -6.93
C LEU B 54 43.21 54.26 -8.14
N LYS B 55 44.50 54.10 -7.86
CA LYS B 55 45.51 53.86 -8.87
C LYS B 55 45.90 52.40 -8.86
N GLU B 56 46.03 51.81 -10.04
CA GLU B 56 46.45 50.43 -10.15
C GLU B 56 47.88 50.28 -9.65
N ILE B 57 48.10 49.29 -8.78
CA ILE B 57 49.40 49.02 -8.21
C ILE B 57 50.01 47.73 -8.78
N ALA B 58 49.18 46.70 -8.98
CA ALA B 58 49.65 45.45 -9.54
C ALA B 58 48.49 44.78 -10.27
N ARG B 59 48.84 43.79 -11.09
CA ARG B 59 47.90 43.13 -11.96
C ARG B 59 48.32 41.68 -12.10
N LEU B 60 47.34 40.79 -12.23
CA LEU B 60 47.63 39.39 -12.53
C LEU B 60 46.61 38.91 -13.56
N GLU B 61 47.06 38.71 -14.80
CA GLU B 61 46.19 38.30 -15.90
C GLU B 61 46.11 36.79 -15.98
N TRP B 62 44.91 36.29 -16.26
CA TRP B 62 44.66 34.85 -16.37
C TRP B 62 43.49 34.64 -17.33
N HIS B 63 43.80 34.26 -18.57
CA HIS B 63 42.82 34.15 -19.64
C HIS B 63 42.48 32.68 -19.89
N SER B 64 41.21 32.43 -20.21
CA SER B 64 40.79 31.08 -20.58
C SER B 64 41.39 30.68 -21.91
N THR B 65 41.82 29.41 -21.99
CA THR B 65 42.38 28.91 -23.24
C THR B 65 41.29 28.87 -24.31
N ASP B 66 41.72 29.00 -25.56
CA ASP B 66 40.75 29.08 -26.65
C ASP B 66 39.95 27.80 -26.77
N ALA B 67 40.54 26.67 -26.39
CA ALA B 67 39.80 25.41 -26.44
C ALA B 67 38.76 25.35 -25.33
N ASP B 68 39.09 25.87 -24.14
CA ASP B 68 38.17 25.86 -23.02
C ASP B 68 37.01 26.82 -23.23
N ARG B 69 37.25 27.94 -23.91
CA ARG B 69 36.19 28.89 -24.16
C ARG B 69 35.44 28.63 -25.45
N GLU B 70 35.98 27.78 -26.33
CA GLU B 70 35.15 27.26 -27.41
C GLU B 70 34.20 26.18 -26.90
N LEU B 71 34.63 25.40 -25.91
CA LEU B 71 33.74 24.45 -25.26
C LEU B 71 32.58 25.15 -24.57
N CYS B 72 32.83 26.34 -24.02
CA CYS B 72 31.76 27.06 -23.33
C CYS B 72 30.71 27.54 -24.32
N ALA B 73 31.14 28.19 -25.40
CA ALA B 73 30.17 28.64 -26.40
C ALA B 73 29.50 27.46 -27.08
N LEU B 74 30.19 26.31 -27.12
CA LEU B 74 29.61 25.12 -27.73
C LEU B 74 28.38 24.66 -26.95
N LYS B 75 28.46 24.68 -25.63
CA LYS B 75 27.40 24.23 -24.73
C LYS B 75 26.30 25.27 -24.52
N GLY B 76 26.16 26.25 -25.41
CA GLY B 76 25.01 27.11 -25.43
C GLY B 76 25.16 28.46 -24.77
N LYS B 77 26.38 28.93 -24.56
CA LYS B 77 26.62 30.21 -23.94
C LYS B 77 27.11 31.22 -24.97
N HIS B 78 27.16 32.48 -24.55
CA HIS B 78 27.51 33.58 -25.41
C HIS B 78 28.97 33.96 -25.25
N GLU B 79 29.42 34.91 -26.06
CA GLU B 79 30.79 35.40 -25.95
C GLU B 79 31.02 36.03 -24.58
N TRP B 80 30.12 36.93 -24.15
CA TRP B 80 30.31 37.64 -22.89
C TRP B 80 30.26 36.74 -21.67
N ASP B 81 29.85 35.48 -21.82
CA ASP B 81 29.83 34.55 -20.70
C ASP B 81 31.08 33.69 -20.63
N CYS B 82 31.72 33.46 -21.76
CA CYS B 82 32.85 32.55 -21.85
C CYS B 82 34.16 33.31 -21.64
N HIS B 83 34.35 33.73 -20.39
CA HIS B 83 35.60 34.34 -19.97
C HIS B 83 35.96 33.77 -18.61
N ASN B 84 37.17 34.09 -18.15
CA ASN B 84 37.67 33.61 -16.86
C ASN B 84 37.49 34.69 -15.80
N TYR B 85 36.28 34.78 -15.27
CA TYR B 85 35.96 35.82 -14.29
C TYR B 85 36.54 35.42 -12.92
N LEU B 86 37.56 36.14 -12.48
CA LEU B 86 38.16 35.88 -11.18
C LEU B 86 37.18 36.21 -10.04
N ARG B 87 36.94 35.22 -9.16
CA ARG B 87 35.88 35.33 -8.17
C ARG B 87 36.23 34.75 -6.79
N VAL B 88 37.43 34.25 -6.57
CA VAL B 88 37.85 33.80 -5.25
C VAL B 88 39.31 34.15 -5.04
N TYR B 89 39.59 34.83 -3.92
CA TYR B 89 40.93 35.19 -3.50
C TYR B 89 41.11 34.85 -2.04
N ALA B 90 42.34 34.46 -1.69
CA ALA B 90 42.69 34.13 -0.32
C ALA B 90 44.20 34.07 -0.22
N LEU B 91 44.78 34.77 0.74
CA LEU B 91 46.22 34.69 0.99
C LEU B 91 46.46 33.59 2.01
N ARG B 92 47.16 32.53 1.59
CA ARG B 92 47.35 31.38 2.47
C ARG B 92 48.42 31.70 3.52
N PRO B 93 48.39 30.99 4.66
CA PRO B 93 49.27 31.37 5.78
C PRO B 93 50.76 31.24 5.48
N ASN B 94 51.15 30.70 4.33
CA ASN B 94 52.55 30.47 4.02
C ASN B 94 53.13 31.53 3.08
N GLY B 95 52.35 32.56 2.72
CA GLY B 95 52.72 33.49 1.68
C GLY B 95 52.19 33.15 0.31
N GLU B 96 51.65 31.93 0.14
CA GLU B 96 51.04 31.50 -1.11
C GLU B 96 49.76 32.30 -1.37
N VAL B 97 49.30 32.25 -2.63
CA VAL B 97 48.10 32.99 -3.06
C VAL B 97 47.13 32.03 -3.75
N LEU B 98 45.94 31.87 -3.17
CA LEU B 98 44.88 31.04 -3.75
C LEU B 98 43.98 31.93 -4.61
N LEU B 99 43.83 31.56 -5.87
CA LEU B 99 43.14 32.40 -6.85
C LEU B 99 42.33 31.52 -7.76
N CYS B 100 41.01 31.72 -7.81
CA CYS B 100 40.12 30.89 -8.59
C CYS B 100 39.29 31.76 -9.54
N GLY B 101 38.88 31.16 -10.64
CA GLY B 101 38.14 31.88 -11.66
C GLY B 101 37.14 30.98 -12.32
N THR B 102 36.17 31.61 -12.98
CA THR B 102 35.08 30.81 -13.56
C THR B 102 35.55 30.01 -14.76
N ASN B 103 36.52 30.55 -15.52
CA ASN B 103 37.12 29.87 -16.67
C ASN B 103 36.05 29.34 -17.64
N SER B 104 35.20 30.25 -18.10
CA SER B 104 34.19 29.96 -19.11
C SER B 104 33.35 28.75 -18.73
N TYR B 105 32.71 28.85 -17.57
CA TYR B 105 31.88 27.76 -17.04
C TYR B 105 32.67 26.47 -16.91
N LYS B 106 33.93 26.59 -16.49
CA LYS B 106 34.77 25.44 -16.14
C LYS B 106 35.72 25.89 -15.05
N PRO B 107 35.21 26.10 -13.84
CA PRO B 107 35.98 26.83 -12.82
C PRO B 107 37.28 26.13 -12.42
N ARG B 108 38.35 26.91 -12.31
CA ARG B 108 39.67 26.40 -11.94
C ARG B 108 40.20 27.19 -10.76
N CYS B 109 41.09 26.55 -10.00
CA CYS B 109 41.81 27.22 -8.91
C CYS B 109 43.30 27.06 -9.13
N ARG B 110 44.05 28.11 -8.80
CA ARG B 110 45.49 28.11 -8.96
C ARG B 110 46.16 28.50 -7.65
N HIS B 111 47.43 28.13 -7.54
CA HIS B 111 48.28 28.49 -6.40
C HIS B 111 49.46 29.29 -6.95
N TYR B 112 49.41 30.61 -6.80
CA TYR B 112 50.52 31.47 -7.16
C TYR B 112 51.47 31.63 -5.98
N THR B 113 52.76 31.40 -6.22
CA THR B 113 53.79 31.59 -5.21
C THR B 113 54.89 32.50 -5.76
N PRO B 114 55.36 33.49 -4.98
CA PRO B 114 56.48 34.34 -5.39
C PRO B 114 57.85 33.66 -5.24
N ARG B 132 57.35 38.38 -10.38
CA ARG B 132 56.76 38.19 -9.06
C ARG B 132 56.17 36.77 -8.87
N TYR B 133 54.88 36.61 -9.18
CA TYR B 133 54.21 35.34 -8.93
C TYR B 133 54.48 34.35 -10.05
N GLU B 134 54.33 33.07 -9.71
CA GLU B 134 54.56 31.97 -10.64
C GLU B 134 53.59 30.84 -10.30
N VAL B 135 53.03 30.21 -11.34
CA VAL B 135 51.99 29.20 -11.12
C VAL B 135 52.61 27.94 -10.52
N SER B 136 52.00 27.46 -9.43
CA SER B 136 52.50 26.31 -8.67
C SER B 136 51.51 25.17 -8.58
N ARG B 137 50.25 25.39 -8.93
CA ARG B 137 49.24 24.34 -8.88
C ARG B 137 48.04 24.83 -9.66
N ASP B 138 47.43 23.91 -10.41
CA ASP B 138 46.22 24.19 -11.16
C ASP B 138 45.40 22.92 -11.11
N VAL B 139 44.10 23.06 -10.84
CA VAL B 139 43.26 21.92 -10.52
C VAL B 139 41.82 22.38 -10.72
N GLU B 140 40.90 21.40 -10.85
CA GLU B 140 39.49 21.70 -10.99
C GLU B 140 38.95 22.38 -9.74
N ALA B 141 37.89 23.17 -9.91
CA ALA B 141 37.36 23.98 -8.83
C ALA B 141 35.85 23.84 -8.69
N GLN B 142 35.28 22.78 -9.23
CA GLN B 142 33.84 22.56 -9.10
C GLN B 142 33.47 22.51 -7.62
N GLY B 143 32.51 23.35 -7.23
CA GLY B 143 32.14 23.49 -5.83
C GLY B 143 32.96 24.47 -5.03
N LEU B 144 34.09 24.93 -5.57
CA LEU B 144 34.95 25.90 -4.90
C LEU B 144 34.83 27.30 -5.49
N CYS B 145 34.20 27.43 -6.65
CA CYS B 145 34.21 28.68 -7.37
C CYS B 145 33.07 28.69 -8.38
N PRO B 146 32.27 29.75 -8.46
CA PRO B 146 31.09 29.73 -9.34
C PRO B 146 31.47 29.48 -10.79
N TYR B 147 30.46 29.14 -11.57
CA TYR B 147 30.61 29.04 -13.02
C TYR B 147 30.33 30.37 -13.71
N SER B 148 29.26 31.06 -13.30
CA SER B 148 28.73 32.31 -13.84
C SER B 148 29.32 33.50 -13.09
N PRO B 149 29.55 34.62 -13.79
CA PRO B 149 30.06 35.83 -13.12
C PRO B 149 29.01 36.57 -12.30
N ALA B 150 27.75 36.11 -12.31
CA ALA B 150 26.71 36.72 -11.49
C ALA B 150 27.07 36.73 -10.02
N HIS B 151 26.54 37.71 -9.30
CA HIS B 151 26.77 37.84 -7.86
C HIS B 151 25.84 36.90 -7.10
N ASN B 152 25.96 35.62 -7.47
CA ASN B 152 25.12 34.54 -6.96
C ASN B 152 25.76 33.79 -5.80
N SER B 153 27.08 33.91 -5.62
CA SER B 153 27.89 33.05 -4.77
C SER B 153 28.64 33.86 -3.74
N THR B 154 29.30 33.16 -2.83
CA THR B 154 30.12 33.79 -1.80
C THR B 154 31.03 32.74 -1.21
N TYR B 155 31.94 33.18 -0.35
CA TYR B 155 32.91 32.28 0.26
C TYR B 155 33.51 32.97 1.48
N ALA B 156 34.24 32.19 2.27
CA ALA B 156 34.90 32.73 3.46
C ALA B 156 36.11 31.87 3.76
N PHE B 157 37.31 32.45 3.68
CA PHE B 157 38.55 31.72 3.95
C PHE B 157 38.83 31.82 5.45
N ALA B 158 38.37 30.83 6.20
CA ALA B 158 38.37 30.90 7.67
C ALA B 158 39.31 29.85 8.25
N ASP B 159 40.32 30.32 8.99
CA ASP B 159 41.30 29.45 9.64
C ASP B 159 41.97 28.50 8.64
N GLY B 160 42.44 29.09 7.54
CA GLY B 160 43.15 28.32 6.52
C GLY B 160 42.33 27.29 5.80
N HIS B 161 41.04 27.55 5.60
CA HIS B 161 40.15 26.63 4.91
C HIS B 161 39.08 27.45 4.19
N LEU B 162 38.83 27.12 2.94
CA LEU B 162 37.87 27.86 2.12
C LEU B 162 36.49 27.26 2.28
N TYR B 163 35.55 28.05 2.76
CA TYR B 163 34.14 27.66 2.85
C TYR B 163 33.42 28.29 1.66
N SER B 164 32.87 27.46 0.79
CA SER B 164 32.32 27.93 -0.48
C SER B 164 30.83 27.68 -0.54
N ALA B 165 30.10 28.65 -1.10
CA ALA B 165 28.67 28.56 -1.29
C ALA B 165 28.37 28.99 -2.73
N THR B 166 28.04 28.03 -3.58
CA THR B 166 27.96 28.27 -5.02
C THR B 166 27.17 27.14 -5.66
N VAL B 167 27.35 26.94 -6.96
CA VAL B 167 26.86 25.76 -7.64
C VAL B 167 28.07 24.96 -8.12
N ALA B 168 27.90 23.65 -8.20
CA ALA B 168 28.97 22.78 -8.63
C ALA B 168 28.77 22.23 -10.03
N ASP B 169 27.63 22.54 -10.68
CA ASP B 169 27.30 22.02 -11.99
C ASP B 169 27.18 23.15 -13.00
N PHE B 170 27.40 22.81 -14.27
CA PHE B 170 27.27 23.78 -15.35
C PHE B 170 25.84 24.32 -15.42
N SER B 171 24.86 23.46 -15.17
CA SER B 171 23.45 23.84 -15.29
C SER B 171 22.95 24.63 -14.09
N GLY B 172 23.75 24.75 -13.03
CA GLY B 172 23.36 25.59 -11.90
C GLY B 172 22.24 25.05 -11.04
N GLY B 173 21.91 23.77 -11.13
CA GLY B 173 20.88 23.17 -10.30
C GLY B 173 21.37 22.34 -9.14
N ASP B 174 22.66 22.39 -8.78
CA ASP B 174 23.21 21.70 -7.61
C ASP B 174 23.90 22.71 -6.69
N PRO B 175 23.12 23.46 -5.91
CA PRO B 175 23.72 24.33 -4.89
C PRO B 175 24.29 23.54 -3.72
N LEU B 176 25.36 24.07 -3.14
CA LEU B 176 25.96 23.41 -2.00
C LEU B 176 26.76 24.41 -1.18
N ILE B 177 27.07 24.01 0.04
CA ILE B 177 28.05 24.70 0.88
C ILE B 177 29.17 23.71 1.16
N TYR B 178 30.35 23.95 0.57
CA TYR B 178 31.43 22.98 0.54
C TYR B 178 32.65 23.47 1.32
N ARG B 179 33.23 22.57 2.13
CA ARG B 179 34.56 22.73 2.69
C ARG B 179 35.37 21.47 2.36
N GLU B 180 36.63 21.45 2.77
CA GLU B 180 37.50 20.30 2.50
C GLU B 180 36.86 19.02 3.02
N ASN B 181 36.34 18.20 2.09
CA ASN B 181 35.78 16.87 2.35
C ASN B 181 34.40 16.91 3.00
N LEU B 182 33.68 18.01 2.91
CA LEU B 182 32.34 18.10 3.49
C LEU B 182 31.45 18.98 2.61
N ARG B 183 30.27 18.47 2.27
CA ARG B 183 29.32 19.21 1.46
C ARG B 183 27.91 18.96 1.97
N THR B 184 26.99 19.81 1.53
CA THR B 184 25.59 19.58 1.83
C THR B 184 25.05 18.47 0.93
N GLU B 185 23.83 18.02 1.23
CA GLU B 185 23.25 16.91 0.50
C GLU B 185 22.89 17.36 -0.92
N GLN B 186 23.43 16.62 -1.89
CA GLN B 186 23.18 16.93 -3.29
C GLN B 186 21.69 16.82 -3.61
N TYR B 187 21.16 17.85 -4.25
CA TYR B 187 19.76 17.92 -4.70
C TYR B 187 18.76 17.84 -3.56
N ASP B 188 19.19 18.02 -2.31
CA ASP B 188 18.26 18.04 -1.20
C ASP B 188 17.67 19.43 -1.07
N LEU B 189 16.38 19.56 -1.39
CA LEU B 189 15.77 20.89 -1.39
C LEU B 189 15.42 21.40 0.00
N LYS B 190 15.38 20.52 1.01
CA LYS B 190 15.11 21.01 2.35
C LYS B 190 16.33 21.73 2.94
N GLN B 191 17.51 21.48 2.41
CA GLN B 191 18.71 22.20 2.83
C GLN B 191 18.96 23.44 1.97
N LEU B 192 18.77 23.36 0.66
CA LEU B 192 18.98 24.51 -0.22
C LEU B 192 18.07 24.35 -1.42
N ASN B 193 17.17 25.31 -1.62
CA ASN B 193 16.20 25.30 -2.71
C ASN B 193 16.39 26.54 -3.57
N GLN B 194 17.26 26.45 -4.57
CA GLN B 194 17.53 27.51 -5.55
C GLN B 194 17.98 28.79 -4.87
N PRO B 195 19.11 28.77 -4.16
CA PRO B 195 19.52 29.94 -3.36
C PRO B 195 20.39 30.92 -4.13
N ASP B 196 20.35 32.17 -3.65
CA ASP B 196 21.25 33.23 -4.09
C ASP B 196 21.99 33.75 -2.87
N PHE B 197 23.28 33.44 -2.77
CA PHE B 197 24.07 33.81 -1.59
C PHE B 197 24.52 35.27 -1.69
N VAL B 198 24.43 35.98 -0.57
CA VAL B 198 24.78 37.39 -0.50
C VAL B 198 25.95 37.68 0.42
N GLY B 199 26.39 36.74 1.24
CA GLY B 199 27.50 37.02 2.14
C GLY B 199 27.81 35.85 3.03
N ALA B 200 28.99 35.90 3.65
CA ALA B 200 29.47 34.85 4.53
C ALA B 200 30.38 35.47 5.58
N ILE B 201 30.09 35.19 6.85
CA ILE B 201 30.81 35.77 7.98
C ILE B 201 31.40 34.63 8.81
N GLU B 202 32.61 34.85 9.32
CA GLU B 202 33.21 33.95 10.29
C GLU B 202 32.92 34.47 11.69
N ARG B 203 32.57 33.56 12.60
CA ARG B 203 32.18 33.99 13.96
C ARG B 203 32.25 32.82 14.93
N ASN B 204 33.12 32.93 15.94
CA ASN B 204 33.01 32.14 17.17
C ASN B 204 32.97 30.64 16.90
N GLY B 205 33.78 30.19 15.96
CA GLY B 205 33.78 28.76 15.67
C GLY B 205 32.67 28.28 14.76
N TYR B 206 31.87 29.19 14.21
CA TYR B 206 30.90 28.89 13.17
C TYR B 206 31.27 29.65 11.89
N VAL B 207 30.54 29.36 10.81
CA VAL B 207 30.58 30.19 9.61
C VAL B 207 29.14 30.42 9.18
N LEU B 208 28.75 31.69 9.10
CA LEU B 208 27.38 32.06 8.78
C LEU B 208 27.26 32.36 7.29
N PHE B 209 26.18 31.89 6.68
CA PHE B 209 25.90 32.13 5.27
C PHE B 209 24.57 32.83 5.15
N PHE B 210 24.54 33.91 4.39
CA PHE B 210 23.35 34.74 4.21
C PHE B 210 22.86 34.57 2.78
N PHE B 211 21.59 34.22 2.62
CA PHE B 211 21.07 34.01 1.27
C PHE B 211 19.55 34.08 1.27
N ARG B 212 19.00 34.21 0.07
CA ARG B 212 17.58 34.05 -0.16
C ARG B 212 17.32 32.74 -0.88
N GLU B 213 16.18 32.13 -0.60
CA GLU B 213 15.90 30.74 -0.97
C GLU B 213 14.44 30.63 -1.36
N LEU B 214 14.11 29.54 -2.06
CA LEU B 214 12.72 29.21 -2.33
C LEU B 214 12.07 28.59 -1.10
N SER B 215 10.80 28.90 -0.89
CA SER B 215 10.07 28.44 0.29
C SER B 215 9.41 27.10 -0.01
N MET B 216 9.88 26.05 0.67
CA MET B 216 9.13 24.82 0.81
C MET B 216 8.84 24.53 2.28
N GLU B 217 9.15 25.48 3.17
CA GLU B 217 8.99 25.27 4.60
C GLU B 217 7.53 25.15 5.00
N VAL B 218 6.68 26.02 4.46
CA VAL B 218 5.25 26.04 4.79
C VAL B 218 4.53 25.03 3.90
N MET B 219 3.56 24.32 4.49
CA MET B 219 2.85 23.28 3.76
C MET B 219 2.08 23.81 2.56
N ASN B 220 1.78 25.12 2.55
CA ASN B 220 1.06 25.77 1.46
C ASN B 220 1.95 26.77 0.72
N PHE B 221 3.19 26.36 0.42
CA PHE B 221 4.10 27.26 -0.27
C PHE B 221 3.72 27.42 -1.74
N GLY B 222 3.94 28.62 -2.27
CA GLY B 222 3.61 28.90 -3.65
C GLY B 222 4.65 29.75 -4.35
N LYS B 223 5.87 29.21 -4.50
CA LYS B 223 6.97 29.91 -5.16
C LYS B 223 7.30 31.23 -4.47
N ALA B 224 7.34 31.21 -3.14
CA ALA B 224 7.72 32.35 -2.33
C ALA B 224 9.21 32.31 -2.02
N VAL B 225 9.80 33.49 -1.87
CA VAL B 225 11.22 33.62 -1.58
C VAL B 225 11.39 34.15 -0.16
N TYR B 226 12.20 33.46 0.63
CA TYR B 226 12.50 33.82 2.00
C TYR B 226 14.01 33.91 2.16
N SER B 227 14.45 34.72 3.12
CA SER B 227 15.87 34.93 3.34
C SER B 227 16.33 34.16 4.57
N ARG B 228 17.48 33.51 4.46
CA ARG B 228 17.95 32.64 5.52
C ARG B 228 19.31 33.09 6.02
N VAL B 229 19.63 32.67 7.24
CA VAL B 229 21.00 32.66 7.73
C VAL B 229 21.32 31.21 8.11
N ALA B 230 22.40 30.68 7.53
CA ALA B 230 22.82 29.30 7.76
C ALA B 230 24.10 29.26 8.57
N ARG B 231 24.45 28.07 9.05
CA ARG B 231 25.55 27.93 9.99
C ARG B 231 26.17 26.54 9.84
N VAL B 232 27.50 26.46 9.89
CA VAL B 232 28.20 25.19 9.96
C VAL B 232 29.34 25.32 10.94
N CYS B 233 29.58 24.27 11.72
CA CYS B 233 30.70 24.29 12.65
C CYS B 233 32.01 24.17 11.88
N LYS B 234 33.04 24.87 12.37
CA LYS B 234 34.32 24.80 11.67
C LYS B 234 35.06 23.50 11.98
N ASN B 235 34.82 22.90 13.14
CA ASN B 235 35.44 21.63 13.50
C ASN B 235 34.58 20.43 13.10
N ASP B 236 33.68 20.63 12.15
CA ASP B 236 32.89 19.53 11.61
C ASP B 236 33.79 18.60 10.80
N ARG B 237 33.62 17.29 11.01
CA ARG B 237 34.44 16.32 10.29
C ARG B 237 33.61 15.23 9.62
N GLY B 238 32.31 15.46 9.46
CA GLY B 238 31.42 14.49 8.87
C GLY B 238 30.92 13.48 9.88
N GLY B 239 29.86 12.76 9.50
CA GLY B 239 29.31 11.75 10.34
C GLY B 239 30.02 10.42 10.17
N PRO B 240 29.53 9.43 10.89
CA PRO B 240 30.16 8.10 10.82
C PRO B 240 29.80 7.36 9.54
N TYR B 241 30.73 6.50 9.11
CA TYR B 241 30.53 5.63 7.96
C TYR B 241 30.24 6.40 6.68
N SER B 242 29.00 6.34 6.19
CA SER B 242 28.67 6.98 4.92
C SER B 242 28.45 8.48 5.04
N HIS B 243 28.11 8.96 6.23
CA HIS B 243 27.94 10.39 6.47
C HIS B 243 29.25 11.17 6.48
N GLY B 244 30.40 10.51 6.34
CA GLY B 244 31.72 11.10 6.44
C GLY B 244 32.03 12.20 5.44
N LYS B 245 31.18 12.42 4.44
CA LYS B 245 31.38 13.46 3.44
C LYS B 245 30.34 14.58 3.52
N SER B 246 29.56 14.65 4.60
CA SER B 246 28.47 15.62 4.67
C SER B 246 28.40 16.31 6.04
N TRP B 247 27.84 17.51 6.03
CA TRP B 247 27.80 18.33 7.24
C TRP B 247 26.93 17.68 8.29
N THR B 248 27.40 17.71 9.53
CA THR B 248 26.59 17.28 10.67
C THR B 248 26.10 18.47 11.48
N SER B 249 26.23 19.69 10.96
CA SER B 249 25.89 20.86 11.74
C SER B 249 25.14 21.92 10.95
N PHE B 250 24.66 21.61 9.75
CA PHE B 250 24.02 22.63 8.92
C PHE B 250 22.64 22.96 9.47
N LEU B 251 22.43 24.23 9.83
CA LEU B 251 21.16 24.71 10.34
C LEU B 251 20.90 26.10 9.77
N LYS B 252 19.64 26.41 9.52
CA LYS B 252 19.29 27.72 8.97
C LYS B 252 18.06 28.29 9.65
N ALA B 253 17.95 29.61 9.62
CA ALA B 253 16.85 30.33 10.22
C ALA B 253 16.41 31.46 9.30
N ARG B 254 15.12 31.78 9.34
CA ARG B 254 14.60 32.87 8.54
C ARG B 254 14.93 34.21 9.18
N LEU B 255 15.26 35.21 8.36
CA LEU B 255 15.45 36.57 8.83
C LEU B 255 14.15 37.35 8.74
N ASN B 256 13.85 38.12 9.80
CA ASN B 256 12.60 38.89 9.91
C ASN B 256 12.93 40.37 9.72
N CYS B 257 12.68 40.90 8.52
CA CYS B 257 12.80 42.32 8.23
C CYS B 257 11.44 42.87 7.84
N SER B 258 10.49 42.84 8.77
CA SER B 258 9.15 43.29 8.49
C SER B 258 8.83 44.58 9.24
N VAL B 259 7.87 45.31 8.72
CA VAL B 259 7.29 46.46 9.41
C VAL B 259 6.19 45.92 10.33
N GLY B 261 3.08 46.05 13.47
CA GLY B 261 1.82 46.74 13.61
C GLY B 261 0.67 45.87 13.18
N GLU B 262 -0.50 46.51 13.07
CA GLU B 262 -1.69 45.77 12.66
C GLU B 262 -1.60 45.33 11.20
N PHE B 263 -0.90 46.10 10.36
CA PHE B 263 -0.79 45.86 8.92
C PHE B 263 0.67 45.55 8.57
N PRO B 264 1.11 44.31 8.78
CA PRO B 264 2.52 44.00 8.55
C PRO B 264 2.90 44.16 7.08
N PHE B 265 4.18 44.43 6.86
CA PHE B 265 4.74 44.61 5.52
C PHE B 265 6.12 43.94 5.50
N TYR B 266 6.28 42.92 4.66
CA TYR B 266 7.49 42.12 4.70
C TYR B 266 8.39 42.45 3.51
N PHE B 267 9.69 42.52 3.78
CA PHE B 267 10.74 42.64 2.76
C PHE B 267 11.52 41.33 2.81
N ASP B 268 11.21 40.40 1.90
CA ASP B 268 11.62 39.01 2.08
C ASP B 268 12.86 38.60 1.29
N GLU B 269 13.34 39.43 0.36
CA GLU B 269 14.48 39.07 -0.48
C GLU B 269 15.70 39.86 -0.04
N ILE B 270 16.64 39.18 0.62
CA ILE B 270 17.85 39.84 1.09
C ILE B 270 18.78 40.10 -0.08
N GLN B 271 19.41 41.26 -0.10
CA GLN B 271 20.18 41.70 -1.24
C GLN B 271 21.65 41.86 -0.94
N ALA B 272 22.01 42.39 0.22
CA ALA B 272 23.41 42.57 0.57
C ALA B 272 23.51 42.64 2.08
N ILE B 273 24.65 42.20 2.61
CA ILE B 273 24.95 42.33 4.02
C ILE B 273 26.22 43.14 4.20
N SER B 274 26.53 43.44 5.44
CA SER B 274 27.75 44.13 5.80
C SER B 274 28.61 43.19 6.65
N PRO B 275 29.89 43.48 6.80
CA PRO B 275 30.67 42.80 7.84
C PRO B 275 30.06 43.06 9.21
N ILE B 276 30.49 42.25 10.19
CA ILE B 276 30.06 42.49 11.55
C ILE B 276 30.53 43.87 12.01
N VAL B 277 29.63 44.62 12.61
CA VAL B 277 29.88 45.99 13.04
C VAL B 277 29.80 46.04 14.56
N GLU B 278 30.84 46.56 15.19
CA GLU B 278 30.86 46.64 16.65
C GLU B 278 30.30 47.99 17.06
N SER B 279 28.99 48.02 17.35
CA SER B 279 28.30 49.22 17.79
C SER B 279 28.21 49.18 19.32
N GLY B 280 29.25 49.67 19.97
CA GLY B 280 29.24 49.64 21.43
C GLY B 280 29.41 48.21 21.88
N SER B 281 28.58 47.79 22.84
CA SER B 281 28.64 46.43 23.37
C SER B 281 27.93 45.42 22.49
N LYS B 282 27.21 45.87 21.46
CA LYS B 282 26.43 45.00 20.61
C LYS B 282 27.17 44.75 19.30
N SER B 283 27.23 43.49 18.88
CA SER B 283 27.69 43.15 17.54
C SER B 283 26.48 43.10 16.62
N LEU B 284 26.54 43.81 15.51
CA LEU B 284 25.42 43.94 14.59
C LEU B 284 25.84 43.60 13.17
N ILE B 285 24.89 43.06 12.40
CA ILE B 285 25.05 42.85 10.97
C ILE B 285 23.94 43.61 10.26
N TYR B 286 24.31 44.51 9.36
CA TYR B 286 23.34 45.31 8.62
C TYR B 286 23.06 44.67 7.26
N ALA B 287 21.78 44.67 6.87
CA ALA B 287 21.37 44.00 5.64
C ALA B 287 20.36 44.83 4.88
N VAL B 288 20.38 44.69 3.55
CA VAL B 288 19.42 45.33 2.66
C VAL B 288 18.43 44.27 2.20
N PHE B 289 17.15 44.60 2.26
CA PHE B 289 16.10 43.69 1.81
C PHE B 289 15.23 44.40 0.78
N THR B 290 14.54 43.60 -0.03
CA THR B 290 13.62 44.13 -1.02
C THR B 290 12.40 43.23 -1.13
N THR B 291 11.36 43.74 -1.75
CA THR B 291 10.15 42.95 -1.94
C THR B 291 10.31 42.06 -3.17
N SER B 292 9.45 41.05 -3.26
CA SER B 292 9.53 40.14 -4.37
C SER B 292 9.02 40.80 -5.64
N VAL B 293 9.33 40.17 -6.78
CA VAL B 293 8.79 40.65 -8.04
C VAL B 293 7.28 40.42 -8.07
N ASN B 294 6.59 41.22 -8.88
CA ASN B 294 5.13 41.24 -8.94
C ASN B 294 4.52 41.49 -7.56
N ALA B 295 5.21 42.30 -6.76
CA ALA B 295 4.69 42.77 -5.48
C ALA B 295 4.90 44.27 -5.41
N ILE B 296 4.35 44.88 -4.37
CA ILE B 296 4.51 46.32 -4.15
C ILE B 296 6.01 46.58 -4.06
N PRO B 297 6.61 47.28 -5.04
CA PRO B 297 8.07 47.43 -5.06
C PRO B 297 8.58 48.26 -3.88
N GLY B 298 9.65 47.79 -3.26
CA GLY B 298 10.15 48.44 -2.06
C GLY B 298 11.45 47.82 -1.57
N SER B 299 12.21 48.65 -0.86
CA SER B 299 13.49 48.27 -0.25
C SER B 299 13.46 48.60 1.23
N ALA B 300 14.38 47.99 1.96
CA ALA B 300 14.49 48.26 3.39
C ALA B 300 15.92 47.97 3.83
N VAL B 301 16.31 48.57 4.95
CA VAL B 301 17.54 48.22 5.63
C VAL B 301 17.18 47.73 7.03
N CYS B 302 17.73 46.57 7.40
CA CYS B 302 17.52 46.01 8.72
C CYS B 302 18.87 45.70 9.36
N ALA B 303 18.85 45.48 10.67
CA ALA B 303 20.07 45.14 11.39
C ALA B 303 19.73 44.07 12.39
N PHE B 304 20.61 43.08 12.52
CA PHE B 304 20.37 41.92 13.37
C PHE B 304 21.53 41.74 14.32
N ASN B 305 21.22 41.55 15.60
CA ASN B 305 22.28 41.31 16.57
C ASN B 305 22.88 39.94 16.33
N VAL B 306 24.21 39.85 16.42
CA VAL B 306 24.87 38.56 16.20
C VAL B 306 24.42 37.56 17.25
N ASP B 307 24.12 38.03 18.47
CA ASP B 307 23.63 37.13 19.52
C ASP B 307 22.22 36.62 19.22
N ASP B 308 21.39 37.43 18.53
CA ASP B 308 20.06 36.97 18.16
C ASP B 308 20.12 35.92 17.06
N ILE B 309 21.07 36.04 16.15
CA ILE B 309 21.26 35.04 15.10
C ILE B 309 21.60 33.69 15.72
N LEU B 310 22.61 33.67 16.58
CA LEU B 310 23.02 32.41 17.20
C LEU B 310 21.96 31.87 18.15
N ALA B 311 21.21 32.76 18.81
CA ALA B 311 20.21 32.29 19.77
C ALA B 311 19.07 31.55 19.08
N ALA B 312 18.81 31.86 17.80
CA ALA B 312 17.71 31.19 17.11
C ALA B 312 18.01 29.71 16.91
N PHE B 313 19.29 29.34 16.78
CA PHE B 313 19.69 27.95 16.61
C PHE B 313 19.59 27.13 17.88
N ASP B 314 19.10 27.73 18.98
CA ASP B 314 18.91 27.05 20.25
C ASP B 314 17.45 26.72 20.54
N GLY B 315 16.52 27.17 19.70
CA GLY B 315 15.11 26.91 19.87
C GLY B 315 14.63 25.69 19.11
N GLU B 316 13.32 25.61 18.92
CA GLU B 316 12.74 24.42 18.32
C GLU B 316 13.12 24.31 16.84
N PHE B 317 13.02 23.09 16.31
CA PHE B 317 13.20 22.83 14.89
C PHE B 317 11.83 22.84 14.22
N LYS B 318 11.84 23.09 12.91
CA LYS B 318 10.60 23.09 12.16
C LYS B 318 10.36 21.72 11.55
N SER B 319 9.13 21.24 11.67
CA SER B 319 8.78 19.90 11.24
C SER B 319 8.79 19.76 9.72
N GLY B 341 23.54 20.42 16.11
CA GLY B 341 24.02 21.74 15.77
C GLY B 341 25.18 22.20 16.64
N GLN B 342 25.24 21.74 17.89
CA GLN B 342 26.40 22.01 18.72
C GLN B 342 27.63 21.35 18.10
N CYS B 343 28.78 21.96 18.33
CA CYS B 343 30.03 21.51 17.72
C CYS B 343 30.72 20.54 18.67
N VAL B 344 30.66 19.25 18.34
CA VAL B 344 31.33 18.21 19.09
C VAL B 344 32.74 18.03 18.54
N GLU B 345 33.68 17.61 19.40
CA GLU B 345 35.08 17.53 19.01
C GLU B 345 35.29 16.55 17.86
N ASP B 346 34.60 15.42 17.87
CA ASP B 346 34.66 14.46 16.76
C ASP B 346 33.22 14.14 16.33
N SER B 347 32.75 14.85 15.30
CA SER B 347 31.43 14.60 14.75
C SER B 347 31.31 13.20 14.15
N ARG B 348 32.41 12.48 13.95
CA ARG B 348 32.34 11.11 13.47
C ARG B 348 31.93 10.12 14.55
N THR B 349 31.70 10.58 15.78
CA THR B 349 31.23 9.74 16.89
C THR B 349 29.73 9.85 17.12
N LEU B 350 29.04 10.70 16.37
CA LEU B 350 27.60 10.86 16.50
C LEU B 350 26.88 9.59 16.05
N THR B 351 25.59 9.51 16.35
CA THR B 351 24.80 8.35 15.99
C THR B 351 24.13 8.57 14.65
N SER B 352 23.85 7.46 13.94
CA SER B 352 23.09 7.56 12.71
C SER B 352 21.74 8.24 12.96
N ILE B 353 21.17 8.01 14.15
CA ILE B 353 19.89 8.65 14.49
C ILE B 353 20.06 10.16 14.53
N ALA B 354 21.16 10.64 15.13
CA ALA B 354 21.36 12.08 15.31
C ALA B 354 21.66 12.79 13.99
N VAL B 355 22.55 12.21 13.19
CA VAL B 355 22.95 12.87 11.94
C VAL B 355 21.80 12.86 10.94
N ASN B 356 21.05 11.75 10.87
CA ASN B 356 19.89 11.72 10.00
C ASN B 356 18.83 12.72 10.44
N PHE B 357 18.72 12.96 11.75
CA PHE B 357 17.77 13.94 12.26
C PHE B 357 18.09 15.33 11.73
N ILE B 358 19.34 15.77 11.91
CA ILE B 358 19.71 17.12 11.52
C ILE B 358 19.67 17.29 10.00
N LYS B 359 19.81 16.21 9.23
CA LYS B 359 19.67 16.28 7.78
C LYS B 359 18.20 16.33 7.34
N ASN B 360 17.28 15.97 8.22
CA ASN B 360 15.85 16.10 7.95
C ASN B 360 15.19 17.27 8.66
N HIS B 361 15.92 17.99 9.52
CA HIS B 361 15.38 19.18 10.19
C HIS B 361 16.45 20.28 10.19
N PRO B 362 16.84 20.76 9.02
CA PRO B 362 17.88 21.80 8.97
C PRO B 362 17.36 23.21 9.22
N LEU B 363 16.04 23.38 9.28
CA LEU B 363 15.43 24.71 9.42
C LEU B 363 14.93 24.89 10.83
N MET B 364 15.32 26.00 11.46
CA MET B 364 14.84 26.34 12.79
C MET B 364 13.43 26.89 12.72
N GLU B 365 12.74 26.83 13.87
CA GLU B 365 11.36 27.29 13.95
C GLU B 365 11.28 28.81 14.06
N GLU B 366 12.10 29.38 14.95
CA GLU B 366 12.02 30.80 15.23
C GLU B 366 12.73 31.60 14.14
N ALA B 367 12.21 32.79 13.89
CA ALA B 367 12.82 33.71 12.93
C ALA B 367 13.68 34.72 13.69
N VAL B 368 14.82 35.06 13.11
CA VAL B 368 15.75 35.99 13.74
C VAL B 368 15.11 37.38 13.73
N PRO B 369 14.85 37.97 14.89
CA PRO B 369 14.24 39.29 14.92
C PRO B 369 15.23 40.39 14.59
N ALA B 370 14.69 41.55 14.27
CA ALA B 370 15.49 42.71 13.86
C ALA B 370 15.68 43.66 15.04
N VAL B 371 16.78 44.42 14.97
CA VAL B 371 17.05 45.46 15.96
C VAL B 371 15.94 46.51 15.89
N HIS B 372 15.45 46.91 17.08
CA HIS B 372 14.33 47.87 17.21
C HIS B 372 13.04 47.26 16.70
N GLY B 373 13.10 46.00 16.27
CA GLY B 373 11.93 45.31 15.78
C GLY B 373 11.34 45.85 14.51
N ARG B 374 12.05 46.72 13.79
CA ARG B 374 11.54 47.28 12.55
C ARG B 374 12.72 47.64 11.66
N PRO B 375 12.48 47.95 10.39
CA PRO B 375 13.58 48.43 9.54
C PRO B 375 14.08 49.80 9.97
N LEU B 376 15.38 50.02 9.73
CA LEU B 376 16.00 51.32 10.05
C LEU B 376 15.72 52.37 8.98
N LEU B 377 15.49 51.95 7.75
CA LEU B 377 15.11 52.82 6.64
C LEU B 377 14.21 52.02 5.71
N THR B 378 13.21 52.67 5.13
CA THR B 378 12.31 52.03 4.17
C THR B 378 12.10 52.91 2.95
N LYS B 379 12.02 52.27 1.78
CA LYS B 379 11.79 52.98 0.50
C LYS B 379 10.78 52.15 -0.29
N VAL B 380 9.51 52.46 -0.12
CA VAL B 380 8.42 51.72 -0.74
C VAL B 380 7.85 52.54 -1.88
N ASN B 381 7.52 51.86 -2.98
CA ASN B 381 6.88 52.43 -4.16
C ASN B 381 7.70 53.56 -4.77
N LEU B 382 9.01 53.59 -4.51
CA LEU B 382 9.89 54.53 -5.18
C LEU B 382 10.34 53.94 -6.52
N HIS B 383 11.11 54.71 -7.28
CA HIS B 383 11.55 54.21 -8.58
C HIS B 383 12.75 53.28 -8.45
N HIS B 384 13.60 53.49 -7.45
CA HIS B 384 14.84 52.74 -7.31
C HIS B 384 14.77 51.77 -6.13
N ARG B 385 15.70 50.82 -6.13
CA ARG B 385 15.82 49.80 -5.11
C ARG B 385 17.20 49.87 -4.48
N LEU B 386 17.28 49.55 -3.19
CA LEU B 386 18.57 49.52 -2.49
C LEU B 386 19.31 48.22 -2.83
N THR B 387 20.63 48.31 -2.93
CA THR B 387 21.45 47.20 -3.41
C THR B 387 22.70 46.91 -2.61
N ALA B 388 23.21 47.85 -1.83
CA ALA B 388 24.44 47.59 -1.10
C ALA B 388 24.41 48.36 0.21
N ILE B 389 25.26 47.94 1.14
CA ILE B 389 25.25 48.49 2.49
C ILE B 389 26.67 48.58 3.02
N ALA B 390 26.94 49.63 3.79
CA ALA B 390 28.20 49.80 4.49
C ALA B 390 27.98 50.80 5.63
N VAL B 391 28.71 50.61 6.73
CA VAL B 391 28.48 51.36 7.96
C VAL B 391 29.79 51.92 8.51
N HIS B 392 29.76 53.19 8.94
CA HIS B 392 30.82 53.81 9.73
C HIS B 392 30.39 53.81 11.19
N PRO B 393 30.87 52.87 12.00
CA PRO B 393 30.32 52.68 13.34
C PRO B 393 30.81 53.71 14.34
N GLN B 394 29.89 54.09 15.24
CA GLN B 394 30.21 54.79 16.48
C GLN B 394 30.87 56.14 16.21
N VAL B 395 30.17 56.97 15.45
CA VAL B 395 30.54 58.36 15.24
C VAL B 395 29.99 59.16 16.41
N LYS B 396 30.89 59.69 17.26
CA LYS B 396 30.48 60.40 18.46
C LYS B 396 29.97 61.80 18.11
N SER B 397 28.71 62.08 18.44
CA SER B 397 28.09 63.35 18.10
C SER B 397 28.60 64.46 19.04
N LEU B 398 27.99 65.64 18.94
CA LEU B 398 28.43 66.76 19.76
C LEU B 398 28.05 66.56 21.22
N SER B 399 26.86 66.01 21.46
CA SER B 399 26.41 65.70 22.81
C SER B 399 27.15 64.52 23.41
N GLY B 400 27.97 63.81 22.63
CA GLY B 400 28.66 62.63 23.10
C GLY B 400 27.93 61.33 22.84
N ALA B 401 26.79 61.37 22.17
CA ALA B 401 26.08 60.17 21.76
C ALA B 401 26.81 59.53 20.59
N TYR B 402 26.80 58.19 20.56
CA TYR B 402 27.40 57.43 19.47
C TYR B 402 26.31 57.01 18.50
N TYR B 403 26.49 57.35 17.23
CA TYR B 403 25.55 56.98 16.18
C TYR B 403 26.30 56.24 15.08
N ASP B 404 25.75 55.10 14.66
CA ASP B 404 26.26 54.45 13.46
C ASP B 404 25.75 55.19 12.22
N VAL B 405 26.65 55.51 11.32
CA VAL B 405 26.28 56.17 10.07
C VAL B 405 26.17 55.11 8.98
N ILE B 406 25.02 55.04 8.33
CA ILE B 406 24.70 53.97 7.41
C ILE B 406 24.71 54.50 5.99
N TYR B 407 25.44 53.81 5.11
CA TYR B 407 25.50 54.14 3.69
C TYR B 407 24.86 52.99 2.91
N SER B 408 23.84 53.32 2.11
CA SER B 408 23.17 52.33 1.29
C SER B 408 23.07 52.85 -0.13
N GLY B 409 23.57 52.08 -1.10
CA GLY B 409 23.51 52.46 -2.48
C GLY B 409 22.29 51.89 -3.19
N THR B 410 21.81 52.63 -4.19
CA THR B 410 20.65 52.26 -4.97
C THR B 410 21.08 51.68 -6.32
N ASP B 411 20.11 51.06 -7.01
CA ASP B 411 20.37 50.47 -8.31
C ASP B 411 20.42 51.49 -9.45
N ASP B 412 20.33 52.79 -9.13
CA ASP B 412 20.51 53.86 -10.12
C ASP B 412 21.63 54.80 -9.71
N GLY B 413 22.56 54.35 -8.88
CA GLY B 413 23.79 55.07 -8.65
C GLY B 413 23.76 56.16 -7.59
N LYS B 414 22.86 56.08 -6.62
CA LYS B 414 22.86 57.01 -5.51
C LYS B 414 23.40 56.34 -4.26
N VAL B 415 23.80 57.16 -3.28
CA VAL B 415 24.18 56.67 -1.96
C VAL B 415 23.43 57.47 -0.92
N THR B 416 22.64 56.79 -0.11
CA THR B 416 21.88 57.41 0.97
C THR B 416 22.65 57.26 2.27
N LYS B 417 22.82 58.38 2.98
CA LYS B 417 23.45 58.42 4.29
C LYS B 417 22.39 58.74 5.33
N PHE B 418 22.43 58.03 6.47
CA PHE B 418 21.41 58.26 7.50
C PHE B 418 21.84 57.66 8.83
N ILE B 419 21.19 58.13 9.90
CA ILE B 419 21.32 57.58 11.23
C ILE B 419 19.93 57.27 11.75
N ASN B 420 19.87 56.64 12.93
CA ASN B 420 18.62 56.39 13.64
C ASN B 420 18.74 56.93 15.04
N ILE B 421 17.71 57.63 15.49
CA ILE B 421 17.64 58.18 16.85
C ILE B 421 16.48 57.53 17.56
N LEU B 422 16.73 57.03 18.77
CA LEU B 422 15.70 56.37 19.56
C LEU B 422 15.23 57.33 20.64
N SER B 423 14.39 58.29 20.23
CA SER B 423 13.87 59.28 21.17
C SER B 423 12.94 58.59 22.17
N THR B 424 13.26 58.73 23.45
CA THR B 424 12.50 58.06 24.50
C THR B 424 11.29 58.89 24.88
N HIS B 425 10.11 58.37 24.60
CA HIS B 425 8.84 59.04 24.89
C HIS B 425 8.78 60.46 24.34
N PRO B 426 8.86 60.63 23.00
CA PRO B 426 8.74 61.98 22.43
C PRO B 426 7.30 62.34 22.10
N ASN B 427 6.51 61.34 21.71
CA ASN B 427 5.12 61.56 21.34
C ASN B 427 4.16 60.48 21.86
N SER B 428 4.67 59.41 22.49
CA SER B 428 3.84 58.35 23.02
C SER B 428 4.63 57.62 24.11
N THR B 429 3.98 56.65 24.76
CA THR B 429 4.63 55.90 25.83
C THR B 429 5.58 54.84 25.29
N VAL B 430 5.34 54.31 24.08
CA VAL B 430 6.26 53.39 23.43
C VAL B 430 7.33 54.19 22.70
N ASP B 431 8.58 53.75 22.84
CA ASP B 431 9.70 54.46 22.23
C ASP B 431 9.55 54.50 20.71
N ARG B 432 9.82 55.66 20.12
CA ARG B 432 9.64 55.88 18.69
C ARG B 432 11.00 56.02 18.02
N LEU B 433 11.26 55.15 17.04
CA LEU B 433 12.50 55.20 16.26
C LEU B 433 12.30 56.11 15.06
N LYS B 434 13.29 56.94 14.78
CA LYS B 434 13.20 57.89 13.67
C LYS B 434 14.44 57.77 12.78
N THR B 435 14.22 57.95 11.49
CA THR B 435 15.28 57.92 10.49
C THR B 435 15.66 59.36 10.16
N VAL B 436 16.92 59.70 10.37
CA VAL B 436 17.46 61.02 10.02
C VAL B 436 18.31 60.82 8.78
N VAL B 437 17.82 61.32 7.64
CA VAL B 437 18.53 61.19 6.37
C VAL B 437 19.49 62.35 6.23
N ILE B 438 20.78 62.04 6.07
CA ILE B 438 21.80 63.08 6.01
C ILE B 438 21.94 63.62 4.60
N SER B 439 22.04 62.73 3.61
CA SER B 439 22.19 63.11 2.21
C SER B 439 21.85 61.91 1.35
N GLU B 440 21.32 62.19 0.15
CA GLU B 440 21.05 61.16 -0.86
C GLU B 440 21.54 61.72 -2.19
N MET B 441 22.80 61.48 -2.51
CA MET B 441 23.41 62.11 -3.68
C MET B 441 23.69 61.09 -4.78
N GLN B 442 23.85 61.61 -5.98
CA GLN B 442 24.18 60.81 -7.15
C GLN B 442 25.70 60.65 -7.22
N VAL B 443 26.18 59.42 -7.24
CA VAL B 443 27.60 59.14 -7.32
C VAL B 443 27.98 58.60 -8.70
N LEU B 444 27.28 57.60 -9.15
CA LEU B 444 27.46 57.01 -10.46
C LEU B 444 26.46 57.58 -11.44
N PRO B 445 26.74 57.49 -12.76
CA PRO B 445 25.76 57.96 -13.75
C PRO B 445 24.35 57.43 -13.53
N LEU B 446 23.35 58.15 -14.06
CA LEU B 446 21.98 58.04 -13.55
C LEU B 446 21.44 56.61 -13.54
N GLY B 447 21.95 55.73 -14.40
CA GLY B 447 21.32 54.42 -14.47
C GLY B 447 22.11 53.26 -13.91
N THR B 448 23.33 53.50 -13.47
CA THR B 448 24.25 52.39 -13.24
C THR B 448 24.04 51.81 -11.84
N PRO B 449 23.88 50.50 -11.71
CA PRO B 449 23.62 49.92 -10.39
C PRO B 449 24.88 49.87 -9.53
N ILE B 450 24.73 50.28 -8.27
CA ILE B 450 25.81 50.17 -7.28
C ILE B 450 25.84 48.74 -6.75
N ARG B 451 26.93 48.04 -7.00
CA ARG B 451 27.04 46.64 -6.59
C ARG B 451 27.52 46.48 -5.15
N GLU B 452 28.55 47.21 -4.74
CA GLU B 452 29.09 47.05 -3.40
C GLU B 452 29.51 48.41 -2.87
N LEU B 453 29.82 48.46 -1.57
CA LEU B 453 30.42 49.63 -0.95
C LEU B 453 31.53 49.17 -0.01
N VAL B 454 32.63 49.92 -0.01
CA VAL B 454 33.77 49.67 0.87
C VAL B 454 34.14 50.98 1.55
N ILE B 455 34.26 50.95 2.88
CA ILE B 455 34.51 52.14 3.67
C ILE B 455 35.96 52.14 4.13
N SER B 456 36.60 53.31 4.02
CA SER B 456 37.94 53.53 4.54
C SER B 456 37.84 54.68 5.53
N THR B 457 37.66 54.35 6.80
CA THR B 457 37.57 55.38 7.85
C THR B 457 38.85 56.19 7.96
N SER B 458 39.97 55.64 7.47
CA SER B 458 41.24 56.33 7.55
C SER B 458 41.30 57.48 6.56
N LYS B 459 41.07 57.20 5.28
CA LYS B 459 41.14 58.22 4.24
C LYS B 459 39.87 59.06 4.13
N ASN B 460 38.89 58.83 5.00
CA ASN B 460 37.59 59.50 4.91
C ASN B 460 37.00 59.38 3.51
N SER B 461 37.10 58.18 2.94
CA SER B 461 36.66 57.92 1.58
C SER B 461 35.71 56.72 1.57
N LEU B 462 34.70 56.79 0.71
CA LEU B 462 33.74 55.72 0.48
C LEU B 462 33.90 55.27 -0.97
N VAL B 463 34.35 54.02 -1.16
CA VAL B 463 34.55 53.47 -2.50
C VAL B 463 33.24 52.85 -2.97
N VAL B 464 32.72 53.37 -4.09
CA VAL B 464 31.51 52.84 -4.69
C VAL B 464 31.92 51.91 -5.82
N VAL B 465 31.34 50.71 -5.86
CA VAL B 465 31.72 49.68 -6.81
C VAL B 465 30.54 49.41 -7.73
N SER B 466 30.75 49.60 -9.03
CA SER B 466 29.82 49.22 -10.07
C SER B 466 30.40 48.05 -10.84
N ASP B 467 29.76 47.69 -11.95
CA ASP B 467 30.23 46.52 -12.70
C ASP B 467 31.57 46.80 -13.36
N GLY B 468 31.78 48.01 -13.85
CA GLY B 468 33.05 48.26 -14.48
C GLY B 468 33.78 49.49 -13.97
N SER B 469 33.53 49.92 -12.74
CA SER B 469 34.26 51.07 -12.23
C SER B 469 34.33 51.01 -10.71
N LEU B 470 35.25 51.80 -10.16
CA LEU B 470 35.28 52.15 -8.75
C LEU B 470 35.35 53.67 -8.66
N VAL B 471 34.44 54.25 -7.89
CA VAL B 471 34.46 55.68 -7.63
C VAL B 471 34.57 55.89 -6.13
N SER B 472 35.36 56.87 -5.72
CA SER B 472 35.48 57.22 -4.31
C SER B 472 34.87 58.60 -4.07
N VAL B 473 34.14 58.73 -2.97
CA VAL B 473 33.53 60.01 -2.59
C VAL B 473 33.94 60.27 -1.14
N PRO B 474 33.73 61.49 -0.64
CA PRO B 474 34.05 61.74 0.77
C PRO B 474 33.10 60.96 1.69
N LEU B 475 33.67 60.39 2.74
CA LEU B 475 32.86 59.71 3.73
C LEU B 475 32.04 60.73 4.55
N HIS B 476 32.64 61.86 4.90
CA HIS B 476 31.97 62.94 5.61
C HIS B 476 32.26 64.26 4.92
N HIS B 477 31.22 65.08 4.74
CA HIS B 477 31.28 66.30 3.94
C HIS B 477 31.43 67.56 4.78
N CYS B 478 32.09 67.49 5.95
CA CYS B 478 32.11 68.67 6.83
C CYS B 478 32.90 69.81 6.20
N SER B 479 34.00 69.50 5.55
CA SER B 479 34.86 70.54 5.00
C SER B 479 34.19 71.27 3.84
N HIS B 480 33.32 70.59 3.09
CA HIS B 480 32.78 71.16 1.86
C HIS B 480 31.80 72.29 2.13
N ILE B 481 30.96 72.17 3.15
CA ILE B 481 29.93 73.15 3.41
C ILE B 481 30.54 74.38 4.10
N VAL B 482 29.99 75.56 3.80
CA VAL B 482 30.47 76.81 4.35
C VAL B 482 29.36 77.66 4.93
N ASP B 483 28.11 77.24 4.84
CA ASP B 483 26.96 78.00 5.32
C ASP B 483 26.44 77.40 6.62
N CYS B 484 25.94 78.26 7.52
CA CYS B 484 25.44 77.77 8.81
C CYS B 484 24.21 76.89 8.64
N LEU B 485 23.26 77.32 7.81
CA LEU B 485 22.06 76.53 7.58
C LEU B 485 22.40 75.15 7.05
N GLY B 486 23.36 75.07 6.13
CA GLY B 486 23.74 73.78 5.56
C GLY B 486 24.38 72.87 6.58
N CYS B 487 25.22 73.43 7.47
CA CYS B 487 25.91 72.63 8.46
C CYS B 487 24.94 71.99 9.45
N LEU B 488 23.90 72.72 9.84
CA LEU B 488 22.93 72.13 10.77
C LEU B 488 21.85 71.33 10.07
N SER B 489 21.42 71.74 8.88
CA SER B 489 20.44 70.96 8.12
C SER B 489 20.99 69.62 7.68
N LEU B 490 22.32 69.50 7.54
CA LEU B 490 22.92 68.23 7.12
C LEU B 490 22.62 67.13 8.12
N GLN B 491 22.67 67.46 9.41
CA GLN B 491 22.38 66.54 10.51
C GLN B 491 23.31 65.33 10.50
N ASP B 492 24.51 65.49 9.94
CA ASP B 492 25.55 64.49 10.09
C ASP B 492 26.02 64.50 11.55
N PRO B 493 26.08 63.35 12.22
CA PRO B 493 26.49 63.34 13.63
C PRO B 493 27.92 63.83 13.85
N ILE B 494 28.71 64.00 12.79
CA ILE B 494 30.11 64.37 12.93
C ILE B 494 30.38 65.82 12.56
N CYS B 495 29.45 66.51 11.90
CA CYS B 495 29.64 67.89 11.51
C CYS B 495 28.85 68.82 12.42
N ALA B 496 29.50 69.88 12.89
CA ALA B 496 28.88 70.84 13.77
C ALA B 496 29.42 72.23 13.45
N TRP B 497 28.57 73.22 13.65
CA TRP B 497 28.90 74.60 13.29
C TRP B 497 29.57 75.30 14.46
N ASP B 498 30.78 75.78 14.24
CA ASP B 498 31.47 76.60 15.23
C ASP B 498 30.97 78.03 15.15
N LEU B 499 30.99 78.72 16.30
CA LEU B 499 30.54 80.10 16.37
C LEU B 499 31.66 81.09 16.59
N GLN B 500 32.79 80.66 17.16
CA GLN B 500 34.00 81.47 17.13
C GLN B 500 34.58 81.51 15.72
N THR B 501 34.91 80.35 15.19
CA THR B 501 35.25 80.21 13.78
C THR B 501 33.98 79.98 12.97
N HIS B 502 33.88 80.64 11.82
CA HIS B 502 32.70 80.41 10.99
C HIS B 502 32.72 79.07 10.26
N GLU B 503 33.79 78.29 10.40
CA GLU B 503 33.90 77.05 9.65
C GLU B 503 33.07 75.92 10.29
N CYS B 504 32.29 75.22 9.48
CA CYS B 504 31.65 73.97 9.88
C CYS B 504 32.72 72.88 10.05
N LYS B 505 32.92 72.41 11.28
CA LYS B 505 34.08 71.62 11.63
C LYS B 505 33.75 70.15 11.87
N ASN B 506 34.78 69.32 11.72
CA ASN B 506 34.67 67.88 11.93
C ASN B 506 35.09 67.54 13.35
N LEU B 507 34.16 66.93 14.12
CA LEU B 507 34.38 66.67 15.54
C LEU B 507 35.38 65.55 15.80
N ALA B 508 35.73 64.74 14.80
CA ALA B 508 36.76 63.73 14.99
C ALA B 508 38.11 64.38 15.31
N THR B 509 38.41 65.50 14.66
CA THR B 509 39.66 66.21 14.90
C THR B 509 39.54 67.35 15.90
N SER B 510 38.32 67.79 16.19
CA SER B 510 38.10 68.91 17.10
C SER B 510 37.98 68.40 18.53
N GLN B 511 37.88 69.33 19.48
CA GLN B 511 37.78 69.01 20.90
C GLN B 511 36.80 69.98 21.55
N HIS B 512 35.56 69.55 21.72
CA HIS B 512 34.63 70.32 22.52
C HIS B 512 34.81 69.98 23.99
N LYS B 513 34.13 70.75 24.85
CA LYS B 513 34.29 70.50 26.28
C LYS B 513 32.97 70.49 27.05
N PHE B 514 31.85 70.20 26.39
CA PHE B 514 30.56 69.96 27.05
C PHE B 514 29.99 71.18 27.77
N GLY B 515 30.83 72.11 28.21
CA GLY B 515 30.33 73.29 28.89
C GLY B 515 30.56 74.60 28.15
N THR B 516 30.67 74.52 26.83
CA THR B 516 30.95 75.68 25.99
C THR B 516 29.88 75.81 24.91
N LYS B 517 29.39 77.03 24.70
CA LYS B 517 28.39 77.30 23.69
C LYS B 517 28.99 77.51 22.31
N THR B 518 30.23 77.05 22.09
CA THR B 518 30.90 77.28 20.82
C THR B 518 30.21 76.53 19.68
N TYR B 519 30.22 75.21 19.72
CA TYR B 519 29.70 74.40 18.63
C TYR B 519 28.18 74.27 18.69
N LEU B 520 27.57 74.06 17.53
CA LEU B 520 26.11 74.00 17.39
C LEU B 520 25.73 72.83 16.50
N GLN B 521 24.85 71.96 17.00
CA GLN B 521 24.42 70.80 16.24
C GLN B 521 23.01 70.41 16.65
N SER B 522 22.18 70.06 15.67
CA SER B 522 20.80 69.68 15.93
C SER B 522 20.47 68.44 15.09
N LEU B 523 20.20 67.33 15.77
CA LEU B 523 19.89 66.07 15.10
C LEU B 523 18.48 65.57 15.37
N ASN B 524 17.96 65.78 16.59
CA ASN B 524 16.63 65.27 16.93
C ASN B 524 15.51 66.09 16.29
N SER B 525 15.72 67.39 16.10
CA SER B 525 14.68 68.23 15.53
C SER B 525 14.49 67.92 14.05
N THR B 526 13.60 68.70 13.42
CA THR B 526 13.50 68.71 11.97
C THR B 526 14.66 69.48 11.36
N LYS B 527 14.78 69.39 10.03
CA LYS B 527 15.89 70.05 9.36
C LYS B 527 15.69 71.57 9.33
N LYS B 528 14.45 72.03 9.19
CA LYS B 528 14.20 73.48 9.26
C LYS B 528 14.42 74.02 10.67
N ALA B 529 14.15 73.21 11.69
CA ALA B 529 14.37 73.64 13.07
C ALA B 529 15.86 73.77 13.37
N ALA B 530 16.70 72.92 12.79
CA ALA B 530 18.14 73.08 12.95
C ALA B 530 18.60 74.41 12.40
N ALA B 531 17.98 74.87 11.31
CA ALA B 531 18.39 76.13 10.68
C ALA B 531 18.08 77.34 11.55
N LEU B 532 16.97 77.30 12.30
CA LEU B 532 16.60 78.41 13.17
C LEU B 532 17.63 78.66 14.27
N LEU B 533 18.41 77.64 14.62
CA LEU B 533 19.49 77.83 15.60
C LEU B 533 20.58 78.75 15.08
N CYS B 534 20.67 78.93 13.77
CA CYS B 534 21.64 79.84 13.20
C CYS B 534 21.16 81.28 13.38
N PRO B 535 21.93 82.14 14.04
CA PRO B 535 21.52 83.54 14.17
C PRO B 535 21.82 84.32 12.90
N HIS B 536 20.89 85.20 12.53
CA HIS B 536 21.05 86.13 11.40
C HIS B 536 21.37 85.44 10.07
N ASN C 38 13.59 21.90 30.43
CA ASN C 38 12.35 22.55 30.02
C ASN C 38 11.37 22.56 31.18
N SER C 39 10.63 23.66 31.31
CA SER C 39 9.66 23.81 32.39
C SER C 39 8.27 23.31 32.03
N THR C 40 7.96 23.15 30.74
CA THR C 40 6.65 22.62 30.36
C THR C 40 6.54 21.13 30.62
N ILE C 41 7.66 20.41 30.50
CA ILE C 41 7.70 18.97 30.76
C ILE C 41 8.08 18.75 32.21
N THR C 42 7.25 17.99 32.93
CA THR C 42 7.37 17.85 34.38
C THR C 42 8.20 16.62 34.77
N ASN C 43 7.74 15.45 34.38
CA ASN C 43 8.44 14.19 34.65
C ASN C 43 8.73 13.49 33.33
N VAL C 44 9.86 12.80 33.30
CA VAL C 44 10.24 11.97 32.16
C VAL C 44 10.70 10.62 32.70
N ALA C 45 10.09 9.55 32.21
CA ALA C 45 10.48 8.19 32.58
C ALA C 45 10.99 7.47 31.34
N ALA C 46 12.26 7.06 31.37
CA ALA C 46 12.87 6.34 30.27
C ALA C 46 12.90 4.85 30.58
N PHE C 47 12.39 4.04 29.66
CA PHE C 47 12.28 2.60 29.83
C PHE C 47 13.29 1.87 28.97
N ASP C 48 13.56 0.61 29.33
CA ASP C 48 14.63 -0.15 28.69
C ASP C 48 14.20 -0.79 27.38
N THR C 49 12.91 -1.03 27.19
CA THR C 49 12.41 -1.69 26.01
C THR C 49 11.58 -0.73 25.18
N LYS C 50 11.07 -1.22 24.06
CA LYS C 50 10.14 -0.48 23.21
C LYS C 50 8.73 -0.59 23.78
N LEU C 51 8.05 0.55 23.89
CA LEU C 51 6.74 0.62 24.54
C LEU C 51 5.62 0.52 23.51
N ASN C 52 4.53 -0.16 23.89
CA ASN C 52 3.44 -0.46 22.98
C ASN C 52 2.12 0.21 23.36
N HIS C 53 1.81 0.31 24.65
CA HIS C 53 0.52 0.85 25.08
C HIS C 53 0.68 1.61 26.38
N LEU C 54 -0.36 2.38 26.70
CA LEU C 54 -0.35 3.28 27.86
C LEU C 54 -1.78 3.54 28.26
N LEU C 55 -2.11 3.31 29.53
CA LEU C 55 -3.41 3.73 30.05
C LEU C 55 -3.23 4.33 31.44
N VAL C 56 -4.16 5.20 31.81
CA VAL C 56 -4.20 5.82 33.13
C VAL C 56 -5.48 5.38 33.82
N ASP C 57 -5.36 4.96 35.07
CA ASP C 57 -6.52 4.66 35.92
C ASP C 57 -7.29 5.96 36.18
N THR C 58 -8.57 5.98 35.83
CA THR C 58 -9.35 7.21 35.86
C THR C 58 -9.62 7.70 37.28
N ILE C 59 -9.50 6.86 38.30
CA ILE C 59 -9.78 7.26 39.67
C ILE C 59 -8.52 7.36 40.53
N THR C 60 -7.51 6.50 40.30
CA THR C 60 -6.27 6.54 41.09
C THR C 60 -5.12 7.20 40.36
N GLY C 61 -5.26 7.48 39.07
CA GLY C 61 -4.24 8.17 38.31
C GLY C 61 -2.94 7.42 38.15
N ARG C 62 -2.88 6.16 38.58
CA ARG C 62 -1.72 5.32 38.32
C ARG C 62 -1.55 5.11 36.83
N VAL C 63 -0.30 4.92 36.41
CA VAL C 63 0.05 4.78 35.01
C VAL C 63 0.51 3.36 34.75
N PHE C 64 -0.02 2.74 33.69
CA PHE C 64 0.35 1.40 33.27
C PHE C 64 0.93 1.45 31.88
N VAL C 65 2.11 0.86 31.70
CA VAL C 65 2.83 0.87 30.43
C VAL C 65 3.09 -0.57 30.01
N GLY C 66 2.65 -0.92 28.81
CA GLY C 66 2.90 -2.24 28.25
C GLY C 66 3.89 -2.14 27.09
N GLY C 67 4.95 -2.93 27.18
CA GLY C 67 6.02 -2.86 26.20
C GLY C 67 6.49 -4.23 25.79
N VAL C 68 7.48 -4.23 24.89
CA VAL C 68 8.06 -5.47 24.39
C VAL C 68 8.80 -6.16 25.52
N ASN C 69 8.39 -7.39 25.82
CA ASN C 69 8.97 -8.22 26.88
C ASN C 69 8.83 -7.63 28.27
N ARG C 70 8.04 -6.56 28.41
CA ARG C 70 7.97 -5.87 29.70
C ARG C 70 6.54 -5.42 29.98
N LEU C 71 6.32 -5.02 31.23
CA LEU C 71 5.04 -4.51 31.72
C LEU C 71 5.24 -3.70 33.00
N TYR C 72 5.01 -2.38 32.96
CA TYR C 72 5.35 -1.50 34.08
C TYR C 72 4.12 -0.83 34.69
N GLN C 73 4.20 -0.59 36.00
CA GLN C 73 3.20 0.17 36.74
C GLN C 73 3.88 1.37 37.38
N LEU C 74 3.24 2.53 37.30
CA LEU C 74 3.85 3.75 37.84
C LEU C 74 2.81 4.55 38.60
N SER C 75 3.31 5.50 39.39
CA SER C 75 2.49 6.44 40.12
C SER C 75 2.12 7.59 39.21
N PRO C 76 1.19 8.46 39.63
CA PRO C 76 0.76 9.56 38.75
C PRO C 76 1.89 10.51 38.37
N ASP C 77 3.03 10.45 39.07
CA ASP C 77 4.21 11.24 38.75
C ASP C 77 5.28 10.43 38.03
N LEU C 78 4.90 9.33 37.38
CA LEU C 78 5.81 8.49 36.59
C LEU C 78 6.94 7.90 37.45
N GLU C 79 6.67 7.66 38.73
CA GLU C 79 7.60 6.95 39.60
C GLU C 79 7.31 5.46 39.49
N LEU C 80 8.36 4.66 39.27
CA LEU C 80 8.15 3.25 39.00
C LEU C 80 7.77 2.52 40.28
N SER C 81 6.68 1.75 40.21
CA SER C 81 6.22 0.92 41.33
C SER C 81 6.57 -0.55 41.10
N GLU C 82 6.11 -1.13 39.98
CA GLU C 82 6.37 -2.52 39.69
C GLU C 82 6.78 -2.69 38.23
N THR C 83 7.54 -3.75 37.98
CA THR C 83 7.96 -4.10 36.64
C THR C 83 7.88 -5.62 36.48
N VAL C 84 7.34 -6.07 35.36
CA VAL C 84 7.06 -7.48 35.13
C VAL C 84 7.76 -7.92 33.84
N LYS C 85 8.55 -8.98 33.93
CA LYS C 85 9.22 -9.57 32.79
C LYS C 85 8.27 -10.57 32.11
N THR C 86 7.85 -10.26 30.88
CA THR C 86 6.89 -11.10 30.15
C THR C 86 7.54 -11.92 29.05
N GLY C 87 8.84 -11.78 28.83
CA GLY C 87 9.52 -12.48 27.78
C GLY C 87 11.01 -12.25 27.85
N PRO C 88 11.76 -12.94 26.97
CA PRO C 88 11.23 -13.84 25.95
C PRO C 88 11.02 -15.28 26.43
N GLN C 89 10.18 -16.03 25.70
CA GLN C 89 9.89 -17.43 25.99
C GLN C 89 10.07 -18.26 24.73
N ASN C 90 10.24 -19.57 24.88
CA ASN C 90 10.24 -20.48 23.74
C ASN C 90 8.83 -20.54 23.12
N ASP C 91 8.74 -20.24 21.83
CA ASP C 91 7.46 -20.26 21.13
C ASP C 91 7.72 -20.27 19.62
N SER C 92 6.89 -21.02 18.89
CA SER C 92 6.84 -20.97 17.45
C SER C 92 5.43 -20.58 17.01
N VAL C 93 5.34 -19.88 15.87
CA VAL C 93 4.04 -19.52 15.34
C VAL C 93 3.29 -20.74 14.80
N GLU C 94 4.01 -21.78 14.40
CA GLU C 94 3.42 -23.02 13.90
C GLU C 94 2.77 -23.85 15.00
N CYS C 95 3.05 -23.57 16.27
CA CYS C 95 2.60 -24.41 17.37
C CYS C 95 1.67 -23.64 18.29
N SER C 96 0.75 -24.38 18.90
CA SER C 96 -0.04 -23.85 19.99
C SER C 96 0.64 -24.20 21.31
N ILE C 97 -0.05 -23.96 22.42
CA ILE C 97 0.52 -24.29 23.73
C ILE C 97 0.50 -25.80 23.95
N LEU C 98 -0.55 -26.47 23.48
CA LEU C 98 -0.76 -27.89 23.78
C LEU C 98 -0.06 -28.82 22.82
N ASP C 99 0.03 -28.46 21.53
CA ASP C 99 0.60 -29.32 20.52
C ASP C 99 1.59 -28.53 19.66
N CYS C 100 2.65 -29.21 19.24
CA CYS C 100 3.68 -28.64 18.37
C CYS C 100 3.95 -29.63 17.25
N PRO C 101 3.44 -29.38 16.05
CA PRO C 101 3.56 -30.36 14.96
C PRO C 101 5.00 -30.75 14.66
N LEU C 102 5.14 -31.86 13.96
CA LEU C 102 6.45 -32.44 13.71
C LEU C 102 7.32 -31.50 12.88
N ASN C 103 8.63 -31.60 13.07
CA ASN C 103 9.65 -30.83 12.36
C ASN C 103 9.61 -29.35 12.68
N ALA C 104 8.88 -28.93 13.71
CA ALA C 104 8.83 -27.55 14.16
C ALA C 104 9.34 -27.48 15.58
N VAL C 105 10.15 -26.46 15.87
CA VAL C 105 10.79 -26.32 17.17
C VAL C 105 10.50 -24.93 17.73
N ARG C 106 10.25 -24.88 19.04
CA ARG C 106 10.04 -23.62 19.73
C ARG C 106 11.38 -22.93 19.95
N SER C 107 11.40 -21.62 19.70
CA SER C 107 12.59 -20.79 19.84
C SER C 107 12.24 -19.53 20.63
N PRO C 108 13.20 -18.95 21.33
CA PRO C 108 12.92 -17.74 22.13
C PRO C 108 12.49 -16.57 21.24
N THR C 109 11.29 -16.04 21.53
CA THR C 109 10.70 -14.96 20.78
C THR C 109 10.17 -13.89 21.71
N ASP C 110 10.15 -12.65 21.22
CA ASP C 110 9.73 -11.51 22.01
C ASP C 110 8.21 -11.54 22.22
N ASN C 111 7.76 -10.82 23.24
CA ASN C 111 6.37 -10.83 23.68
C ASN C 111 5.82 -9.39 23.59
N TYR C 112 5.31 -9.03 22.43
CA TYR C 112 4.80 -7.69 22.22
C TYR C 112 3.44 -7.53 22.87
N ASN C 113 3.31 -6.51 23.71
CA ASN C 113 2.04 -6.27 24.39
C ASN C 113 1.03 -5.66 23.41
N LYS C 114 -0.14 -6.29 23.31
CA LYS C 114 -1.13 -5.89 22.32
C LYS C 114 -2.39 -5.29 22.93
N VAL C 115 -2.71 -5.65 24.16
CA VAL C 115 -3.90 -5.15 24.83
C VAL C 115 -3.52 -4.77 26.26
N LEU C 116 -4.04 -3.63 26.72
CA LEU C 116 -3.89 -3.21 28.10
C LEU C 116 -5.21 -2.58 28.52
N LEU C 117 -5.87 -3.17 29.53
CA LEU C 117 -7.22 -2.77 29.91
C LEU C 117 -7.44 -2.93 31.41
N ILE C 118 -8.33 -2.09 31.94
CA ILE C 118 -8.72 -2.12 33.35
C ILE C 118 -10.21 -2.46 33.44
N ASP C 119 -10.56 -3.41 34.31
CA ASP C 119 -11.96 -3.66 34.65
C ASP C 119 -12.30 -2.91 35.93
N ARG C 120 -13.38 -2.14 35.89
CA ARG C 120 -13.76 -1.32 37.04
C ARG C 120 -14.59 -2.10 38.06
N ALA C 121 -15.55 -2.91 37.59
CA ALA C 121 -16.40 -3.66 38.51
C ALA C 121 -15.57 -4.55 39.43
N THR C 122 -14.65 -5.32 38.84
CA THR C 122 -13.72 -6.16 39.59
C THR C 122 -12.31 -5.61 39.38
N SER C 123 -11.67 -5.22 40.48
CA SER C 123 -10.35 -4.59 40.39
C SER C 123 -9.34 -5.59 39.85
N ARG C 124 -9.05 -5.51 38.55
CA ARG C 124 -8.11 -6.41 37.92
C ARG C 124 -7.68 -5.86 36.57
N LEU C 125 -6.40 -6.01 36.25
CA LEU C 125 -5.83 -5.51 35.00
C LEU C 125 -5.75 -6.63 33.97
N ILE C 126 -6.04 -6.30 32.73
CA ILE C 126 -5.97 -7.26 31.63
C ILE C 126 -4.83 -6.85 30.72
N ALA C 127 -3.91 -7.79 30.48
CA ALA C 127 -2.78 -7.59 29.59
C ALA C 127 -2.69 -8.77 28.65
N CYS C 128 -2.64 -8.51 27.35
CA CYS C 128 -2.50 -9.57 26.36
C CYS C 128 -1.19 -9.42 25.60
N GLY C 129 -0.51 -10.54 25.38
CA GLY C 129 0.74 -10.58 24.67
C GLY C 129 0.61 -11.27 23.33
N SER C 130 1.69 -11.17 22.55
CA SER C 130 1.72 -11.75 21.20
C SER C 130 2.04 -13.25 21.21
N LEU C 131 2.71 -13.75 22.24
CA LEU C 131 3.12 -15.15 22.27
C LEU C 131 1.91 -16.08 22.38
N PHE C 132 2.15 -17.35 22.01
CA PHE C 132 1.21 -18.44 22.26
C PHE C 132 -0.14 -18.20 21.60
N GLN C 133 -0.11 -17.68 20.37
CA GLN C 133 -1.31 -17.37 19.58
C GLN C 133 -2.14 -16.24 20.18
N GLY C 134 -1.52 -15.31 20.88
CA GLY C 134 -2.25 -14.16 21.42
C GLY C 134 -3.01 -14.40 22.70
N THR C 135 -2.27 -14.65 23.78
CA THR C 135 -2.83 -15.00 25.09
C THR C 135 -2.98 -13.77 25.97
N CYS C 136 -4.06 -13.74 26.76
CA CYS C 136 -4.28 -12.69 27.75
C CYS C 136 -4.04 -13.23 29.16
N THR C 137 -3.47 -12.39 30.02
CA THR C 137 -3.33 -12.68 31.44
C THR C 137 -4.17 -11.68 32.23
N VAL C 138 -4.59 -12.07 33.44
CA VAL C 138 -5.40 -11.21 34.29
C VAL C 138 -4.60 -10.95 35.56
N ARG C 139 -4.18 -9.72 35.75
CA ARG C 139 -3.29 -9.34 36.83
C ARG C 139 -4.00 -8.40 37.80
N ASN C 140 -3.55 -8.42 39.05
CA ASN C 140 -4.14 -7.58 40.10
C ASN C 140 -3.81 -6.11 39.86
N LEU C 141 -4.80 -5.24 40.13
CA LEU C 141 -4.62 -3.81 39.87
C LEU C 141 -3.68 -3.15 40.88
N GLN C 142 -3.76 -3.55 42.15
CA GLN C 142 -2.85 -2.95 43.14
C GLN C 142 -1.41 -3.31 42.86
N ASN C 143 -1.17 -4.52 42.37
CA ASN C 143 0.19 -5.03 42.18
C ASN C 143 0.18 -5.87 40.91
N VAL C 144 0.69 -5.30 39.82
CA VAL C 144 0.59 -5.95 38.52
C VAL C 144 1.45 -7.20 38.44
N SER C 145 2.38 -7.40 39.38
CA SER C 145 3.23 -8.58 39.38
C SER C 145 2.45 -9.86 39.68
N ILE C 146 1.27 -9.73 40.29
CA ILE C 146 0.46 -10.87 40.70
C ILE C 146 -0.41 -11.30 39.53
N ILE C 147 -0.38 -12.59 39.22
CA ILE C 147 -1.24 -13.20 38.20
C ILE C 147 -2.40 -13.85 38.93
N GLU C 148 -3.63 -13.44 38.58
CA GLU C 148 -4.81 -14.01 39.21
C GLU C 148 -5.46 -15.12 38.38
N HIS C 149 -5.43 -14.99 37.06
CA HIS C 149 -6.06 -15.97 36.18
C HIS C 149 -5.26 -16.02 34.90
N GLU C 150 -4.91 -17.23 34.46
CA GLU C 150 -4.18 -17.45 33.22
C GLU C 150 -5.08 -18.22 32.26
N VAL C 151 -5.40 -17.61 31.13
CA VAL C 151 -6.28 -18.25 30.15
C VAL C 151 -5.45 -18.76 28.99
N PRO C 152 -5.83 -19.86 28.35
CA PRO C 152 -5.14 -20.31 27.14
C PRO C 152 -5.79 -19.91 25.83
N ASP C 153 -6.91 -19.21 25.87
CA ASP C 153 -7.67 -18.89 24.67
C ASP C 153 -6.92 -17.94 23.75
N ALA C 154 -6.94 -18.23 22.46
CA ALA C 154 -6.36 -17.35 21.44
C ALA C 154 -7.31 -16.17 21.24
N VAL C 155 -6.83 -14.98 21.55
CA VAL C 155 -7.73 -13.83 21.61
C VAL C 155 -7.21 -12.68 20.74
N VAL C 156 -5.89 -12.54 20.68
CA VAL C 156 -5.24 -11.34 20.16
C VAL C 156 -4.24 -11.74 19.07
N ALA C 157 -3.94 -10.79 18.18
CA ALA C 157 -2.95 -11.02 17.12
C ALA C 157 -1.59 -11.42 17.70
N ASN C 158 -1.04 -12.52 17.19
CA ASN C 158 0.28 -13.02 17.59
C ASN C 158 1.40 -12.44 16.75
N ASP C 159 1.12 -11.44 15.94
CA ASP C 159 2.14 -10.73 15.19
C ASP C 159 2.71 -9.62 16.06
N ALA C 160 3.80 -9.01 15.59
CA ALA C 160 4.35 -7.84 16.26
C ALA C 160 3.81 -6.54 15.71
N ASN C 161 3.30 -6.54 14.47
CA ASN C 161 2.82 -5.34 13.80
C ASN C 161 1.36 -5.40 13.36
N SER C 162 0.67 -6.53 13.53
CA SER C 162 -0.73 -6.62 13.16
C SER C 162 -1.60 -6.01 14.27
N SER C 163 -2.54 -5.15 13.89
CA SER C 163 -3.23 -4.35 14.88
C SER C 163 -4.09 -5.19 15.80
N THR C 164 -4.43 -4.61 16.95
CA THR C 164 -5.40 -5.20 17.87
C THR C 164 -5.97 -4.08 18.73
N VAL C 165 -7.28 -3.96 18.77
CA VAL C 165 -8.00 -2.90 19.45
C VAL C 165 -8.99 -3.51 20.42
N ALA C 166 -8.95 -3.07 21.68
CA ALA C 166 -9.79 -3.66 22.71
C ALA C 166 -10.29 -2.59 23.68
N PHE C 167 -11.60 -2.56 23.89
CA PHE C 167 -12.19 -1.71 24.92
C PHE C 167 -13.30 -2.49 25.61
N ILE C 168 -13.66 -2.03 26.81
CA ILE C 168 -14.67 -2.67 27.63
C ILE C 168 -15.91 -1.78 27.62
N ALA C 169 -17.08 -2.39 27.43
CA ALA C 169 -18.33 -1.66 27.32
C ALA C 169 -19.48 -2.63 27.60
N PRO C 170 -20.68 -2.11 27.86
CA PRO C 170 -21.84 -2.99 28.10
C PRO C 170 -22.10 -3.96 26.95
N GLY C 171 -22.67 -5.12 27.30
CA GLY C 171 -23.01 -6.12 26.32
C GLY C 171 -23.81 -7.28 26.89
N PRO C 172 -24.06 -8.29 26.04
CA PRO C 172 -24.69 -9.54 26.52
C PRO C 172 -23.70 -10.35 27.34
N PRO C 173 -24.08 -11.56 27.83
CA PRO C 173 -25.31 -12.36 27.74
C PRO C 173 -26.50 -11.73 28.44
N GLN C 174 -26.28 -11.27 29.68
CA GLN C 174 -27.33 -10.57 30.40
C GLN C 174 -27.61 -9.23 29.74
N HIS C 175 -28.81 -8.70 30.01
CA HIS C 175 -29.13 -7.34 29.59
C HIS C 175 -28.10 -6.38 30.18
N PRO C 176 -27.90 -5.19 29.58
CA PRO C 176 -26.63 -4.49 29.72
C PRO C 176 -26.24 -4.07 31.14
N VAL C 177 -26.26 -5.02 32.09
CA VAL C 177 -25.71 -4.78 33.42
C VAL C 177 -24.30 -5.36 33.56
N THR C 178 -23.89 -6.23 32.65
CA THR C 178 -22.55 -6.78 32.63
C THR C 178 -21.78 -6.21 31.45
N ASN C 179 -20.50 -5.88 31.68
CA ASN C 179 -19.63 -5.38 30.64
C ASN C 179 -18.93 -6.53 29.94
N VAL C 180 -18.56 -6.30 28.68
CA VAL C 180 -17.82 -7.28 27.90
C VAL C 180 -16.61 -6.58 27.28
N MET C 181 -15.73 -7.39 26.68
CA MET C 181 -14.56 -6.88 25.97
C MET C 181 -14.81 -7.00 24.47
N TYR C 182 -14.91 -5.87 23.78
CA TYR C 182 -14.97 -5.84 22.33
C TYR C 182 -13.53 -5.85 21.80
N VAL C 183 -13.20 -6.84 20.97
CA VAL C 183 -11.85 -7.01 20.44
C VAL C 183 -11.92 -7.02 18.91
N GLY C 184 -10.92 -6.39 18.29
CA GLY C 184 -10.77 -6.44 16.85
C GLY C 184 -9.34 -6.79 16.46
N VAL C 185 -9.17 -7.89 15.75
CA VAL C 185 -7.85 -8.47 15.51
C VAL C 185 -7.64 -8.61 13.99
N THR C 186 -6.41 -8.30 13.55
CA THR C 186 -6.00 -8.50 12.17
C THR C 186 -5.49 -9.93 11.98
N TYR C 187 -5.78 -10.50 10.79
CA TYR C 187 -5.38 -11.87 10.48
C TYR C 187 -3.89 -11.89 10.16
N THR C 188 -3.08 -12.47 11.07
CA THR C 188 -1.63 -12.43 10.90
C THR C 188 -1.12 -13.37 9.82
N ASN C 189 -1.91 -14.38 9.44
CA ASN C 189 -1.58 -15.23 8.29
C ASN C 189 -0.26 -15.95 8.48
N ASN C 190 -0.02 -16.47 9.69
CA ASN C 190 1.24 -17.14 9.98
C ASN C 190 1.04 -18.49 10.65
N SER C 191 -0.19 -18.96 10.76
CA SER C 191 -0.43 -20.22 11.46
C SER C 191 -1.78 -20.76 11.04
N PRO C 192 -1.97 -22.07 11.06
CA PRO C 192 -3.33 -22.59 10.86
C PRO C 192 -4.28 -22.23 12.00
N TYR C 193 -3.77 -22.11 13.22
CA TYR C 193 -4.60 -21.75 14.35
C TYR C 193 -5.18 -20.34 14.24
N ARG C 194 -4.73 -19.54 13.26
CA ARG C 194 -5.21 -18.16 13.15
C ARG C 194 -6.63 -18.06 12.61
N SER C 195 -7.09 -19.06 11.85
CA SER C 195 -8.46 -19.02 11.33
C SER C 195 -9.49 -19.05 12.44
N GLU C 196 -9.14 -19.68 13.57
CA GLU C 196 -10.05 -19.80 14.70
C GLU C 196 -10.43 -18.45 15.31
N ILE C 197 -9.58 -17.42 15.18
CA ILE C 197 -9.77 -16.11 15.83
C ILE C 197 -10.64 -15.17 15.02
N PRO C 198 -11.69 -14.59 15.60
CA PRO C 198 -12.57 -13.69 14.84
C PRO C 198 -11.88 -12.37 14.54
N ALA C 199 -12.48 -11.63 13.62
CA ALA C 199 -11.96 -10.31 13.31
C ALA C 199 -12.57 -9.25 14.21
N VAL C 200 -13.88 -9.35 14.47
CA VAL C 200 -14.54 -8.54 15.50
C VAL C 200 -15.38 -9.46 16.36
N ALA C 201 -15.29 -9.28 17.68
CA ALA C 201 -16.02 -10.15 18.58
C ALA C 201 -16.18 -9.48 19.95
N SER C 202 -17.27 -9.82 20.63
CA SER C 202 -17.48 -9.49 22.03
C SER C 202 -17.06 -10.67 22.88
N ARG C 203 -16.40 -10.40 24.00
CA ARG C 203 -15.84 -11.46 24.84
C ARG C 203 -16.21 -11.26 26.28
N SER C 204 -16.55 -12.36 26.95
CA SER C 204 -17.07 -12.30 28.32
C SER C 204 -15.97 -11.98 29.32
N LEU C 205 -16.38 -11.30 30.39
CA LEU C 205 -15.48 -11.00 31.50
C LEU C 205 -15.88 -11.76 32.76
N GLU C 206 -16.69 -12.80 32.62
CA GLU C 206 -17.08 -13.61 33.76
C GLU C 206 -15.95 -14.56 34.13
N LYS C 207 -15.75 -14.73 35.44
CA LYS C 207 -14.66 -15.59 35.91
C LYS C 207 -14.82 -17.02 35.38
N THR C 208 -16.06 -17.51 35.29
CA THR C 208 -16.30 -18.87 34.82
C THR C 208 -15.96 -19.02 33.35
N LYS C 209 -16.33 -18.03 32.52
CA LYS C 209 -16.17 -18.12 31.08
C LYS C 209 -15.24 -17.01 30.59
N MET C 210 -14.03 -16.95 31.13
CA MET C 210 -13.18 -15.80 30.87
C MET C 210 -12.69 -15.79 29.42
N PHE C 211 -12.95 -14.69 28.72
CA PHE C 211 -12.48 -14.38 27.37
C PHE C 211 -13.15 -15.21 26.28
N GLN C 212 -14.21 -15.94 26.60
CA GLN C 212 -14.96 -16.65 25.58
C GLN C 212 -15.94 -15.70 24.90
N ILE C 213 -16.35 -16.05 23.67
CA ILE C 213 -17.32 -15.23 22.97
C ILE C 213 -18.57 -15.07 23.83
N ALA C 214 -19.06 -13.84 23.94
CA ALA C 214 -20.02 -13.49 24.99
C ALA C 214 -21.32 -14.28 24.83
N SER C 215 -21.87 -14.30 23.62
CA SER C 215 -23.11 -15.01 23.33
C SER C 215 -22.95 -15.68 21.98
N SER C 216 -23.11 -17.01 21.95
CA SER C 216 -22.93 -17.77 20.73
C SER C 216 -24.00 -18.85 20.66
N ALA C 217 -24.51 -19.08 19.46
CA ALA C 217 -25.51 -20.11 19.23
C ALA C 217 -25.05 -20.92 18.02
N VAL C 218 -26.00 -21.57 17.36
CA VAL C 218 -25.66 -22.49 16.29
C VAL C 218 -25.27 -21.74 15.02
N THR C 219 -26.13 -20.83 14.58
CA THR C 219 -25.89 -20.10 13.34
C THR C 219 -25.40 -18.67 13.55
N THR C 220 -25.42 -18.15 14.78
CA THR C 220 -25.15 -16.74 14.98
C THR C 220 -24.47 -16.52 16.34
N GLY C 221 -23.92 -15.32 16.52
CA GLY C 221 -23.25 -14.99 17.77
C GLY C 221 -22.63 -13.62 17.73
N THR C 222 -21.93 -13.28 18.82
CA THR C 222 -21.24 -11.98 18.95
C THR C 222 -19.84 -12.12 18.36
N ARG C 223 -19.78 -12.14 17.03
CA ARG C 223 -18.57 -12.54 16.32
C ARG C 223 -18.73 -12.25 14.84
N THR C 224 -17.66 -11.79 14.21
CA THR C 224 -17.61 -11.68 12.76
C THR C 224 -16.26 -12.20 12.30
N PHE C 225 -16.27 -13.17 11.40
CA PHE C 225 -15.07 -13.66 10.74
C PHE C 225 -14.99 -13.14 9.32
N ILE C 226 -13.78 -13.13 8.77
CA ILE C 226 -13.57 -12.83 7.36
C ILE C 226 -13.42 -14.15 6.60
N ASN C 227 -14.14 -14.26 5.48
CA ASN C 227 -14.32 -15.54 4.80
C ASN C 227 -12.99 -16.13 4.34
N SER C 228 -13.01 -17.45 4.08
CA SER C 228 -11.81 -18.18 3.70
C SER C 228 -11.20 -17.64 2.41
N TYR C 229 -12.01 -17.04 1.54
CA TYR C 229 -11.45 -16.60 0.26
C TYR C 229 -10.80 -15.22 0.36
N ALA C 230 -11.26 -14.37 1.28
CA ALA C 230 -10.69 -13.04 1.44
C ALA C 230 -9.76 -12.92 2.64
N ARG C 231 -9.67 -13.97 3.47
CA ARG C 231 -9.00 -13.86 4.77
C ARG C 231 -7.51 -13.56 4.61
N GLU C 232 -6.85 -14.20 3.65
CA GLU C 232 -5.41 -14.08 3.45
C GLU C 232 -5.01 -12.91 2.55
N THR C 233 -5.98 -12.27 1.89
CA THR C 233 -5.70 -11.15 1.01
C THR C 233 -6.28 -9.83 1.49
N TYR C 234 -7.49 -9.85 2.04
CA TYR C 234 -8.20 -8.64 2.48
C TYR C 234 -7.97 -8.48 3.99
N PHE C 235 -7.00 -7.66 4.34
CA PHE C 235 -6.66 -7.39 5.74
C PHE C 235 -7.36 -6.14 6.24
N VAL C 236 -7.61 -6.10 7.54
CA VAL C 236 -8.31 -5.00 8.17
C VAL C 236 -7.42 -4.46 9.28
N ASN C 237 -7.14 -3.15 9.24
CA ASN C 237 -6.31 -2.51 10.25
C ASN C 237 -7.21 -1.75 11.22
N TYR C 238 -7.21 -2.17 12.49
CA TYR C 238 -8.05 -1.56 13.52
C TYR C 238 -7.24 -0.51 14.28
N VAL C 239 -7.69 0.73 14.22
CA VAL C 239 -6.93 1.87 14.72
C VAL C 239 -7.34 2.26 16.14
N TYR C 240 -8.64 2.39 16.37
CA TYR C 240 -9.18 2.97 17.58
C TYR C 240 -10.53 2.34 17.87
N GLY C 241 -10.86 2.21 19.15
CA GLY C 241 -12.14 1.69 19.55
C GLY C 241 -12.73 2.53 20.67
N PHE C 242 -14.06 2.61 20.66
CA PHE C 242 -14.73 3.44 21.65
C PHE C 242 -16.21 3.07 21.70
N SER C 243 -16.82 3.38 22.84
CA SER C 243 -18.23 3.14 23.10
C SER C 243 -18.96 4.46 23.31
N SER C 244 -20.13 4.62 22.68
CA SER C 244 -20.87 5.88 22.74
C SER C 244 -22.35 5.63 22.46
N GLU C 245 -23.20 5.89 23.46
CA GLU C 245 -24.66 5.89 23.33
C GLU C 245 -25.18 4.54 22.85
N ARG C 246 -24.84 3.50 23.60
CA ARG C 246 -25.33 2.14 23.41
C ARG C 246 -24.79 1.46 22.15
N PHE C 247 -23.68 1.94 21.57
CA PHE C 247 -23.07 1.30 20.41
C PHE C 247 -21.56 1.16 20.58
N SER C 248 -20.99 0.06 20.08
CA SER C 248 -19.55 -0.13 20.08
C SER C 248 -19.00 0.14 18.68
N TYR C 249 -17.86 0.85 18.63
CA TYR C 249 -17.31 1.40 17.41
C TYR C 249 -15.86 0.99 17.20
N PHE C 250 -15.48 0.86 15.93
CA PHE C 250 -14.10 0.59 15.54
C PHE C 250 -13.75 1.48 14.36
N LEU C 251 -12.60 2.14 14.46
CA LEU C 251 -12.10 2.98 13.38
C LEU C 251 -11.06 2.16 12.62
N THR C 252 -11.32 1.87 11.34
CA THR C 252 -10.51 0.93 10.57
C THR C 252 -10.05 1.53 9.24
N THR C 253 -8.89 1.07 8.78
CA THR C 253 -8.43 1.27 7.40
C THR C 253 -8.39 -0.06 6.69
N GLN C 254 -8.90 -0.09 5.45
CA GLN C 254 -9.03 -1.34 4.70
C GLN C 254 -9.26 -1.03 3.23
N LEU C 255 -9.11 -2.06 2.40
CA LEU C 255 -9.37 -1.93 0.97
C LEU C 255 -10.86 -1.68 0.70
N LYS C 256 -11.13 -0.77 -0.24
CA LYS C 256 -12.52 -0.42 -0.57
C LYS C 256 -13.28 -1.59 -1.17
N HIS C 257 -12.60 -2.47 -1.90
CA HIS C 257 -13.22 -3.58 -2.62
C HIS C 257 -12.52 -4.88 -2.30
N SER C 258 -13.30 -5.96 -2.24
CA SER C 258 -12.76 -7.29 -2.02
C SER C 258 -12.35 -7.98 -3.32
N HIS C 259 -13.20 -7.90 -4.35
CA HIS C 259 -12.88 -8.48 -5.64
C HIS C 259 -11.73 -7.73 -6.31
N HIS C 260 -11.05 -8.41 -7.24
CA HIS C 260 -9.96 -7.81 -7.99
C HIS C 260 -10.42 -7.08 -9.24
N SER C 261 -11.72 -6.79 -9.36
CA SER C 261 -12.24 -6.08 -10.53
C SER C 261 -11.80 -4.62 -10.57
N SER C 262 -11.42 -4.05 -9.43
CA SER C 262 -11.08 -2.64 -9.33
C SER C 262 -9.66 -2.47 -8.79
N PRO C 263 -8.99 -1.36 -9.15
CA PRO C 263 -7.66 -1.09 -8.57
C PRO C 263 -7.72 -0.88 -7.06
N LYS C 264 -6.59 -1.13 -6.41
CA LYS C 264 -6.52 -1.09 -4.96
C LYS C 264 -6.64 0.34 -4.46
N GLU C 265 -7.72 0.64 -3.74
CA GLU C 265 -7.88 1.90 -3.03
C GLU C 265 -8.11 1.61 -1.55
N TYR C 266 -7.40 2.34 -0.68
CA TYR C 266 -7.54 2.19 0.75
C TYR C 266 -8.48 3.27 1.31
N ILE C 267 -9.41 2.86 2.15
CA ILE C 267 -10.37 3.80 2.72
C ILE C 267 -10.38 3.61 4.23
N THR C 268 -10.94 4.60 4.90
CA THR C 268 -11.17 4.51 6.34
C THR C 268 -12.62 4.14 6.56
N LYS C 269 -12.86 3.13 7.38
CA LYS C 269 -14.22 2.68 7.63
C LYS C 269 -14.52 2.82 9.11
N LEU C 270 -15.80 2.67 9.44
CA LEU C 270 -16.26 2.77 10.82
C LEU C 270 -17.19 1.59 11.09
N VAL C 271 -16.75 0.68 11.95
CA VAL C 271 -17.45 -0.58 12.25
C VAL C 271 -18.27 -0.38 13.52
N ARG C 272 -19.56 -0.75 13.47
CA ARG C 272 -20.49 -0.50 14.55
C ARG C 272 -21.25 -1.77 14.89
N ILE C 273 -21.64 -1.92 16.15
CA ILE C 273 -22.54 -3.00 16.58
C ILE C 273 -23.38 -2.51 17.75
N CYS C 274 -24.67 -2.82 17.72
CA CYS C 274 -25.53 -2.55 18.87
C CYS C 274 -25.07 -3.40 20.06
N GLN C 275 -25.07 -2.80 21.26
CA GLN C 275 -24.52 -3.53 22.40
C GLN C 275 -25.52 -4.49 23.01
N GLU C 276 -26.83 -4.27 22.80
CA GLU C 276 -27.82 -5.27 23.19
C GLU C 276 -27.78 -6.47 22.26
N ASP C 277 -27.32 -6.26 21.03
CA ASP C 277 -27.35 -7.28 19.98
C ASP C 277 -26.41 -8.42 20.36
N SER C 278 -26.98 -9.60 20.62
CA SER C 278 -26.22 -10.81 20.90
C SER C 278 -26.09 -11.72 19.69
N ASN C 279 -26.37 -11.20 18.50
CA ASN C 279 -26.23 -11.95 17.26
C ASN C 279 -25.36 -11.26 16.23
N TYR C 280 -24.92 -10.03 16.50
CA TYR C 280 -24.28 -9.17 15.51
C TYR C 280 -25.15 -8.98 14.27
N TYR C 281 -26.47 -8.99 14.46
CA TYR C 281 -27.35 -8.55 13.38
C TYR C 281 -27.11 -7.10 13.02
N SER C 282 -26.52 -6.32 13.93
CA SER C 282 -26.32 -4.90 13.75
C SER C 282 -24.93 -4.56 13.27
N TYR C 283 -24.10 -5.56 12.96
CA TYR C 283 -22.79 -5.29 12.38
C TYR C 283 -22.95 -4.50 11.10
N THR C 284 -22.49 -3.25 11.12
CA THR C 284 -22.62 -2.36 9.98
C THR C 284 -21.34 -1.53 9.84
N GLU C 285 -21.03 -1.11 8.62
CA GLU C 285 -19.88 -0.29 8.33
C GLU C 285 -20.27 0.81 7.34
N ILE C 286 -19.75 2.01 7.58
CA ILE C 286 -19.81 3.09 6.60
C ILE C 286 -18.39 3.60 6.43
N PRO C 287 -18.04 4.11 5.26
CA PRO C 287 -16.70 4.68 5.07
C PRO C 287 -16.64 6.08 5.66
N VAL C 288 -15.41 6.49 5.97
CA VAL C 288 -15.14 7.78 6.60
C VAL C 288 -14.18 8.57 5.73
N GLU C 289 -14.64 9.73 5.27
CA GLU C 289 -13.89 10.57 4.35
C GLU C 289 -13.52 11.87 5.04
N CYS C 290 -12.25 12.23 4.96
CA CYS C 290 -11.75 13.52 5.42
C CYS C 290 -11.16 14.17 4.17
N ILE C 291 -11.90 15.13 3.60
CA ILE C 291 -11.66 15.64 2.25
C ILE C 291 -11.23 17.09 2.36
N SER C 292 -10.32 17.49 1.47
CA SER C 292 -9.79 18.85 1.49
C SER C 292 -9.85 19.48 0.12
N ASP C 293 -9.90 20.80 0.12
CA ASP C 293 -9.97 21.61 -1.09
C ASP C 293 -8.65 21.65 -1.83
N ALA C 294 -7.52 21.41 -1.16
CA ALA C 294 -6.21 21.76 -1.69
C ALA C 294 -5.78 20.82 -2.81
N GLN C 295 -5.09 21.39 -3.81
CA GLN C 295 -4.60 20.64 -4.97
C GLN C 295 -5.75 19.95 -5.69
N GLY C 296 -6.83 20.70 -5.92
CA GLY C 296 -8.05 20.12 -6.45
C GLY C 296 -8.70 19.23 -5.43
N GLY C 297 -8.68 17.91 -5.66
CA GLY C 297 -9.20 16.96 -4.72
C GLY C 297 -8.09 16.31 -3.91
N THR C 298 -8.14 16.47 -2.59
CA THR C 298 -7.24 15.80 -1.68
C THR C 298 -8.05 14.93 -0.72
N LYS C 299 -7.77 13.62 -0.70
CA LYS C 299 -8.38 12.68 0.23
C LYS C 299 -7.34 12.18 1.23
N PHE C 300 -7.56 12.46 2.51
CA PHE C 300 -6.75 11.90 3.59
C PHE C 300 -7.37 10.56 3.96
N ASN C 301 -6.94 9.51 3.28
CA ASN C 301 -7.67 8.26 3.36
C ASN C 301 -7.28 7.41 4.55
N LEU C 302 -6.06 7.53 5.07
CA LEU C 302 -5.56 6.66 6.13
C LEU C 302 -5.64 7.37 7.47
N VAL C 303 -6.49 6.87 8.36
CA VAL C 303 -6.57 7.39 9.71
C VAL C 303 -5.40 6.84 10.52
N GLN C 304 -4.87 7.65 11.43
CA GLN C 304 -3.72 7.23 12.23
C GLN C 304 -4.02 7.05 13.71
N ALA C 305 -4.97 7.82 14.25
CA ALA C 305 -5.28 7.78 15.68
C ALA C 305 -6.63 8.43 15.93
N GLY C 306 -7.27 8.00 17.01
CA GLY C 306 -8.58 8.51 17.34
C GLY C 306 -8.70 8.80 18.82
N PHE C 307 -9.64 9.68 19.14
CA PHE C 307 -9.90 10.10 20.51
C PHE C 307 -11.33 10.61 20.60
N LEU C 308 -12.06 10.12 21.60
CA LEU C 308 -13.45 10.49 21.83
C LEU C 308 -13.53 11.46 23.00
N GLY C 309 -14.19 12.58 22.81
CA GLY C 309 -14.17 13.62 23.80
C GLY C 309 -15.36 14.55 23.65
N LYS C 310 -15.42 15.51 24.55
CA LYS C 310 -16.57 16.40 24.57
C LYS C 310 -16.22 17.78 24.00
N PRO C 311 -17.20 18.49 23.41
CA PRO C 311 -16.90 19.81 22.85
C PRO C 311 -17.00 20.93 23.87
N SER C 312 -16.78 22.16 23.40
CA SER C 312 -16.89 23.36 24.21
C SER C 312 -18.19 24.06 23.85
N SER C 313 -18.49 25.12 24.61
CA SER C 313 -19.71 25.88 24.34
C SER C 313 -19.74 26.36 22.90
N ASP C 314 -18.65 26.96 22.41
CA ASP C 314 -18.64 27.49 21.06
C ASP C 314 -18.70 26.36 20.02
N LEU C 315 -17.93 25.30 20.23
CA LEU C 315 -17.85 24.23 19.23
C LEU C 315 -19.16 23.44 19.14
N ALA C 316 -19.80 23.18 20.28
CA ALA C 316 -21.08 22.50 20.27
C ALA C 316 -22.13 23.25 19.46
N GLN C 317 -22.09 24.59 19.47
CA GLN C 317 -23.04 25.35 18.67
C GLN C 317 -22.82 25.12 17.17
N SER C 318 -21.56 25.06 16.74
CA SER C 318 -21.27 24.90 15.32
C SER C 318 -21.74 23.55 14.82
N LEU C 319 -21.47 22.48 15.57
CA LEU C 319 -21.86 21.13 15.20
C LEU C 319 -23.36 20.90 15.37
N GLY C 320 -24.07 21.78 16.07
CA GLY C 320 -25.48 21.58 16.37
C GLY C 320 -25.72 20.45 17.35
N ILE C 321 -24.97 20.44 18.45
CA ILE C 321 -25.09 19.40 19.46
C ILE C 321 -25.08 20.04 20.83
N SER C 322 -25.47 19.26 21.83
CA SER C 322 -25.34 19.76 23.19
C SER C 322 -23.92 19.54 23.67
N ILE C 323 -23.56 20.29 24.72
CA ILE C 323 -22.22 20.17 25.25
C ILE C 323 -21.98 18.79 25.86
N GLN C 324 -23.02 18.09 26.29
CA GLN C 324 -22.83 16.77 26.86
C GLN C 324 -22.66 15.70 25.80
N ASP C 325 -22.79 16.03 24.52
CA ASP C 325 -22.67 15.05 23.46
C ASP C 325 -21.21 14.75 23.15
N ASP C 326 -20.99 13.65 22.43
CA ASP C 326 -19.65 13.19 22.11
C ASP C 326 -19.21 13.68 20.74
N VAL C 327 -17.90 13.89 20.61
CA VAL C 327 -17.27 14.25 19.35
C VAL C 327 -16.07 13.33 19.15
N LEU C 328 -15.93 12.81 17.94
CA LEU C 328 -14.81 11.98 17.56
C LEU C 328 -13.73 12.87 16.93
N PHE C 329 -12.54 12.84 17.51
CA PHE C 329 -11.38 13.52 16.96
C PHE C 329 -10.46 12.47 16.35
N ALA C 330 -10.03 12.71 15.12
CA ALA C 330 -9.15 11.75 14.47
C ALA C 330 -8.20 12.48 13.52
N VAL C 331 -7.01 11.93 13.37
CA VAL C 331 -5.99 12.48 12.49
C VAL C 331 -5.82 11.53 11.30
N PHE C 332 -6.00 12.07 10.09
CA PHE C 332 -5.87 11.32 8.86
C PHE C 332 -4.63 11.75 8.11
N SER C 333 -4.02 10.80 7.41
CA SER C 333 -2.83 11.03 6.61
C SER C 333 -3.06 10.50 5.21
N LYS C 334 -2.72 11.31 4.21
CA LYS C 334 -2.75 10.84 2.82
C LYS C 334 -1.67 9.78 2.60
N GLY C 335 -2.05 8.67 2.02
CA GLY C 335 -1.20 7.51 1.95
C GLY C 335 -0.93 7.07 0.54
N GLU C 336 0.35 6.79 0.26
CA GLU C 336 0.79 6.10 -0.95
C GLU C 336 0.56 4.60 -0.75
N GLY C 337 -0.51 4.08 -1.34
CA GLY C 337 -0.92 2.74 -1.00
C GLY C 337 -1.35 2.69 0.46
N ASN C 338 -0.78 1.73 1.20
CA ASN C 338 -1.08 1.54 2.62
C ASN C 338 -0.11 2.27 3.54
N THR C 339 0.86 3.01 2.98
CA THR C 339 1.85 3.66 3.81
C THR C 339 1.49 5.13 3.98
N PRO C 340 1.34 5.61 5.21
CA PRO C 340 1.00 7.03 5.41
C PRO C 340 2.15 7.93 5.03
N THR C 341 1.82 9.02 4.35
CA THR C 341 2.82 10.01 3.96
C THR C 341 2.84 11.15 4.98
N ASN C 342 3.78 12.08 4.79
CA ASN C 342 3.93 13.24 5.68
C ASN C 342 2.99 14.37 5.24
N ASN C 343 1.70 14.05 5.18
CA ASN C 343 0.72 15.00 4.66
C ASN C 343 -0.60 14.70 5.38
N SER C 344 -0.67 15.13 6.63
CA SER C 344 -1.78 14.75 7.51
C SER C 344 -2.78 15.88 7.67
N ALA C 345 -3.92 15.55 8.27
CA ALA C 345 -4.98 16.51 8.53
C ALA C 345 -5.76 16.09 9.77
N LEU C 346 -6.33 17.08 10.47
CA LEU C 346 -7.12 16.86 11.68
C LEU C 346 -8.59 17.08 11.38
N CYS C 347 -9.41 16.07 11.63
CA CYS C 347 -10.80 16.07 11.25
C CYS C 347 -11.62 15.71 12.48
N ILE C 348 -12.77 16.39 12.65
CA ILE C 348 -13.66 16.12 13.77
C ILE C 348 -14.98 15.62 13.21
N TYR C 349 -15.61 14.70 13.95
CA TYR C 349 -16.91 14.17 13.58
C TYR C 349 -17.80 14.15 14.80
N SER C 350 -18.99 14.72 14.69
CA SER C 350 -19.94 14.61 15.78
C SER C 350 -20.68 13.28 15.66
N LEU C 351 -20.94 12.63 16.78
CA LEU C 351 -21.64 11.36 16.74
C LEU C 351 -23.13 11.50 16.42
N LYS C 352 -23.71 12.70 16.46
CA LYS C 352 -25.04 12.86 15.91
C LYS C 352 -25.04 12.70 14.40
N SER C 353 -23.98 13.17 13.74
CA SER C 353 -23.88 12.99 12.30
C SER C 353 -23.34 11.62 11.92
N ILE C 354 -22.62 10.96 12.83
CA ILE C 354 -22.23 9.58 12.60
C ILE C 354 -23.43 8.67 12.72
N ARG C 355 -24.25 8.88 13.73
CA ARG C 355 -25.45 8.08 13.91
C ARG C 355 -26.44 8.34 12.78
N ARG C 356 -26.54 9.59 12.32
CA ARG C 356 -27.43 9.92 11.23
C ARG C 356 -26.91 9.44 9.88
N LYS C 357 -25.61 9.17 9.76
CA LYS C 357 -25.10 8.61 8.52
C LYS C 357 -25.28 7.10 8.48
N PHE C 358 -25.04 6.42 9.62
CA PHE C 358 -25.41 5.02 9.72
C PHE C 358 -26.88 4.81 9.41
N MET C 359 -27.74 5.63 10.02
CA MET C 359 -29.17 5.51 9.77
C MET C 359 -29.47 5.76 8.29
N GLN C 360 -28.72 6.65 7.66
CA GLN C 360 -28.97 6.95 6.25
C GLN C 360 -28.65 5.74 5.37
N ASN C 361 -27.57 5.02 5.69
CA ASN C 361 -27.20 3.84 4.93
C ASN C 361 -28.14 2.68 5.23
N ILE C 362 -28.60 2.57 6.47
CA ILE C 362 -29.49 1.49 6.83
C ILE C 362 -30.87 1.71 6.19
N LYS C 363 -31.43 2.91 6.36
CA LYS C 363 -32.72 3.24 5.75
C LYS C 363 -32.74 2.92 4.26
N SER C 364 -31.63 3.17 3.56
CA SER C 364 -31.58 2.99 2.12
C SER C 364 -31.60 1.51 1.73
N CYS C 365 -30.86 0.68 2.46
CA CYS C 365 -30.90 -0.75 2.20
C CYS C 365 -32.30 -1.31 2.43
N PHE C 366 -32.89 -1.01 3.60
CA PHE C 366 -34.22 -1.52 3.91
C PHE C 366 -35.29 -1.00 2.98
N ASN C 367 -34.97 -0.02 2.13
CA ASN C 367 -35.86 0.42 1.07
C ASN C 367 -35.58 -0.28 -0.25
N GLY C 368 -34.71 -1.29 -0.25
CA GLY C 368 -34.48 -2.11 -1.42
C GLY C 368 -33.41 -1.61 -2.36
N SER C 369 -32.82 -0.45 -2.11
CA SER C 369 -31.82 0.10 -3.01
C SER C 369 -30.44 -0.51 -2.75
N GLY C 370 -29.81 -0.98 -3.83
CA GLY C 370 -28.40 -1.31 -3.79
C GLY C 370 -28.08 -2.72 -3.35
N MET C 371 -26.82 -2.91 -2.98
CA MET C 371 -26.28 -4.18 -2.53
C MET C 371 -25.89 -4.12 -1.07
N ARG C 372 -26.09 -5.24 -0.37
CA ARG C 372 -25.88 -5.29 1.08
C ARG C 372 -24.46 -4.94 1.44
N GLY C 373 -23.48 -5.31 0.63
CA GLY C 373 -22.10 -5.00 0.90
C GLY C 373 -21.43 -6.05 1.75
N LEU C 374 -20.22 -5.72 2.21
CA LEU C 374 -19.40 -6.63 3.00
C LEU C 374 -19.26 -7.98 2.32
N ASP C 375 -18.82 -7.93 1.05
CA ASP C 375 -18.57 -9.13 0.27
C ASP C 375 -17.43 -9.97 0.83
N PHE C 376 -16.63 -9.44 1.74
CA PHE C 376 -15.53 -10.21 2.29
C PHE C 376 -15.92 -11.02 3.51
N ILE C 377 -17.15 -10.86 3.99
CA ILE C 377 -17.72 -11.78 4.99
C ILE C 377 -18.43 -12.95 4.32
N SER C 378 -19.30 -12.64 3.37
CA SER C 378 -20.04 -13.62 2.57
C SER C 378 -20.46 -12.93 1.28
N PRO C 379 -20.76 -13.69 0.23
CA PRO C 379 -21.03 -13.04 -1.07
C PRO C 379 -22.18 -12.04 -0.97
N SER C 380 -21.97 -10.88 -1.58
CA SER C 380 -22.86 -9.74 -1.37
C SER C 380 -24.15 -9.91 -2.15
N MET C 381 -25.26 -9.99 -1.43
CA MET C 381 -26.58 -10.16 -2.02
C MET C 381 -27.33 -8.83 -2.02
N PRO C 382 -28.30 -8.66 -2.92
CA PRO C 382 -28.99 -7.36 -3.02
C PRO C 382 -29.76 -7.02 -1.75
N CYS C 383 -29.86 -5.72 -1.47
CA CYS C 383 -30.69 -5.27 -0.37
C CYS C 383 -32.15 -5.59 -0.66
N VAL C 384 -32.87 -6.01 0.38
CA VAL C 384 -34.27 -6.42 0.28
C VAL C 384 -35.17 -5.23 0.61
N LEU C 385 -36.24 -5.07 -0.16
CA LEU C 385 -37.27 -4.10 0.18
C LEU C 385 -38.07 -4.58 1.38
N THR C 386 -38.29 -3.68 2.34
CA THR C 386 -38.83 -3.99 3.64
C THR C 386 -39.92 -2.99 3.97
N LYS C 387 -40.91 -3.43 4.75
CA LYS C 387 -41.97 -2.56 5.21
C LYS C 387 -41.62 -1.78 6.47
N LEU C 388 -40.33 -1.75 6.84
CA LEU C 388 -39.93 -1.10 8.09
C LEU C 388 -40.25 0.39 8.03
N GLN C 389 -40.89 0.88 9.10
CA GLN C 389 -41.42 2.23 9.12
C GLN C 389 -40.74 3.13 10.14
N THR C 390 -39.99 2.57 11.08
CA THR C 390 -39.42 3.35 12.18
C THR C 390 -37.97 2.96 12.44
N ILE C 391 -37.15 2.99 11.40
CA ILE C 391 -35.70 2.89 11.56
C ILE C 391 -35.20 4.24 12.05
N GLY C 392 -34.62 4.26 13.24
CA GLY C 392 -34.08 5.49 13.77
C GLY C 392 -32.60 5.38 14.04
N GLU C 393 -32.06 6.31 14.85
CA GLU C 393 -30.64 6.29 15.17
C GLU C 393 -30.27 5.11 16.06
N ASP C 394 -31.22 4.55 16.81
CA ASP C 394 -30.93 3.45 17.73
C ASP C 394 -31.15 2.07 17.11
N PHE C 395 -31.30 1.98 15.79
CA PHE C 395 -31.66 0.73 15.15
C PHE C 395 -30.66 -0.36 15.50
N CYS C 396 -31.19 -1.50 15.97
CA CYS C 396 -30.38 -2.54 16.60
C CYS C 396 -30.29 -3.83 15.79
N GLY C 397 -30.79 -3.86 14.55
CA GLY C 397 -30.57 -4.97 13.65
C GLY C 397 -31.69 -6.01 13.66
N LEU C 398 -31.83 -6.71 12.52
CA LEU C 398 -32.78 -7.81 12.36
C LEU C 398 -32.15 -8.91 11.51
N ASP C 399 -32.91 -9.98 11.29
CA ASP C 399 -32.47 -11.08 10.43
C ASP C 399 -32.17 -10.62 9.02
N VAL C 400 -32.87 -9.60 8.53
CA VAL C 400 -32.85 -9.25 7.11
C VAL C 400 -31.89 -8.09 6.90
N ASN C 401 -31.12 -8.18 5.81
CA ASN C 401 -30.10 -7.20 5.46
C ASN C 401 -29.09 -7.04 6.60
N SER C 402 -28.70 -8.18 7.20
CA SER C 402 -28.08 -8.13 8.53
C SER C 402 -26.66 -7.59 8.48
N PRO C 403 -25.72 -8.22 7.81
CA PRO C 403 -24.38 -7.62 7.76
C PRO C 403 -24.32 -6.60 6.65
N LEU C 404 -24.55 -5.33 6.98
CA LEU C 404 -24.74 -4.28 6.00
C LEU C 404 -23.47 -3.45 5.84
N GLY C 405 -23.05 -3.24 4.59
CA GLY C 405 -21.93 -2.37 4.27
C GLY C 405 -22.37 -1.10 3.57
N GLY C 406 -22.38 0.02 4.31
CA GLY C 406 -22.82 1.27 3.72
C GLY C 406 -21.81 1.80 2.73
N GLU C 407 -22.33 2.43 1.67
CA GLU C 407 -21.48 3.07 0.68
C GLU C 407 -21.48 4.58 0.77
N THR C 408 -22.50 5.16 1.40
CA THR C 408 -22.57 6.60 1.60
C THR C 408 -21.71 6.97 2.80
N PRO C 409 -20.63 7.70 2.58
CA PRO C 409 -19.70 7.98 3.68
C PRO C 409 -20.12 9.21 4.47
N ILE C 410 -19.66 9.25 5.71
CA ILE C 410 -19.68 10.48 6.50
C ILE C 410 -18.47 11.30 6.11
N THR C 411 -18.69 12.57 5.76
CA THR C 411 -17.67 13.42 5.18
C THR C 411 -17.39 14.61 6.08
N SER C 412 -16.12 15.00 6.18
CA SER C 412 -15.76 16.20 6.92
C SER C 412 -14.58 16.87 6.24
N VAL C 413 -14.54 18.18 6.35
CA VAL C 413 -13.41 18.99 5.90
C VAL C 413 -12.51 19.25 7.10
N PRO C 414 -11.20 18.97 7.00
CA PRO C 414 -10.33 19.15 8.17
C PRO C 414 -10.21 20.61 8.58
N VAL C 415 -10.15 20.83 9.90
CA VAL C 415 -9.95 22.16 10.45
C VAL C 415 -8.48 22.57 10.46
N ALA C 416 -7.57 21.65 10.19
CA ALA C 416 -6.14 21.94 10.16
C ALA C 416 -5.44 20.89 9.32
N MET C 417 -4.36 21.29 8.66
CA MET C 417 -3.51 20.37 7.92
C MET C 417 -2.05 20.57 8.33
N PHE C 418 -1.23 19.54 8.09
CA PHE C 418 0.11 19.47 8.66
C PHE C 418 1.09 18.85 7.67
N ASN C 419 2.34 19.29 7.76
CA ASN C 419 3.42 18.80 6.91
C ASN C 419 4.14 17.59 7.49
N THR C 420 3.63 17.01 8.57
CA THR C 420 4.24 15.83 9.17
C THR C 420 3.17 14.78 9.40
N LYS C 421 3.61 13.55 9.60
CA LYS C 421 2.69 12.45 9.87
C LYS C 421 2.24 12.55 11.33
N LEU C 422 0.93 12.71 11.54
CA LEU C 422 0.36 12.78 12.88
C LEU C 422 0.04 11.38 13.38
N THR C 423 0.41 11.09 14.64
CA THR C 423 0.31 9.75 15.16
C THR C 423 -0.52 9.63 16.44
N SER C 424 -0.97 10.74 17.03
CA SER C 424 -1.85 10.67 18.19
C SER C 424 -2.75 11.89 18.24
N VAL C 425 -3.78 11.82 19.06
CA VAL C 425 -4.72 12.92 19.19
C VAL C 425 -5.39 12.84 20.57
N ALA C 426 -5.59 14.00 21.18
CA ALA C 426 -6.30 14.09 22.46
C ALA C 426 -6.91 15.48 22.57
N ALA C 427 -8.07 15.56 23.23
CA ALA C 427 -8.87 16.77 23.27
C ALA C 427 -9.37 17.03 24.68
N THR C 428 -9.24 18.29 25.12
CA THR C 428 -9.67 18.73 26.43
C THR C 428 -10.37 20.07 26.30
N SER C 429 -11.39 20.28 27.12
CA SER C 429 -12.10 21.56 27.16
C SER C 429 -12.17 22.08 28.58
N THR C 430 -11.07 21.98 29.32
CA THR C 430 -11.00 22.57 30.66
C THR C 430 -11.20 24.08 30.57
N SER C 431 -10.50 24.72 29.65
CA SER C 431 -10.80 26.09 29.32
C SER C 431 -12.14 26.17 28.61
N GLY C 432 -12.57 27.39 28.32
CA GLY C 432 -13.83 27.53 27.60
C GLY C 432 -13.79 27.03 26.18
N TYR C 433 -12.59 26.82 25.63
CA TYR C 433 -12.41 26.39 24.26
C TYR C 433 -11.88 24.97 24.25
N THR C 434 -12.16 24.23 23.16
CA THR C 434 -11.56 22.91 22.97
C THR C 434 -10.14 23.08 22.42
N VAL C 435 -9.20 22.41 23.05
CA VAL C 435 -7.82 22.35 22.58
C VAL C 435 -7.52 20.90 22.25
N VAL C 436 -6.98 20.68 21.06
CA VAL C 436 -6.65 19.35 20.58
C VAL C 436 -5.14 19.17 20.65
N PHE C 437 -4.71 18.11 21.31
CA PHE C 437 -3.30 17.77 21.41
C PHE C 437 -2.94 16.72 20.37
N VAL C 438 -1.92 16.99 19.58
CA VAL C 438 -1.56 16.19 18.41
C VAL C 438 -0.09 15.79 18.51
N GLY C 439 0.18 14.50 18.35
CA GLY C 439 1.55 13.97 18.41
C GLY C 439 2.13 13.70 17.03
N THR C 440 3.43 13.95 16.89
CA THR C 440 4.13 13.85 15.62
C THR C 440 4.94 12.56 15.54
N SER C 441 5.12 12.05 14.32
CA SER C 441 6.03 10.93 14.12
C SER C 441 7.48 11.32 14.31
N ASP C 442 7.77 12.62 14.36
CA ASP C 442 9.11 13.10 14.61
C ASP C 442 9.32 13.45 16.08
N GLY C 443 8.27 13.38 16.89
CA GLY C 443 8.39 13.59 18.32
C GLY C 443 7.87 14.91 18.83
N PHE C 444 7.15 15.66 18.01
CA PHE C 444 6.66 16.97 18.39
C PHE C 444 5.24 16.87 18.92
N LEU C 445 4.92 17.75 19.85
CA LEU C 445 3.57 17.94 20.34
C LEU C 445 3.06 19.29 19.84
N LYS C 446 1.89 19.29 19.24
CA LYS C 446 1.25 20.51 18.76
C LYS C 446 -0.10 20.66 19.44
N LYS C 447 -0.50 21.90 19.71
CA LYS C 447 -1.80 22.22 20.27
C LYS C 447 -2.59 23.03 19.27
N VAL C 448 -3.83 22.60 19.01
CA VAL C 448 -4.75 23.29 18.12
C VAL C 448 -5.98 23.66 18.92
N VAL C 449 -6.44 24.90 18.77
CA VAL C 449 -7.67 25.37 19.41
C VAL C 449 -8.77 25.43 18.35
N ILE C 450 -9.89 24.77 18.61
CA ILE C 450 -10.97 24.61 17.65
C ILE C 450 -12.13 25.50 18.08
N GLU C 451 -12.36 26.57 17.32
CA GLU C 451 -13.41 27.53 17.63
C GLU C 451 -14.71 27.24 16.90
N SER C 452 -14.64 26.52 15.78
CA SER C 452 -15.81 26.17 14.98
C SER C 452 -15.48 24.94 14.16
N SER C 453 -16.50 24.44 13.47
CA SER C 453 -16.24 23.39 12.49
C SER C 453 -15.44 23.90 11.30
N SER C 454 -15.20 25.20 11.22
CA SER C 454 -14.51 25.81 10.10
C SER C 454 -13.19 26.47 10.49
N ILE C 455 -13.07 26.97 11.71
CA ILE C 455 -11.93 27.79 12.11
C ILE C 455 -11.17 27.07 13.22
N ALA C 456 -9.88 26.90 13.02
CA ALA C 456 -8.97 26.30 14.00
C ALA C 456 -7.55 26.56 13.54
N ASN C 457 -6.64 26.66 14.51
CA ASN C 457 -5.27 27.01 14.20
C ASN C 457 -4.35 26.66 15.37
N GLU C 458 -3.10 26.37 15.05
CA GLU C 458 -2.11 26.06 16.08
C GLU C 458 -1.75 27.30 16.87
N TYR C 459 -1.59 27.12 18.18
CA TYR C 459 -1.07 28.16 19.03
C TYR C 459 0.16 27.72 19.81
N ALA C 460 0.57 26.46 19.70
CA ALA C 460 1.76 25.96 20.37
C ALA C 460 2.30 24.79 19.56
N SER C 461 3.62 24.56 19.68
CA SER C 461 4.29 23.46 19.01
C SER C 461 5.70 23.31 19.55
N PHE C 462 6.04 22.15 20.08
CA PHE C 462 7.37 21.94 20.64
C PHE C 462 7.66 20.44 20.67
N ALA C 463 8.94 20.11 20.72
CA ALA C 463 9.36 18.71 20.68
C ALA C 463 9.36 18.10 22.08
N VAL C 464 8.79 16.90 22.19
CA VAL C 464 8.77 16.15 23.46
C VAL C 464 9.90 15.13 23.51
N ASP C 465 10.07 14.34 22.45
CA ASP C 465 11.22 13.45 22.31
C ASP C 465 11.64 13.51 20.84
N LEU C 466 12.66 14.31 20.55
CA LEU C 466 13.01 14.53 19.15
C LEU C 466 13.61 13.26 18.56
N GLY C 467 13.16 12.91 17.35
CA GLY C 467 13.61 11.71 16.68
C GLY C 467 12.89 10.44 17.07
N SER C 468 11.73 10.55 17.71
CA SER C 468 11.05 9.41 18.32
C SER C 468 9.54 9.57 18.13
N GLU C 469 8.94 8.64 17.39
CA GLU C 469 7.51 8.74 17.08
C GLU C 469 6.65 8.65 18.32
N ILE C 470 5.67 9.54 18.42
CA ILE C 470 4.79 9.58 19.58
C ILE C 470 3.71 8.53 19.42
N ASN C 471 3.53 7.71 20.45
CA ASN C 471 2.59 6.60 20.43
C ASN C 471 1.16 7.10 20.31
N ARG C 472 0.28 6.21 19.86
CA ARG C 472 -1.13 6.56 19.67
C ARG C 472 -1.84 6.73 21.00
N ASP C 473 -1.48 5.92 22.00
CA ASP C 473 -2.10 5.99 23.32
C ASP C 473 -1.56 7.21 24.05
N MET C 474 -2.36 8.28 24.09
CA MET C 474 -1.95 9.54 24.71
C MET C 474 -3.12 10.02 25.56
N GLN C 475 -2.97 9.98 26.89
CA GLN C 475 -4.07 10.22 27.80
C GLN C 475 -3.74 11.36 28.78
N PHE C 476 -4.80 12.02 29.26
CA PHE C 476 -4.69 13.15 30.15
C PHE C 476 -4.66 12.71 31.61
N ASP C 477 -4.34 13.66 32.48
CA ASP C 477 -4.54 13.51 33.91
C ASP C 477 -6.04 13.55 34.24
N ASN C 478 -6.38 13.19 35.48
CA ASN C 478 -7.80 13.17 35.88
C ASN C 478 -8.42 14.57 35.85
N GLN C 479 -7.63 15.61 36.12
CA GLN C 479 -8.09 16.99 36.01
C GLN C 479 -7.82 17.60 34.64
N ASN C 480 -7.24 16.84 33.71
CA ASN C 480 -6.82 17.37 32.41
C ASN C 480 -5.86 18.54 32.57
N LEU C 481 -4.92 18.40 33.50
CA LEU C 481 -3.88 19.40 33.72
C LEU C 481 -2.52 18.96 33.22
N TYR C 482 -2.26 17.66 33.18
CA TYR C 482 -1.08 17.13 32.56
C TYR C 482 -1.50 16.09 31.53
N ILE C 483 -0.68 15.89 30.52
CA ILE C 483 -0.96 14.92 29.47
C ILE C 483 0.27 14.01 29.34
N TYR C 484 0.02 12.70 29.23
CA TYR C 484 1.09 11.71 29.17
C TYR C 484 1.42 11.41 27.71
N VAL C 485 2.64 11.75 27.30
CA VAL C 485 3.12 11.60 25.92
C VAL C 485 4.16 10.49 25.90
N MET C 486 3.86 9.42 25.17
CA MET C 486 4.74 8.26 25.12
C MET C 486 5.38 8.19 23.75
N SER C 487 6.72 8.14 23.73
CA SER C 487 7.47 7.98 22.50
C SER C 487 7.90 6.52 22.33
N LYS C 488 9.01 6.27 21.65
CA LYS C 488 9.45 4.88 21.48
C LYS C 488 9.82 4.25 22.82
N THR C 489 10.65 4.94 23.61
CA THR C 489 11.20 4.36 24.83
C THR C 489 10.97 5.18 26.09
N LYS C 490 10.24 6.30 26.01
CA LYS C 490 10.07 7.19 27.14
C LYS C 490 8.60 7.53 27.29
N VAL C 491 8.25 8.05 28.46
CA VAL C 491 6.97 8.68 28.72
C VAL C 491 7.24 10.03 29.35
N SER C 492 6.55 11.05 28.88
CA SER C 492 6.74 12.42 29.35
C SER C 492 5.43 12.95 29.89
N LYS C 493 5.46 13.45 31.13
CA LYS C 493 4.32 14.13 31.72
C LYS C 493 4.41 15.61 31.37
N VAL C 494 3.55 16.06 30.45
CA VAL C 494 3.60 17.42 29.93
C VAL C 494 2.48 18.24 30.55
N LYS C 495 2.80 19.44 31.01
CA LYS C 495 1.77 20.33 31.56
C LYS C 495 0.92 20.88 30.41
N VAL C 496 -0.39 20.92 30.62
CA VAL C 496 -1.29 21.33 29.53
C VAL C 496 -1.17 22.83 29.28
N PHE C 497 -1.03 23.63 30.33
CA PHE C 497 -0.82 25.07 30.18
C PHE C 497 0.06 25.56 31.30
N ASP C 498 0.84 26.60 31.01
CA ASP C 498 1.66 27.29 32.01
C ASP C 498 1.61 28.78 31.69
N CYS C 499 0.77 29.52 32.43
CA CYS C 499 0.61 30.95 32.18
C CYS C 499 1.54 31.81 33.02
N SER C 500 2.22 31.23 33.99
CA SER C 500 3.07 32.00 34.89
C SER C 500 4.37 32.44 34.24
N ASP C 501 4.84 31.71 33.22
CA ASP C 501 6.12 32.05 32.61
C ASP C 501 6.03 33.24 31.65
N TYR C 502 4.85 33.84 31.48
CA TYR C 502 4.66 35.05 30.67
C TYR C 502 4.73 36.25 31.60
N LYS C 503 5.90 36.91 31.61
CA LYS C 503 6.19 38.01 32.51
C LYS C 503 5.38 39.25 32.15
N THR C 504 5.75 39.91 31.05
CA THR C 504 5.00 41.05 30.57
C THR C 504 3.64 40.59 30.07
N CYS C 505 2.81 41.54 29.67
CA CYS C 505 1.46 41.24 29.22
C CYS C 505 1.33 41.03 27.73
N GLY C 506 2.08 41.77 26.91
CA GLY C 506 2.07 41.50 25.48
C GLY C 506 2.48 40.08 25.16
N ASP C 507 3.27 39.46 26.05
CA ASP C 507 3.61 38.06 25.88
C ASP C 507 2.48 37.14 26.32
N CYS C 508 1.69 37.56 27.30
CA CYS C 508 0.56 36.75 27.77
C CYS C 508 -0.52 36.66 26.71
N LEU C 509 -0.99 37.80 26.21
CA LEU C 509 -1.96 37.81 25.14
C LEU C 509 -1.34 37.47 23.79
N GLY C 510 -0.02 37.64 23.63
CA GLY C 510 0.61 37.32 22.37
C GLY C 510 0.74 35.83 22.12
N ALA C 511 0.81 35.04 23.21
CA ALA C 511 0.92 33.60 23.06
C ALA C 511 -0.33 32.99 22.47
N ARG C 512 -1.43 33.73 22.48
CA ARG C 512 -2.71 33.28 21.92
C ARG C 512 -3.13 31.94 22.52
N ASP C 513 -2.78 31.75 23.79
CA ASP C 513 -3.17 30.56 24.54
C ASP C 513 -4.59 30.73 25.06
N PRO C 514 -5.53 29.84 24.73
CA PRO C 514 -6.89 29.96 25.29
C PRO C 514 -6.94 29.75 26.79
N TYR C 515 -5.91 29.15 27.39
CA TYR C 515 -5.89 28.94 28.82
C TYR C 515 -5.44 30.20 29.57
N CYS C 516 -4.81 31.15 28.88
CA CYS C 516 -4.12 32.26 29.52
C CYS C 516 -4.82 33.58 29.25
N GLY C 517 -5.18 34.28 30.32
CA GLY C 517 -5.54 35.68 30.26
C GLY C 517 -4.67 36.47 31.21
N TRP C 518 -5.01 37.75 31.33
CA TRP C 518 -4.20 38.73 32.06
C TRP C 518 -5.09 39.53 32.99
N CYS C 519 -4.89 39.38 34.30
CA CYS C 519 -5.60 40.22 35.25
C CYS C 519 -5.10 41.65 35.14
N SER C 520 -6.03 42.60 35.20
CA SER C 520 -5.66 44.00 35.09
C SER C 520 -4.86 44.45 36.30
N LEU C 521 -5.37 44.16 37.51
CA LEU C 521 -4.76 44.62 38.75
C LEU C 521 -3.40 43.97 38.97
N GLU C 522 -3.39 42.69 39.36
CA GLU C 522 -2.14 41.98 39.54
C GLU C 522 -1.42 41.80 38.22
N ASN C 523 -0.09 41.70 38.27
CA ASN C 523 0.69 41.59 37.05
C ASN C 523 0.85 40.15 36.61
N LYS C 524 -0.16 39.32 36.87
CA LYS C 524 -0.06 37.89 36.61
C LYS C 524 -0.87 37.52 35.38
N CYS C 525 -0.27 36.70 34.53
CA CYS C 525 -1.00 35.99 33.49
C CYS C 525 -1.53 34.70 34.11
N SER C 526 -2.83 34.47 33.97
CA SER C 526 -3.51 33.34 34.61
C SER C 526 -4.93 33.25 34.06
N PRO C 527 -5.59 32.09 34.22
CA PRO C 527 -6.98 31.96 33.74
C PRO C 527 -7.94 32.81 34.56
N ARG C 528 -9.20 32.84 34.08
CA ARG C 528 -10.19 33.71 34.70
C ARG C 528 -10.39 33.39 36.18
N SER C 529 -10.42 32.11 36.52
CA SER C 529 -10.70 31.70 37.89
C SER C 529 -9.65 32.23 38.86
N ASN C 530 -8.44 32.47 38.37
CA ASN C 530 -7.36 32.90 39.24
C ASN C 530 -7.44 34.38 39.58
N CYS C 531 -8.03 35.21 38.71
CA CYS C 531 -8.20 36.61 39.05
C CYS C 531 -9.33 36.80 40.04
N GLN C 532 -9.33 37.96 40.68
CA GLN C 532 -10.39 38.34 41.61
C GLN C 532 -11.23 39.44 40.98
N ASP C 533 -12.54 39.18 40.81
CA ASP C 533 -13.46 40.14 40.24
C ASP C 533 -13.78 41.30 41.20
N ASP C 534 -12.93 41.58 42.19
CA ASP C 534 -13.15 42.70 43.09
C ASP C 534 -12.99 44.06 42.40
N ALA C 535 -12.26 44.11 41.30
CA ALA C 535 -12.10 45.35 40.56
C ALA C 535 -13.43 45.78 39.93
N ASN C 536 -13.64 47.09 39.89
CA ASN C 536 -14.91 47.62 39.37
C ASN C 536 -15.05 47.41 37.88
N ASP C 537 -13.94 47.47 37.13
CA ASP C 537 -14.01 47.35 35.69
C ASP C 537 -14.17 45.88 35.28
N PRO C 538 -15.01 45.59 34.29
CA PRO C 538 -15.11 44.22 33.76
C PRO C 538 -13.91 43.82 32.91
N LEU C 539 -13.03 44.77 32.57
CA LEU C 539 -11.80 44.48 31.82
C LEU C 539 -10.69 44.05 32.76
N TYR C 540 -11.04 43.44 33.89
CA TYR C 540 -10.03 42.92 34.80
C TYR C 540 -9.26 41.77 34.16
N TRP C 541 -9.96 40.84 33.51
CA TRP C 541 -9.36 39.71 32.82
C TRP C 541 -9.74 39.78 31.35
N VAL C 542 -8.74 39.82 30.47
CA VAL C 542 -8.95 40.01 29.04
C VAL C 542 -8.29 38.85 28.29
N SER C 543 -8.98 38.37 27.24
CA SER C 543 -8.48 37.26 26.45
C SER C 543 -7.52 37.75 25.38
N TYR C 544 -7.01 36.81 24.58
CA TYR C 544 -6.01 37.16 23.58
C TYR C 544 -6.59 37.74 22.30
N LYS C 545 -7.90 37.58 22.09
CA LYS C 545 -8.54 38.10 20.89
C LYS C 545 -9.65 39.08 21.18
N THR C 546 -10.12 39.19 22.44
CA THR C 546 -11.21 40.07 22.78
C THR C 546 -10.74 41.48 23.13
N GLY C 547 -9.45 41.67 23.41
CA GLY C 547 -8.98 42.98 23.79
C GLY C 547 -7.49 43.11 23.54
N LYS C 548 -6.99 44.33 23.82
CA LYS C 548 -5.58 44.67 23.66
C LYS C 548 -5.01 45.06 25.02
N CYS C 549 -3.81 44.60 25.29
CA CYS C 549 -3.19 44.91 26.57
C CYS C 549 -2.54 46.27 26.54
N PHE D 20 -56.90 -36.78 -3.92
CA PHE D 20 -56.95 -36.06 -2.65
C PHE D 20 -56.53 -34.63 -2.98
N ILE D 21 -57.50 -33.71 -3.03
CA ILE D 21 -57.27 -32.38 -3.58
C ILE D 21 -57.29 -31.36 -2.46
N GLY D 22 -56.39 -30.38 -2.55
CA GLY D 22 -56.39 -29.20 -1.71
C GLY D 22 -56.22 -27.99 -2.61
N ASN D 23 -55.96 -26.81 -2.05
CA ASN D 23 -55.78 -25.63 -2.89
C ASN D 23 -54.46 -25.74 -3.64
N SER D 24 -54.26 -24.83 -4.60
CA SER D 24 -52.94 -24.71 -5.21
C SER D 24 -51.99 -23.90 -4.35
N THR D 25 -52.51 -23.17 -3.37
CA THR D 25 -51.71 -22.28 -2.55
C THR D 25 -50.82 -23.04 -1.58
N ASP D 26 -51.32 -24.11 -0.97
CA ASP D 26 -50.47 -24.94 -0.11
C ASP D 26 -49.49 -25.73 -0.96
N TYR D 27 -48.52 -26.34 -0.28
CA TYR D 27 -47.39 -27.00 -0.96
C TYR D 27 -47.09 -28.33 -0.27
N PHE D 28 -47.58 -29.42 -0.86
CA PHE D 28 -47.49 -30.75 -0.27
C PHE D 28 -46.06 -31.27 -0.29
N LYS D 29 -45.69 -31.96 0.78
CA LYS D 29 -44.38 -32.60 0.89
C LYS D 29 -44.58 -33.92 1.63
N ILE D 30 -44.35 -35.04 0.93
CA ILE D 30 -44.42 -36.33 1.60
C ILE D 30 -43.39 -36.36 2.73
N LEU D 31 -43.87 -36.50 3.96
CA LEU D 31 -43.00 -36.54 5.12
C LEU D 31 -42.82 -37.94 5.70
N ASP D 32 -43.65 -38.91 5.30
CA ASP D 32 -43.51 -40.31 5.67
C ASP D 32 -44.46 -41.12 4.81
N HIS D 33 -44.04 -42.32 4.41
CA HIS D 33 -44.87 -43.14 3.55
C HIS D 33 -44.73 -44.62 3.90
N ASN D 34 -45.86 -45.27 4.16
CA ASN D 34 -45.98 -46.72 4.26
C ASN D 34 -46.86 -47.22 3.12
N ASP D 35 -47.01 -48.54 3.03
CA ASP D 35 -47.91 -49.08 2.05
C ASP D 35 -49.36 -48.89 2.45
N GLU D 36 -49.62 -48.58 3.72
CA GLU D 36 -50.97 -48.34 4.19
C GLU D 36 -51.31 -46.86 4.33
N PHE D 37 -50.37 -46.04 4.81
CA PHE D 37 -50.64 -44.64 5.11
C PHE D 37 -49.50 -43.74 4.62
N VAL D 38 -49.84 -42.48 4.37
CA VAL D 38 -48.90 -41.45 3.95
C VAL D 38 -49.21 -40.17 4.73
N LEU D 39 -48.17 -39.43 5.10
CA LEU D 39 -48.30 -38.17 5.82
C LEU D 39 -47.89 -37.03 4.90
N VAL D 40 -48.71 -35.98 4.87
CA VAL D 40 -48.56 -34.88 3.92
C VAL D 40 -48.49 -33.60 4.72
N GLY D 41 -47.34 -32.92 4.68
CA GLY D 41 -47.21 -31.60 5.28
C GLY D 41 -47.64 -30.52 4.30
N ALA D 42 -48.53 -29.64 4.75
CA ALA D 42 -49.10 -28.62 3.88
C ALA D 42 -49.05 -27.26 4.57
N LYS D 43 -49.92 -26.34 4.14
CA LYS D 43 -49.78 -24.93 4.47
C LYS D 43 -49.89 -24.68 5.97
N ASP D 44 -50.91 -25.22 6.61
CA ASP D 44 -51.05 -25.00 8.04
C ASP D 44 -51.45 -26.28 8.76
N VAL D 45 -51.41 -27.43 8.08
CA VAL D 45 -51.86 -28.69 8.64
C VAL D 45 -50.91 -29.78 8.16
N ILE D 46 -51.10 -30.97 8.74
CA ILE D 46 -50.45 -32.18 8.27
C ILE D 46 -51.50 -33.27 8.25
N TYR D 47 -51.59 -33.99 7.14
CA TYR D 47 -52.63 -34.97 6.92
C TYR D 47 -52.06 -36.37 7.08
N ASN D 48 -52.85 -37.25 7.67
CA ASN D 48 -52.56 -38.68 7.69
C ASN D 48 -53.57 -39.31 6.74
N VAL D 49 -53.08 -39.79 5.59
CA VAL D 49 -53.95 -40.18 4.47
C VAL D 49 -53.81 -41.67 4.21
N SER D 50 -54.96 -42.35 4.11
CA SER D 50 -54.98 -43.77 3.77
C SER D 50 -54.74 -43.96 2.27
N LEU D 51 -53.80 -44.86 1.93
CA LEU D 51 -53.58 -45.20 0.53
C LEU D 51 -54.67 -46.08 -0.05
N ASN D 52 -55.60 -46.57 0.78
CA ASN D 52 -56.67 -47.40 0.26
C ASN D 52 -57.54 -46.63 -0.72
N GLY D 53 -57.98 -45.43 -0.33
CA GLY D 53 -58.78 -44.61 -1.22
C GLY D 53 -58.36 -43.15 -1.27
N LEU D 54 -57.14 -42.86 -0.82
CA LEU D 54 -56.65 -41.49 -0.65
C LEU D 54 -57.65 -40.67 0.17
N LYS D 55 -58.08 -41.26 1.28
CA LYS D 55 -59.03 -40.66 2.19
C LYS D 55 -58.31 -40.14 3.42
N GLU D 56 -58.67 -38.94 3.86
CA GLU D 56 -58.07 -38.39 5.06
C GLU D 56 -58.47 -39.22 6.28
N ILE D 57 -57.48 -39.58 7.09
CA ILE D 57 -57.69 -40.37 8.30
C ILE D 57 -57.52 -39.53 9.55
N ALA D 58 -56.54 -38.64 9.56
CA ALA D 58 -56.30 -37.77 10.71
C ALA D 58 -55.65 -36.48 10.21
N ARG D 59 -55.68 -35.48 11.09
CA ARG D 59 -55.23 -34.14 10.76
C ARG D 59 -54.62 -33.52 12.01
N LEU D 60 -53.59 -32.69 11.81
CA LEU D 60 -53.03 -31.92 12.92
C LEU D 60 -52.76 -30.52 12.41
N GLU D 61 -53.56 -29.54 12.84
CA GLU D 61 -53.44 -28.16 12.40
C GLU D 61 -52.48 -27.40 13.31
N TRP D 62 -51.67 -26.54 12.68
CA TRP D 62 -50.68 -25.72 13.41
C TRP D 62 -50.45 -24.44 12.60
N HIS D 63 -51.06 -23.35 13.06
CA HIS D 63 -51.07 -22.07 12.35
C HIS D 63 -50.09 -21.11 13.00
N SER D 64 -49.43 -20.30 12.18
CA SER D 64 -48.54 -19.26 12.69
C SER D 64 -49.36 -18.17 13.39
N THR D 65 -48.84 -17.69 14.52
CA THR D 65 -49.51 -16.61 15.23
C THR D 65 -49.50 -15.35 14.40
N ASP D 66 -50.50 -14.49 14.61
CA ASP D 66 -50.63 -13.30 13.79
C ASP D 66 -49.45 -12.37 13.97
N ALA D 67 -48.85 -12.38 15.15
CA ALA D 67 -47.68 -11.53 15.37
C ALA D 67 -46.46 -12.08 14.63
N ASP D 68 -46.32 -13.41 14.60
CA ASP D 68 -45.18 -14.04 13.92
C ASP D 68 -45.29 -13.89 12.41
N ARG D 69 -46.50 -13.90 11.88
CA ARG D 69 -46.68 -13.76 10.44
C ARG D 69 -46.82 -12.31 10.00
N GLU D 70 -47.06 -11.39 10.92
CA GLU D 70 -46.89 -9.98 10.59
C GLU D 70 -45.40 -9.61 10.55
N LEU D 71 -44.59 -10.23 11.40
CA LEU D 71 -43.15 -10.06 11.34
C LEU D 71 -42.58 -10.55 10.02
N CYS D 72 -43.17 -11.62 9.47
CA CYS D 72 -42.67 -12.15 8.20
C CYS D 72 -42.95 -11.19 7.06
N ALA D 73 -44.20 -10.73 6.94
CA ALA D 73 -44.52 -9.77 5.89
C ALA D 73 -43.79 -8.45 6.11
N LEU D 74 -43.46 -8.14 7.36
CA LEU D 74 -42.72 -6.91 7.65
C LEU D 74 -41.35 -6.93 7.02
N LYS D 75 -40.65 -8.09 7.10
CA LYS D 75 -39.30 -8.26 6.59
C LYS D 75 -39.26 -8.53 5.09
N GLY D 76 -40.30 -8.17 4.34
CA GLY D 76 -40.22 -8.15 2.90
C GLY D 76 -40.80 -9.36 2.18
N LYS D 77 -41.63 -10.14 2.83
CA LYS D 77 -42.24 -11.32 2.22
C LYS D 77 -43.70 -11.05 1.92
N HIS D 78 -44.30 -11.99 1.19
CA HIS D 78 -45.67 -11.88 0.72
C HIS D 78 -46.60 -12.67 1.63
N GLU D 79 -47.90 -12.56 1.34
CA GLU D 79 -48.88 -13.34 2.09
C GLU D 79 -48.65 -14.84 1.90
N TRP D 80 -48.49 -15.28 0.65
CA TRP D 80 -48.35 -16.71 0.39
C TRP D 80 -47.07 -17.31 0.95
N ASP D 81 -46.14 -16.49 1.41
CA ASP D 81 -44.91 -17.00 2.02
C ASP D 81 -45.00 -17.10 3.53
N CYS D 82 -45.84 -16.27 4.15
CA CYS D 82 -45.92 -16.17 5.60
C CYS D 82 -46.98 -17.13 6.13
N HIS D 83 -46.66 -18.41 6.04
CA HIS D 83 -47.48 -19.45 6.63
C HIS D 83 -46.56 -20.45 7.31
N ASN D 84 -47.16 -21.40 8.05
CA ASN D 84 -46.41 -22.41 8.78
C ASN D 84 -46.41 -23.72 7.98
N TYR D 85 -45.53 -23.79 7.00
CA TYR D 85 -45.45 -24.95 6.12
C TYR D 85 -44.75 -26.10 6.85
N LEU D 86 -45.52 -27.14 7.19
CA LEU D 86 -44.96 -28.31 7.85
C LEU D 86 -44.01 -29.07 6.93
N ARG D 87 -42.76 -29.28 7.39
CA ARG D 87 -41.71 -29.80 6.53
C ARG D 87 -40.77 -30.80 7.19
N VAL D 88 -40.98 -31.17 8.45
CA VAL D 88 -40.18 -32.21 9.09
C VAL D 88 -41.07 -33.04 10.00
N TYR D 89 -41.03 -34.36 9.81
CA TYR D 89 -41.75 -35.31 10.64
C TYR D 89 -40.82 -36.44 11.03
N ALA D 90 -41.04 -36.97 12.23
CA ALA D 90 -40.26 -38.08 12.75
C ALA D 90 -40.98 -38.64 13.96
N LEU D 91 -41.20 -39.95 13.99
CA LEU D 91 -41.79 -40.60 15.15
C LEU D 91 -40.65 -41.04 16.06
N ARG D 92 -40.59 -40.47 17.26
CA ARG D 92 -39.48 -40.75 18.16
C ARG D 92 -39.66 -42.12 18.81
N PRO D 93 -38.58 -42.75 19.27
CA PRO D 93 -38.67 -44.14 19.74
C PRO D 93 -39.55 -44.34 20.96
N ASN D 94 -40.06 -43.27 21.58
CA ASN D 94 -40.85 -43.38 22.80
C ASN D 94 -42.36 -43.26 22.54
N GLY D 95 -42.78 -43.17 21.28
CA GLY D 95 -44.15 -42.84 20.95
C GLY D 95 -44.40 -41.36 20.72
N GLU D 96 -43.45 -40.51 21.07
CA GLU D 96 -43.53 -39.07 20.85
C GLU D 96 -43.50 -38.77 19.34
N VAL D 97 -43.91 -37.55 18.98
CA VAL D 97 -43.97 -37.12 17.58
C VAL D 97 -43.22 -35.80 17.43
N LEU D 98 -42.16 -35.81 16.62
CA LEU D 98 -41.39 -34.60 16.31
C LEU D 98 -41.94 -33.98 15.03
N LEU D 99 -42.33 -32.70 15.10
CA LEU D 99 -43.03 -32.05 14.02
C LEU D 99 -42.55 -30.61 13.93
N CYS D 100 -41.99 -30.23 12.79
CA CYS D 100 -41.42 -28.90 12.60
C CYS D 100 -42.03 -28.23 11.39
N GLY D 101 -42.05 -26.90 11.42
CA GLY D 101 -42.68 -26.14 10.37
C GLY D 101 -41.93 -24.85 10.14
N THR D 102 -42.17 -24.24 8.98
CA THR D 102 -41.41 -23.05 8.64
C THR D 102 -41.83 -21.85 9.47
N ASN D 103 -43.11 -21.78 9.86
CA ASN D 103 -43.64 -20.73 10.72
C ASN D 103 -43.26 -19.34 10.21
N SER D 104 -43.65 -19.07 8.97
CA SER D 104 -43.48 -17.77 8.35
C SER D 104 -42.05 -17.26 8.48
N TYR D 105 -41.11 -18.05 7.96
CA TYR D 105 -39.69 -17.73 8.01
C TYR D 105 -39.22 -17.53 9.45
N LYS D 106 -39.73 -18.36 10.35
CA LYS D 106 -39.27 -18.42 11.73
C LYS D 106 -39.47 -19.85 12.22
N PRO D 107 -38.65 -20.78 11.71
CA PRO D 107 -38.97 -22.21 11.88
C PRO D 107 -38.99 -22.66 13.33
N ARG D 108 -40.00 -23.45 13.67
CA ARG D 108 -40.18 -23.98 15.01
C ARG D 108 -40.31 -25.50 14.96
N CYS D 109 -39.97 -26.15 16.07
CA CYS D 109 -40.18 -27.58 16.23
C CYS D 109 -41.00 -27.83 17.48
N ARG D 110 -41.88 -28.82 17.40
CA ARG D 110 -42.75 -29.18 18.51
C ARG D 110 -42.62 -30.67 18.81
N HIS D 111 -43.02 -31.02 20.03
CA HIS D 111 -43.07 -32.41 20.49
C HIS D 111 -44.52 -32.70 20.87
N TYR D 112 -45.24 -33.39 20.01
CA TYR D 112 -46.59 -33.85 20.31
C TYR D 112 -46.54 -35.22 20.97
N THR D 113 -47.23 -35.34 22.11
CA THR D 113 -47.34 -36.63 22.81
C THR D 113 -48.82 -36.94 23.07
N PRO D 114 -49.27 -38.18 22.82
CA PRO D 114 -50.64 -38.60 23.14
C PRO D 114 -50.86 -38.88 24.63
N ARG D 132 -56.43 -36.53 21.13
CA ARG D 132 -55.26 -37.35 20.82
C ARG D 132 -53.94 -36.68 21.27
N TYR D 133 -53.32 -35.91 20.36
CA TYR D 133 -52.01 -35.33 20.66
C TYR D 133 -52.14 -34.05 21.46
N GLU D 134 -51.07 -33.71 22.18
CA GLU D 134 -51.01 -32.53 23.02
C GLU D 134 -49.59 -31.99 23.00
N VAL D 135 -49.45 -30.66 22.94
CA VAL D 135 -48.15 -30.04 22.78
C VAL D 135 -47.34 -30.20 24.07
N SER D 136 -46.11 -30.69 23.94
CA SER D 136 -45.23 -30.97 25.07
C SER D 136 -43.91 -30.22 25.03
N ARG D 137 -43.57 -29.60 23.91
CA ARG D 137 -42.34 -28.84 23.80
C ARG D 137 -42.43 -28.00 22.54
N ASP D 138 -41.94 -26.77 22.63
CA ASP D 138 -41.89 -25.86 21.50
C ASP D 138 -40.61 -25.05 21.67
N VAL D 139 -39.85 -24.91 20.59
CA VAL D 139 -38.50 -24.39 20.67
C VAL D 139 -38.11 -23.94 19.27
N GLU D 140 -37.08 -23.09 19.17
CA GLU D 140 -36.58 -22.63 17.88
C GLU D 140 -36.03 -23.79 17.07
N ALA D 141 -36.05 -23.64 15.74
CA ALA D 141 -35.68 -24.72 14.84
C ALA D 141 -34.70 -24.27 13.77
N GLN D 142 -34.01 -23.16 13.99
CA GLN D 142 -33.04 -22.68 13.03
C GLN D 142 -31.99 -23.77 12.81
N GLY D 143 -31.78 -24.14 11.54
CA GLY D 143 -30.89 -25.24 11.20
C GLY D 143 -31.51 -26.62 11.25
N LEU D 144 -32.72 -26.75 11.80
CA LEU D 144 -33.42 -28.02 11.86
C LEU D 144 -34.56 -28.12 10.87
N CYS D 145 -34.95 -27.00 10.28
CA CYS D 145 -36.16 -26.95 9.47
C CYS D 145 -36.10 -25.74 8.56
N PRO D 146 -36.39 -25.88 7.27
CA PRO D 146 -36.23 -24.75 6.35
C PRO D 146 -37.08 -23.55 6.76
N TYR D 147 -36.76 -22.40 6.18
CA TYR D 147 -37.57 -21.21 6.31
C TYR D 147 -38.65 -21.13 5.24
N SER D 148 -38.29 -21.42 3.99
CA SER D 148 -39.10 -21.35 2.77
C SER D 148 -39.76 -22.70 2.48
N PRO D 149 -40.97 -22.69 1.94
CA PRO D 149 -41.64 -23.94 1.58
C PRO D 149 -41.09 -24.60 0.32
N ALA D 150 -40.12 -23.97 -0.36
CA ALA D 150 -39.50 -24.56 -1.53
C ALA D 150 -38.88 -25.92 -1.21
N HIS D 151 -38.82 -26.78 -2.23
CA HIS D 151 -38.23 -28.10 -2.11
C HIS D 151 -36.70 -28.01 -2.20
N ASN D 152 -36.16 -27.18 -1.32
CA ASN D 152 -34.75 -26.83 -1.25
C ASN D 152 -33.97 -27.69 -0.26
N SER D 153 -34.65 -28.33 0.68
CA SER D 153 -34.08 -28.92 1.88
C SER D 153 -34.43 -30.40 1.97
N THR D 154 -33.83 -31.07 2.95
CA THR D 154 -34.10 -32.47 3.21
C THR D 154 -33.59 -32.81 4.60
N TYR D 155 -33.89 -34.02 5.05
CA TYR D 155 -33.50 -34.46 6.38
C TYR D 155 -33.57 -35.99 6.43
N ALA D 156 -33.05 -36.54 7.51
CA ALA D 156 -33.08 -37.99 7.71
C ALA D 156 -33.01 -38.27 9.20
N PHE D 157 -34.08 -38.86 9.75
CA PHE D 157 -34.13 -39.16 11.18
C PHE D 157 -33.52 -40.55 11.37
N ALA D 158 -32.22 -40.59 11.67
CA ALA D 158 -31.45 -41.83 11.66
C ALA D 158 -30.97 -42.17 13.06
N ASP D 159 -31.40 -43.33 13.58
CA ASP D 159 -31.01 -43.83 14.90
C ASP D 159 -31.33 -42.80 15.98
N GLY D 160 -32.56 -42.29 15.95
CA GLY D 160 -33.03 -41.36 16.96
C GLY D 160 -32.33 -40.02 16.96
N HIS D 161 -31.91 -39.53 15.80
CA HIS D 161 -31.24 -38.25 15.67
C HIS D 161 -31.57 -37.66 14.31
N LEU D 162 -31.93 -36.38 14.30
CA LEU D 162 -32.34 -35.72 13.07
C LEU D 162 -31.13 -35.11 12.39
N TYR D 163 -30.85 -35.56 11.16
CA TYR D 163 -29.80 -34.97 10.33
C TYR D 163 -30.46 -34.03 9.32
N SER D 164 -30.13 -32.74 9.42
CA SER D 164 -30.84 -31.72 8.67
C SER D 164 -29.91 -31.06 7.66
N ALA D 165 -30.44 -30.78 6.48
CA ALA D 165 -29.72 -30.09 5.42
C ALA D 165 -30.63 -28.99 4.88
N THR D 166 -30.32 -27.75 5.21
CA THR D 166 -31.22 -26.64 4.96
C THR D 166 -30.43 -25.33 5.05
N VAL D 167 -31.13 -24.23 5.28
CA VAL D 167 -30.49 -22.97 5.64
C VAL D 167 -30.90 -22.64 7.07
N ALA D 168 -30.03 -21.92 7.76
CA ALA D 168 -30.29 -21.53 9.13
C ALA D 168 -30.61 -20.06 9.29
N ASP D 169 -30.55 -19.27 8.20
CA ASP D 169 -30.77 -17.85 8.24
C ASP D 169 -31.99 -17.47 7.41
N PHE D 170 -32.60 -16.33 7.77
CA PHE D 170 -33.74 -15.83 7.01
C PHE D 170 -33.35 -15.52 5.57
N SER D 171 -32.14 -15.02 5.36
CA SER D 171 -31.68 -14.62 4.03
C SER D 171 -31.25 -15.80 3.17
N GLY D 172 -31.17 -17.00 3.73
CA GLY D 172 -30.86 -18.17 2.94
C GLY D 172 -29.44 -18.29 2.43
N GLY D 173 -28.50 -17.53 2.99
CA GLY D 173 -27.11 -17.61 2.59
C GLY D 173 -26.19 -18.37 3.52
N ASP D 174 -26.73 -19.12 4.50
CA ASP D 174 -25.95 -19.97 5.40
C ASP D 174 -26.44 -21.42 5.30
N PRO D 175 -26.06 -22.13 4.25
CA PRO D 175 -26.37 -23.56 4.19
C PRO D 175 -25.53 -24.37 5.16
N LEU D 176 -26.12 -25.46 5.66
CA LEU D 176 -25.39 -26.32 6.58
C LEU D 176 -26.00 -27.71 6.58
N ILE D 177 -25.23 -28.66 7.10
CA ILE D 177 -25.74 -29.98 7.44
C ILE D 177 -25.55 -30.15 8.94
N TYR D 178 -26.67 -30.17 9.69
CA TYR D 178 -26.65 -30.07 11.15
C TYR D 178 -27.18 -31.34 11.79
N ARG D 179 -26.48 -31.81 12.82
CA ARG D 179 -26.99 -32.81 13.77
C ARG D 179 -26.81 -32.25 15.18
N GLU D 180 -27.24 -33.00 16.19
CA GLU D 180 -27.13 -32.57 17.58
C GLU D 180 -25.68 -32.21 17.91
N ASN D 181 -25.40 -30.90 18.01
CA ASN D 181 -24.11 -30.34 18.42
C ASN D 181 -23.03 -30.43 17.35
N LEU D 182 -23.40 -30.60 16.08
CA LEU D 182 -22.41 -30.68 15.01
C LEU D 182 -22.98 -30.04 13.75
N ARG D 183 -22.20 -29.13 13.16
CA ARG D 183 -22.61 -28.47 11.92
C ARG D 183 -21.42 -28.31 11.00
N THR D 184 -21.70 -28.01 9.74
CA THR D 184 -20.63 -27.69 8.82
C THR D 184 -20.14 -26.27 9.08
N GLU D 185 -19.04 -25.91 8.44
CA GLU D 185 -18.42 -24.61 8.66
C GLU D 185 -19.29 -23.51 8.08
N GLN D 186 -19.67 -22.55 8.92
CA GLN D 186 -20.51 -21.44 8.50
C GLN D 186 -19.81 -20.63 7.42
N TYR D 187 -20.53 -20.37 6.33
CA TYR D 187 -20.07 -19.56 5.20
C TYR D 187 -18.85 -20.14 4.50
N ASP D 188 -18.51 -21.40 4.76
CA ASP D 188 -17.39 -22.02 4.06
C ASP D 188 -17.88 -22.54 2.71
N LEU D 189 -17.45 -21.90 1.63
CA LEU D 189 -17.96 -22.29 0.32
C LEU D 189 -17.32 -23.55 -0.24
N LYS D 190 -16.19 -23.98 0.32
CA LYS D 190 -15.61 -25.22 -0.17
C LYS D 190 -16.39 -26.44 0.32
N GLN D 191 -17.17 -26.29 1.39
CA GLN D 191 -18.05 -27.36 1.86
C GLN D 191 -19.43 -27.28 1.25
N LEU D 192 -20.01 -26.09 1.11
CA LEU D 192 -21.33 -25.94 0.53
C LEU D 192 -21.42 -24.56 -0.10
N ASN D 193 -21.64 -24.52 -1.42
CA ASN D 193 -21.72 -23.28 -2.18
C ASN D 193 -23.10 -23.18 -2.85
N GLN D 194 -24.06 -22.60 -2.14
CA GLN D 194 -25.41 -22.34 -2.62
C GLN D 194 -26.10 -23.63 -3.08
N PRO D 195 -26.31 -24.59 -2.17
CA PRO D 195 -26.81 -25.91 -2.58
C PRO D 195 -28.33 -26.00 -2.56
N ASP D 196 -28.84 -26.94 -3.35
CA ASP D 196 -30.25 -27.33 -3.34
C ASP D 196 -30.28 -28.84 -3.07
N PHE D 197 -30.73 -29.22 -1.88
CA PHE D 197 -30.74 -30.62 -1.47
C PHE D 197 -31.95 -31.34 -2.06
N VAL D 198 -31.73 -32.56 -2.55
CA VAL D 198 -32.78 -33.35 -3.16
C VAL D 198 -33.09 -34.64 -2.42
N GLY D 199 -32.26 -35.06 -1.46
CA GLY D 199 -32.54 -36.30 -0.76
C GLY D 199 -31.46 -36.63 0.24
N ALA D 200 -31.79 -37.56 1.14
CA ALA D 200 -30.90 -38.00 2.20
C ALA D 200 -31.20 -39.44 2.53
N ILE D 201 -30.17 -40.27 2.53
CA ILE D 201 -30.29 -41.71 2.74
C ILE D 201 -29.43 -42.11 3.93
N GLU D 202 -29.94 -43.02 4.75
CA GLU D 202 -29.15 -43.64 5.80
C GLU D 202 -28.54 -44.93 5.28
N ARG D 203 -27.27 -45.17 5.61
CA ARG D 203 -26.59 -46.35 5.08
C ARG D 203 -25.34 -46.67 5.89
N ASN D 204 -25.32 -47.85 6.53
CA ASN D 204 -24.08 -48.49 6.98
C ASN D 204 -23.25 -47.59 7.90
N GLY D 205 -23.93 -46.87 8.77
CA GLY D 205 -23.19 -46.00 9.67
C GLY D 205 -22.79 -44.66 9.10
N TYR D 206 -23.23 -44.34 7.88
CA TYR D 206 -23.10 -43.01 7.30
C TYR D 206 -24.48 -42.41 7.08
N VAL D 207 -24.52 -41.15 6.67
CA VAL D 207 -25.72 -40.52 6.14
C VAL D 207 -25.33 -39.79 4.87
N LEU D 208 -25.97 -40.14 3.76
CA LEU D 208 -25.65 -39.58 2.47
C LEU D 208 -26.60 -38.44 2.15
N PHE D 209 -26.06 -37.36 1.59
CA PHE D 209 -26.85 -36.20 1.19
C PHE D 209 -26.64 -35.96 -0.30
N PHE D 210 -27.74 -35.80 -1.02
CA PHE D 210 -27.72 -35.62 -2.47
C PHE D 210 -28.13 -34.18 -2.78
N PHE D 211 -27.32 -33.48 -3.55
CA PHE D 211 -27.65 -32.09 -3.84
C PHE D 211 -26.88 -31.61 -5.06
N ARG D 212 -27.33 -30.48 -5.60
CA ARG D 212 -26.60 -29.74 -6.60
C ARG D 212 -26.03 -28.46 -5.98
N GLU D 213 -24.87 -28.05 -6.48
CA GLU D 213 -24.05 -27.04 -5.82
C GLU D 213 -23.40 -26.16 -6.89
N LEU D 214 -22.92 -25.00 -6.47
CA LEU D 214 -22.11 -24.16 -7.34
C LEU D 214 -20.69 -24.69 -7.42
N SER D 215 -20.08 -24.57 -8.60
CA SER D 215 -18.75 -25.11 -8.83
C SER D 215 -17.72 -24.04 -8.50
N MET D 216 -16.93 -24.30 -7.45
CA MET D 216 -15.65 -23.62 -7.25
C MET D 216 -14.51 -24.62 -7.25
N GLU D 217 -14.79 -25.88 -7.60
CA GLU D 217 -13.76 -26.93 -7.55
C GLU D 217 -12.67 -26.71 -8.60
N VAL D 218 -13.07 -26.36 -9.82
CA VAL D 218 -12.13 -26.17 -10.93
C VAL D 218 -11.60 -24.74 -10.86
N MET D 219 -10.30 -24.58 -11.14
CA MET D 219 -9.66 -23.27 -11.05
C MET D 219 -10.26 -22.27 -12.02
N ASN D 220 -10.92 -22.73 -13.07
CA ASN D 220 -11.55 -21.87 -14.07
C ASN D 220 -13.08 -21.99 -14.03
N PHE D 221 -13.66 -21.98 -12.83
CA PHE D 221 -15.10 -22.11 -12.71
C PHE D 221 -15.80 -20.83 -13.14
N GLY D 222 -16.98 -21.00 -13.75
CA GLY D 222 -17.74 -19.87 -14.21
C GLY D 222 -19.23 -20.01 -13.97
N LYS D 223 -19.62 -20.05 -12.70
CA LYS D 223 -21.03 -20.18 -12.31
C LYS D 223 -21.66 -21.45 -12.87
N ALA D 224 -20.93 -22.56 -12.79
CA ALA D 224 -21.41 -23.87 -13.20
C ALA D 224 -22.02 -24.62 -12.01
N VAL D 225 -23.00 -25.45 -12.30
CA VAL D 225 -23.69 -26.23 -11.28
C VAL D 225 -23.32 -27.70 -11.45
N TYR D 226 -22.88 -28.32 -10.37
CA TYR D 226 -22.51 -29.73 -10.32
C TYR D 226 -23.29 -30.41 -9.21
N SER D 227 -23.52 -31.71 -9.35
CA SER D 227 -24.29 -32.46 -8.39
C SER D 227 -23.37 -33.30 -7.52
N ARG D 228 -23.63 -33.31 -6.22
CA ARG D 228 -22.74 -33.96 -5.27
C ARG D 228 -23.49 -35.04 -4.50
N VAL D 229 -22.72 -35.97 -3.95
CA VAL D 229 -23.17 -36.83 -2.88
C VAL D 229 -22.22 -36.62 -1.70
N ALA D 230 -22.78 -36.26 -0.54
CA ALA D 230 -22.01 -35.97 0.66
C ALA D 230 -22.23 -37.06 1.70
N ARG D 231 -21.40 -37.05 2.73
CA ARG D 231 -21.37 -38.15 3.70
C ARG D 231 -20.91 -37.62 5.05
N VAL D 232 -21.55 -38.07 6.12
CA VAL D 232 -21.08 -37.80 7.48
C VAL D 232 -21.24 -39.06 8.31
N CYS D 233 -20.27 -39.32 9.17
CA CYS D 233 -20.36 -40.48 10.05
C CYS D 233 -21.43 -40.23 11.12
N LYS D 234 -22.15 -41.28 11.49
CA LYS D 234 -23.18 -41.10 12.50
C LYS D 234 -22.59 -41.03 13.91
N ASN D 235 -21.43 -41.65 14.14
CA ASN D 235 -20.75 -41.60 15.43
C ASN D 235 -19.76 -40.45 15.51
N ASP D 236 -19.92 -39.45 14.67
CA ASP D 236 -19.11 -38.25 14.73
C ASP D 236 -19.45 -37.46 15.99
N ARG D 237 -18.42 -37.00 16.71
CA ARG D 237 -18.64 -36.25 17.93
C ARG D 237 -17.87 -34.93 17.97
N GLY D 238 -17.41 -34.47 16.81
CA GLY D 238 -16.65 -33.24 16.73
C GLY D 238 -15.16 -33.46 17.01
N GLY D 239 -14.37 -32.48 16.63
CA GLY D 239 -12.94 -32.54 16.87
C GLY D 239 -12.59 -32.06 18.26
N PRO D 240 -11.29 -32.05 18.53
CA PRO D 240 -10.82 -31.60 19.85
C PRO D 240 -10.88 -30.09 20.02
N TYR D 241 -11.07 -29.66 21.27
CA TYR D 241 -11.05 -28.25 21.65
C TYR D 241 -12.10 -27.44 20.89
N SER D 242 -11.66 -26.59 19.96
CA SER D 242 -12.59 -25.70 19.28
C SER D 242 -13.35 -26.40 18.15
N HIS D 243 -12.82 -27.49 17.60
CA HIS D 243 -13.50 -28.27 16.57
C HIS D 243 -14.70 -29.06 17.10
N GLY D 244 -14.97 -29.03 18.41
CA GLY D 244 -16.01 -29.83 19.04
C GLY D 244 -17.43 -29.59 18.57
N LYS D 245 -17.65 -28.56 17.74
CA LYS D 245 -18.99 -28.26 17.21
C LYS D 245 -19.09 -28.48 15.70
N SER D 246 -18.11 -29.14 15.08
CA SER D 246 -18.10 -29.25 13.62
C SER D 246 -17.75 -30.67 13.18
N TRP D 247 -18.21 -31.01 11.97
CA TRP D 247 -18.03 -32.36 11.46
C TRP D 247 -16.56 -32.66 11.22
N THR D 248 -16.15 -33.87 11.60
CA THR D 248 -14.81 -34.35 11.27
C THR D 248 -14.84 -35.38 10.15
N SER D 249 -15.98 -35.53 9.48
CA SER D 249 -16.11 -36.58 8.49
C SER D 249 -16.82 -36.15 7.22
N PHE D 250 -17.02 -34.85 7.01
CA PHE D 250 -17.78 -34.41 5.84
C PHE D 250 -16.95 -34.54 4.58
N LEU D 251 -17.43 -35.33 3.63
CA LEU D 251 -16.78 -35.53 2.35
C LEU D 251 -17.83 -35.59 1.26
N LYS D 252 -17.49 -35.10 0.08
CA LYS D 252 -18.44 -35.10 -1.03
C LYS D 252 -17.75 -35.51 -2.32
N ALA D 253 -18.56 -36.02 -3.25
CA ALA D 253 -18.08 -36.48 -4.54
C ALA D 253 -19.07 -36.08 -5.62
N ARG D 254 -18.56 -35.80 -6.82
CA ARG D 254 -19.42 -35.45 -7.93
C ARG D 254 -20.08 -36.69 -8.52
N LEU D 255 -21.35 -36.56 -8.92
CA LEU D 255 -22.05 -37.62 -9.61
C LEU D 255 -21.90 -37.44 -11.12
N ASN D 256 -21.64 -38.56 -11.81
CA ASN D 256 -21.40 -38.58 -13.26
C ASN D 256 -22.61 -39.20 -13.95
N CYS D 257 -23.47 -38.34 -14.51
CA CYS D 257 -24.60 -38.77 -15.33
C CYS D 257 -24.44 -38.24 -16.74
N SER D 258 -23.39 -38.67 -17.42
CA SER D 258 -23.11 -38.18 -18.76
C SER D 258 -23.33 -39.27 -19.79
N VAL D 259 -23.58 -38.85 -21.02
CA VAL D 259 -23.60 -39.73 -22.18
C VAL D 259 -22.16 -39.89 -22.67
N PRO D 260 -21.62 -41.10 -22.71
CA PRO D 260 -20.23 -41.28 -23.11
C PRO D 260 -20.03 -41.23 -24.62
N GLU D 262 -17.41 -40.18 -28.14
CA GLU D 262 -16.53 -39.11 -28.60
C GLU D 262 -17.12 -37.73 -28.29
N PHE D 263 -18.44 -37.61 -28.25
CA PHE D 263 -19.15 -36.34 -28.05
C PHE D 263 -19.92 -36.40 -26.75
N PRO D 264 -19.26 -36.18 -25.62
CA PRO D 264 -19.96 -36.31 -24.32
C PRO D 264 -21.08 -35.29 -24.17
N PHE D 265 -22.07 -35.66 -23.36
CA PHE D 265 -23.22 -34.82 -23.07
C PHE D 265 -23.55 -34.97 -21.59
N TYR D 266 -23.45 -33.88 -20.83
CA TYR D 266 -23.58 -33.96 -19.39
C TYR D 266 -24.93 -33.42 -18.94
N PHE D 267 -25.53 -34.11 -17.97
CA PHE D 267 -26.73 -33.67 -17.27
C PHE D 267 -26.30 -33.40 -15.82
N ASP D 268 -26.05 -32.13 -15.49
CA ASP D 268 -25.29 -31.80 -14.29
C ASP D 268 -26.14 -31.38 -13.10
N GLU D 269 -27.43 -31.13 -13.28
CA GLU D 269 -28.28 -30.65 -12.18
C GLU D 269 -29.21 -31.78 -11.73
N ILE D 270 -28.91 -32.35 -10.56
CA ILE D 270 -29.72 -33.44 -10.04
C ILE D 270 -31.03 -32.88 -9.50
N GLN D 271 -32.11 -33.59 -9.76
CA GLN D 271 -33.45 -33.09 -9.47
C GLN D 271 -34.18 -33.92 -8.42
N ALA D 272 -34.06 -35.24 -8.46
CA ALA D 272 -34.72 -36.07 -7.49
C ALA D 272 -33.99 -37.40 -7.41
N ILE D 273 -34.03 -38.02 -6.23
CA ILE D 273 -33.49 -39.37 -6.05
C ILE D 273 -34.59 -40.29 -5.58
N SER D 274 -34.26 -41.57 -5.50
CA SER D 274 -35.15 -42.57 -4.98
C SER D 274 -34.55 -43.15 -3.71
N PRO D 275 -35.34 -43.84 -2.89
CA PRO D 275 -34.76 -44.67 -1.84
C PRO D 275 -33.83 -45.71 -2.43
N ILE D 276 -33.01 -46.31 -1.57
CA ILE D 276 -32.16 -47.41 -2.02
C ILE D 276 -33.03 -48.56 -2.51
N VAL D 277 -32.70 -49.09 -3.67
CA VAL D 277 -33.46 -50.13 -4.34
C VAL D 277 -32.59 -51.39 -4.39
N GLU D 278 -33.13 -52.49 -3.90
CA GLU D 278 -32.39 -53.75 -3.90
C GLU D 278 -32.73 -54.50 -5.18
N SER D 279 -31.88 -54.31 -6.20
CA SER D 279 -32.02 -54.99 -7.49
C SER D 279 -31.10 -56.20 -7.48
N GLY D 280 -31.61 -57.31 -6.98
CA GLY D 280 -30.77 -58.51 -6.94
C GLY D 280 -29.70 -58.31 -5.88
N SER D 281 -28.47 -58.64 -6.24
CA SER D 281 -27.34 -58.51 -5.31
C SER D 281 -26.80 -57.09 -5.25
N LYS D 282 -27.27 -56.19 -6.10
CA LYS D 282 -26.77 -54.83 -6.19
C LYS D 282 -27.73 -53.88 -5.49
N SER D 283 -27.20 -53.00 -4.64
CA SER D 283 -27.98 -51.87 -4.11
C SER D 283 -27.81 -50.68 -5.04
N LEU D 284 -28.92 -50.09 -5.47
CA LEU D 284 -28.89 -49.02 -6.45
C LEU D 284 -29.70 -47.83 -5.94
N ILE D 285 -29.28 -46.62 -6.34
CA ILE D 285 -30.02 -45.40 -6.12
C ILE D 285 -30.29 -44.77 -7.49
N TYR D 286 -31.56 -44.54 -7.80
CA TYR D 286 -31.96 -43.96 -9.07
C TYR D 286 -32.15 -42.46 -8.92
N ALA D 287 -31.69 -41.69 -9.91
CA ALA D 287 -31.73 -40.24 -9.83
C ALA D 287 -32.13 -39.63 -11.16
N VAL D 288 -32.78 -38.48 -11.09
CA VAL D 288 -33.17 -37.69 -12.26
C VAL D 288 -32.23 -36.51 -12.37
N PHE D 289 -31.70 -36.27 -13.56
CA PHE D 289 -30.82 -35.15 -13.81
C PHE D 289 -31.37 -34.32 -14.96
N THR D 290 -30.95 -33.05 -15.00
CA THR D 290 -31.34 -32.15 -16.08
C THR D 290 -30.16 -31.26 -16.45
N THR D 291 -30.27 -30.61 -17.61
CA THR D 291 -29.23 -29.70 -18.04
C THR D 291 -29.43 -28.34 -17.38
N SER D 292 -28.37 -27.53 -17.40
CA SER D 292 -28.45 -26.23 -16.79
C SER D 292 -29.31 -25.29 -17.64
N VAL D 293 -29.70 -24.17 -17.03
CA VAL D 293 -30.42 -23.15 -17.78
C VAL D 293 -29.48 -22.52 -18.81
N ASN D 294 -30.06 -21.97 -19.87
CA ASN D 294 -29.31 -21.44 -21.01
C ASN D 294 -28.38 -22.49 -21.60
N ALA D 295 -28.82 -23.76 -21.55
CA ALA D 295 -28.14 -24.84 -22.23
C ALA D 295 -29.16 -25.64 -23.01
N ILE D 296 -28.68 -26.59 -23.81
CA ILE D 296 -29.55 -27.47 -24.58
C ILE D 296 -30.48 -28.16 -23.58
N PRO D 297 -31.77 -27.86 -23.60
CA PRO D 297 -32.67 -28.40 -22.56
C PRO D 297 -32.81 -29.91 -22.67
N GLY D 298 -32.76 -30.58 -21.52
CA GLY D 298 -32.77 -32.03 -21.51
C GLY D 298 -32.80 -32.61 -20.11
N SER D 299 -33.34 -33.83 -20.03
CA SER D 299 -33.46 -34.58 -18.79
C SER D 299 -32.83 -35.96 -18.98
N ALA D 300 -32.53 -36.61 -17.86
CA ALA D 300 -31.97 -37.95 -17.91
C ALA D 300 -32.31 -38.66 -16.62
N VAL D 301 -32.28 -39.99 -16.67
CA VAL D 301 -32.34 -40.82 -15.48
C VAL D 301 -31.06 -41.64 -15.40
N CYS D 302 -30.42 -41.63 -14.23
CA CYS D 302 -29.21 -42.40 -14.00
C CYS D 302 -29.38 -43.25 -12.75
N ALA D 303 -28.51 -44.23 -12.60
CA ALA D 303 -28.56 -45.08 -11.43
C ALA D 303 -27.14 -45.33 -10.98
N PHE D 304 -26.92 -45.29 -9.66
CA PHE D 304 -25.58 -45.40 -9.10
C PHE D 304 -25.56 -46.52 -8.06
N ASN D 305 -24.56 -47.39 -8.15
CA ASN D 305 -24.44 -48.44 -7.15
C ASN D 305 -24.03 -47.84 -5.83
N VAL D 306 -24.64 -48.32 -4.74
CA VAL D 306 -24.30 -47.79 -3.42
C VAL D 306 -22.84 -48.07 -3.10
N ASP D 307 -22.29 -49.19 -3.60
CA ASP D 307 -20.88 -49.50 -3.39
C ASP D 307 -19.97 -48.55 -4.16
N ASP D 308 -20.41 -48.06 -5.32
CA ASP D 308 -19.61 -47.09 -6.08
C ASP D 308 -19.58 -45.74 -5.38
N ILE D 309 -20.69 -45.35 -4.76
CA ILE D 309 -20.73 -44.10 -3.99
C ILE D 309 -19.72 -44.14 -2.87
N LEU D 310 -19.77 -45.18 -2.05
CA LEU D 310 -18.85 -45.28 -0.91
C LEU D 310 -17.41 -45.48 -1.37
N ALA D 311 -17.20 -46.17 -2.49
CA ALA D 311 -15.83 -46.41 -2.94
C ALA D 311 -15.14 -45.13 -3.39
N ALA D 312 -15.90 -44.12 -3.81
CA ALA D 312 -15.27 -42.87 -4.24
C ALA D 312 -14.60 -42.15 -3.09
N PHE D 313 -15.13 -42.31 -1.86
CA PHE D 313 -14.57 -41.69 -0.68
C PHE D 313 -13.27 -42.36 -0.21
N ASP D 314 -12.79 -43.36 -0.93
CA ASP D 314 -11.54 -44.06 -0.61
C ASP D 314 -10.39 -43.66 -1.53
N GLY D 315 -10.64 -42.85 -2.55
CA GLY D 315 -9.62 -42.40 -3.47
C GLY D 315 -9.01 -41.07 -3.09
N GLU D 316 -8.36 -40.43 -4.06
CA GLU D 316 -7.63 -39.21 -3.77
C GLU D 316 -8.58 -38.06 -3.43
N PHE D 317 -8.05 -37.05 -2.75
CA PHE D 317 -8.77 -35.81 -2.49
C PHE D 317 -8.42 -34.79 -3.57
N LYS D 318 -9.30 -33.82 -3.76
CA LYS D 318 -9.06 -32.78 -4.74
C LYS D 318 -8.38 -31.60 -4.06
N SER D 319 -7.36 -31.07 -4.72
CA SER D 319 -6.55 -30.00 -4.13
C SER D 319 -7.31 -28.68 -4.09
N GLN D 320 -6.99 -27.87 -3.09
CA GLN D 320 -7.63 -26.57 -2.93
C GLN D 320 -7.07 -25.58 -3.93
N LYS D 321 -7.79 -24.46 -4.10
CA LYS D 321 -7.40 -23.44 -5.04
C LYS D 321 -6.24 -22.61 -4.48
N GLY D 341 -12.13 -39.24 7.06
CA GLY D 341 -13.41 -39.71 6.59
C GLY D 341 -13.86 -41.02 7.21
N GLN D 342 -12.90 -41.87 7.58
CA GLN D 342 -13.23 -43.07 8.33
C GLN D 342 -13.82 -42.68 9.69
N CYS D 343 -14.71 -43.53 10.19
CA CYS D 343 -15.42 -43.24 11.43
C CYS D 343 -14.66 -43.83 12.60
N VAL D 344 -14.00 -42.97 13.37
CA VAL D 344 -13.27 -43.35 14.57
C VAL D 344 -14.24 -43.29 15.75
N GLU D 345 -13.99 -44.13 16.77
CA GLU D 345 -14.90 -44.24 17.89
C GLU D 345 -15.05 -42.93 18.64
N ASP D 346 -13.95 -42.20 18.82
CA ASP D 346 -13.98 -40.87 19.46
C ASP D 346 -13.26 -39.90 18.53
N SER D 347 -14.02 -39.20 17.69
CA SER D 347 -13.44 -38.18 16.82
C SER D 347 -12.83 -37.02 17.59
N ARG D 348 -13.08 -36.91 18.90
CA ARG D 348 -12.44 -35.87 19.71
C ARG D 348 -10.99 -36.19 20.04
N THR D 349 -10.47 -37.35 19.60
CA THR D 349 -9.08 -37.74 19.80
C THR D 349 -8.22 -37.48 18.57
N LEU D 350 -8.79 -37.00 17.48
CA LEU D 350 -8.04 -36.70 16.28
C LEU D 350 -7.09 -35.52 16.51
N THR D 351 -6.19 -35.31 15.58
CA THR D 351 -5.23 -34.22 15.69
C THR D 351 -5.75 -32.97 14.99
N SER D 352 -5.30 -31.80 15.47
CA SER D 352 -5.63 -30.57 14.78
C SER D 352 -5.19 -30.62 13.32
N ILE D 353 -4.08 -31.31 13.05
CA ILE D 353 -3.62 -31.45 11.67
C ILE D 353 -4.64 -32.22 10.84
N ALA D 354 -5.20 -33.29 11.41
CA ALA D 354 -6.11 -34.15 10.64
C ALA D 354 -7.46 -33.47 10.41
N VAL D 355 -8.02 -32.85 11.43
CA VAL D 355 -9.34 -32.23 11.29
C VAL D 355 -9.27 -31.01 10.39
N ASN D 356 -8.21 -30.21 10.50
CA ASN D 356 -8.05 -29.07 9.60
C ASN D 356 -7.86 -29.53 8.16
N PHE D 357 -7.24 -30.69 7.96
CA PHE D 357 -7.06 -31.23 6.62
C PHE D 357 -8.40 -31.52 5.97
N ILE D 358 -9.25 -32.28 6.66
CA ILE D 358 -10.53 -32.67 6.08
C ILE D 358 -11.46 -31.48 5.91
N LYS D 359 -11.28 -30.40 6.68
CA LYS D 359 -12.05 -29.18 6.49
C LYS D 359 -11.54 -28.35 5.31
N ASN D 360 -10.32 -28.60 4.84
CA ASN D 360 -9.80 -27.96 3.65
C ASN D 360 -9.78 -28.84 2.42
N HIS D 361 -10.14 -30.12 2.55
CA HIS D 361 -10.25 -31.02 1.39
C HIS D 361 -11.51 -31.87 1.52
N PRO D 362 -12.69 -31.24 1.48
CA PRO D 362 -13.92 -32.01 1.63
C PRO D 362 -14.39 -32.66 0.34
N LEU D 363 -13.77 -32.35 -0.78
CA LEU D 363 -14.20 -32.84 -2.08
C LEU D 363 -13.26 -33.93 -2.56
N MET D 364 -13.82 -35.07 -2.94
CA MET D 364 -13.05 -36.18 -3.49
C MET D 364 -12.66 -35.89 -4.94
N GLU D 365 -11.62 -36.58 -5.41
CA GLU D 365 -11.13 -36.38 -6.76
C GLU D 365 -11.98 -37.13 -7.78
N GLU D 366 -12.29 -38.40 -7.50
CA GLU D 366 -13.01 -39.22 -8.44
C GLU D 366 -14.48 -38.91 -8.43
N ALA D 367 -15.11 -39.06 -9.60
CA ALA D 367 -16.55 -38.88 -9.73
C ALA D 367 -17.23 -40.24 -9.69
N VAL D 368 -18.39 -40.29 -9.04
CA VAL D 368 -19.12 -41.54 -8.90
C VAL D 368 -19.67 -41.93 -10.26
N PRO D 369 -19.25 -43.07 -10.81
CA PRO D 369 -19.74 -43.47 -12.13
C PRO D 369 -21.16 -44.02 -12.06
N ALA D 370 -21.79 -44.09 -13.23
CA ALA D 370 -23.17 -44.53 -13.35
C ALA D 370 -23.23 -45.99 -13.78
N VAL D 371 -24.34 -46.64 -13.41
CA VAL D 371 -24.59 -48.01 -13.84
C VAL D 371 -24.69 -48.05 -15.36
N HIS D 372 -24.04 -49.05 -15.97
CA HIS D 372 -23.97 -49.21 -17.43
C HIS D 372 -23.16 -48.08 -18.06
N GLY D 373 -22.63 -47.18 -17.23
CA GLY D 373 -21.83 -46.08 -17.71
C GLY D 373 -22.58 -45.05 -18.54
N ARG D 374 -23.90 -45.09 -18.56
CA ARG D 374 -24.67 -44.13 -19.34
C ARG D 374 -26.03 -43.96 -18.68
N PRO D 375 -26.81 -42.96 -19.09
CA PRO D 375 -28.17 -42.82 -18.57
C PRO D 375 -29.07 -43.95 -19.03
N LEU D 376 -30.06 -44.29 -18.19
CA LEU D 376 -31.02 -45.34 -18.52
C LEU D 376 -32.13 -44.83 -19.43
N LEU D 377 -32.42 -43.54 -19.37
CA LEU D 377 -33.38 -42.87 -20.24
C LEU D 377 -32.91 -41.44 -20.45
N THR D 378 -33.10 -40.91 -21.66
CA THR D 378 -32.75 -39.52 -21.97
C THR D 378 -33.88 -38.84 -22.72
N LYS D 379 -34.09 -37.55 -22.41
CA LYS D 379 -35.11 -36.72 -23.06
C LYS D 379 -34.47 -35.37 -23.33
N VAL D 380 -33.89 -35.22 -24.53
CA VAL D 380 -33.18 -34.01 -24.90
C VAL D 380 -34.03 -33.23 -25.89
N ASN D 381 -34.02 -31.90 -25.75
CA ASN D 381 -34.70 -30.96 -26.63
C ASN D 381 -36.20 -31.22 -26.73
N LEU D 382 -36.78 -31.90 -25.73
CA LEU D 382 -38.22 -32.04 -25.66
C LEU D 382 -38.83 -30.83 -24.98
N HIS D 383 -40.15 -30.80 -24.88
CA HIS D 383 -40.80 -29.64 -24.26
C HIS D 383 -40.79 -29.74 -22.74
N HIS D 384 -40.82 -30.95 -22.20
CA HIS D 384 -40.94 -31.15 -20.76
C HIS D 384 -39.63 -31.68 -20.17
N ARG D 385 -39.53 -31.56 -18.84
CA ARG D 385 -38.38 -32.01 -18.08
C ARG D 385 -38.81 -33.02 -17.04
N LEU D 386 -37.94 -33.98 -16.74
CA LEU D 386 -38.23 -34.98 -15.72
C LEU D 386 -37.99 -34.38 -14.33
N THR D 387 -38.82 -34.78 -13.36
CA THR D 387 -38.82 -34.15 -12.04
C THR D 387 -38.86 -35.11 -10.86
N ALA D 388 -39.30 -36.36 -11.05
CA ALA D 388 -39.40 -37.26 -9.92
C ALA D 388 -39.14 -38.68 -10.40
N ILE D 389 -38.82 -39.56 -9.44
CA ILE D 389 -38.40 -40.91 -9.77
C ILE D 389 -38.94 -41.87 -8.71
N ALA D 390 -39.32 -43.06 -9.15
CA ALA D 390 -39.71 -44.15 -8.27
C ALA D 390 -39.60 -45.46 -9.05
N VAL D 391 -39.27 -46.54 -8.33
CA VAL D 391 -38.94 -47.82 -8.96
C VAL D 391 -39.68 -48.96 -8.28
N HIS D 392 -40.24 -49.87 -9.11
CA HIS D 392 -40.76 -51.15 -8.66
C HIS D 392 -39.72 -52.23 -8.95
N PRO D 393 -38.93 -52.65 -7.95
CA PRO D 393 -37.78 -53.50 -8.24
C PRO D 393 -38.12 -54.95 -8.48
N GLN D 394 -37.38 -55.55 -9.41
CA GLN D 394 -37.30 -57.00 -9.58
C GLN D 394 -38.67 -57.59 -9.93
N VAL D 395 -39.23 -57.10 -11.02
CA VAL D 395 -40.43 -57.66 -11.61
C VAL D 395 -39.99 -58.81 -12.53
N LYS D 396 -40.34 -60.03 -12.14
CA LYS D 396 -39.91 -61.22 -12.88
C LYS D 396 -40.72 -61.37 -14.17
N SER D 397 -40.02 -61.36 -15.30
CA SER D 397 -40.70 -61.43 -16.60
C SER D 397 -41.14 -62.86 -16.89
N LEU D 398 -41.62 -63.10 -18.11
CA LEU D 398 -42.12 -64.43 -18.47
C LEU D 398 -40.97 -65.42 -18.59
N SER D 399 -39.85 -64.98 -19.17
CA SER D 399 -38.66 -65.81 -19.27
C SER D 399 -37.98 -66.04 -17.94
N GLY D 400 -38.40 -65.35 -16.87
CA GLY D 400 -37.76 -65.45 -15.58
C GLY D 400 -36.69 -64.41 -15.32
N ALA D 401 -36.47 -63.50 -16.26
CA ALA D 401 -35.57 -62.38 -16.05
C ALA D 401 -36.19 -61.37 -15.10
N TYR D 402 -35.36 -60.76 -14.27
CA TYR D 402 -35.80 -59.72 -13.34
C TYR D 402 -35.49 -58.35 -13.95
N TYR D 403 -36.51 -57.51 -14.07
CA TYR D 403 -36.35 -56.16 -14.57
C TYR D 403 -36.89 -55.17 -13.55
N ASP D 404 -36.11 -54.13 -13.26
CA ASP D 404 -36.64 -53.00 -12.49
C ASP D 404 -37.51 -52.14 -13.39
N VAL D 405 -38.71 -51.82 -12.92
CA VAL D 405 -39.62 -50.96 -13.65
C VAL D 405 -39.49 -49.55 -13.09
N ILE D 406 -39.20 -48.59 -13.96
CA ILE D 406 -38.85 -47.24 -13.54
C ILE D 406 -39.98 -46.30 -13.91
N TYR D 407 -40.42 -45.51 -12.93
CA TYR D 407 -41.45 -44.50 -13.13
C TYR D 407 -40.81 -43.12 -12.92
N SER D 408 -40.92 -42.26 -13.93
CA SER D 408 -40.38 -40.91 -13.84
C SER D 408 -41.47 -39.93 -14.29
N GLY D 409 -41.77 -38.96 -13.43
CA GLY D 409 -42.75 -37.95 -13.75
C GLY D 409 -42.12 -36.71 -14.36
N THR D 410 -42.89 -36.05 -15.22
CA THR D 410 -42.45 -34.83 -15.90
C THR D 410 -43.07 -33.60 -15.24
N ASP D 411 -42.54 -32.43 -15.61
CA ASP D 411 -43.03 -31.17 -15.07
C ASP D 411 -44.33 -30.71 -15.72
N ASP D 412 -44.94 -31.50 -16.60
CA ASP D 412 -46.26 -31.21 -17.16
C ASP D 412 -47.24 -32.35 -16.87
N GLY D 413 -46.99 -33.15 -15.84
CA GLY D 413 -47.97 -34.09 -15.36
C GLY D 413 -48.06 -35.42 -16.04
N LYS D 414 -46.99 -35.89 -16.66
CA LYS D 414 -46.97 -37.24 -17.23
C LYS D 414 -46.14 -38.16 -16.35
N VAL D 415 -46.33 -39.46 -16.53
CA VAL D 415 -45.50 -40.47 -15.89
C VAL D 415 -45.02 -41.44 -16.96
N THR D 416 -43.70 -41.54 -17.12
CA THR D 416 -43.09 -42.46 -18.06
C THR D 416 -42.68 -43.74 -17.35
N LYS D 417 -43.09 -44.89 -17.91
CA LYS D 417 -42.73 -46.20 -17.41
C LYS D 417 -41.78 -46.86 -18.40
N PHE D 418 -40.73 -47.50 -17.91
CA PHE D 418 -39.75 -48.11 -18.80
C PHE D 418 -38.87 -49.10 -18.05
N ILE D 419 -38.22 -49.97 -18.83
CA ILE D 419 -37.20 -50.88 -18.35
C ILE D 419 -35.97 -50.71 -19.22
N ASN D 420 -34.89 -51.40 -18.83
CA ASN D 420 -33.66 -51.45 -19.61
C ASN D 420 -33.28 -52.89 -19.83
N ILE D 421 -32.91 -53.24 -21.07
CA ILE D 421 -32.49 -54.58 -21.43
C ILE D 421 -31.04 -54.50 -21.90
N LEU D 422 -30.20 -55.37 -21.36
CA LEU D 422 -28.78 -55.37 -21.71
C LEU D 422 -28.54 -56.55 -22.66
N SER D 423 -28.92 -56.35 -23.93
CA SER D 423 -28.75 -57.39 -24.93
C SER D 423 -27.26 -57.61 -25.19
N THR D 424 -26.80 -58.84 -25.00
CA THR D 424 -25.38 -59.17 -25.12
C THR D 424 -25.05 -59.44 -26.59
N HIS D 425 -24.24 -58.58 -27.18
CA HIS D 425 -23.82 -58.70 -28.57
C HIS D 425 -25.00 -58.84 -29.54
N PRO D 426 -25.90 -57.84 -29.61
CA PRO D 426 -27.00 -57.92 -30.58
C PRO D 426 -26.64 -57.31 -31.93
N ASN D 427 -25.79 -56.28 -31.92
CA ASN D 427 -25.38 -55.60 -33.13
C ASN D 427 -23.90 -55.23 -33.17
N SER D 428 -23.15 -55.46 -32.09
CA SER D 428 -21.73 -55.15 -32.04
C SER D 428 -21.09 -55.99 -30.95
N THR D 429 -19.76 -55.89 -30.82
CA THR D 429 -19.04 -56.67 -29.81
C THR D 429 -19.18 -56.07 -28.41
N VAL D 430 -19.39 -54.75 -28.30
CA VAL D 430 -19.65 -54.11 -27.02
C VAL D 430 -21.14 -54.21 -26.71
N ASP D 431 -21.46 -54.56 -25.46
CA ASP D 431 -22.86 -54.74 -25.08
C ASP D 431 -23.64 -53.44 -25.25
N ARG D 432 -24.85 -53.56 -25.80
CA ARG D 432 -25.69 -52.40 -26.11
C ARG D 432 -26.89 -52.36 -25.16
N LEU D 433 -27.02 -51.26 -24.43
CA LEU D 433 -28.14 -51.04 -23.54
C LEU D 433 -29.28 -50.38 -24.29
N LYS D 434 -30.51 -50.85 -24.07
CA LYS D 434 -31.67 -50.31 -24.75
C LYS D 434 -32.75 -49.95 -23.74
N THR D 435 -33.46 -48.88 -24.06
CA THR D 435 -34.57 -48.40 -23.25
C THR D 435 -35.87 -48.88 -23.88
N VAL D 436 -36.65 -49.64 -23.12
CA VAL D 436 -37.97 -50.10 -23.54
C VAL D 436 -39.00 -49.27 -22.80
N VAL D 437 -39.68 -48.37 -23.51
CA VAL D 437 -40.68 -47.50 -22.92
C VAL D 437 -42.02 -48.22 -22.91
N ILE D 438 -42.60 -48.38 -21.73
CA ILE D 438 -43.84 -49.14 -21.61
C ILE D 438 -45.04 -48.25 -21.88
N SER D 439 -45.08 -47.07 -21.25
CA SER D 439 -46.17 -46.13 -21.41
C SER D 439 -45.72 -44.76 -20.93
N GLU D 440 -46.28 -43.71 -21.55
CA GLU D 440 -46.04 -42.32 -21.13
C GLU D 440 -47.40 -41.62 -21.14
N MET D 441 -48.10 -41.68 -20.02
CA MET D 441 -49.47 -41.19 -19.98
C MET D 441 -49.58 -39.92 -19.15
N GLN D 442 -50.67 -39.20 -19.38
CA GLN D 442 -51.00 -37.99 -18.65
C GLN D 442 -51.76 -38.37 -17.39
N VAL D 443 -51.24 -37.98 -16.23
CA VAL D 443 -51.87 -38.27 -14.95
C VAL D 443 -52.49 -37.01 -14.36
N LEU D 444 -51.73 -35.96 -14.28
CA LEU D 444 -52.19 -34.66 -13.79
C LEU D 444 -52.56 -33.77 -14.96
N PRO D 445 -53.37 -32.72 -14.72
CA PRO D 445 -53.70 -31.77 -15.79
C PRO D 445 -52.49 -31.26 -16.54
N LEU D 446 -52.69 -30.80 -17.78
CA LEU D 446 -51.60 -30.70 -18.76
C LEU D 446 -50.40 -29.89 -18.27
N GLY D 447 -50.59 -28.97 -17.34
CA GLY D 447 -49.46 -28.12 -17.00
C GLY D 447 -48.84 -28.34 -15.64
N THR D 448 -49.41 -29.22 -14.84
CA THR D 448 -49.08 -29.23 -13.41
C THR D 448 -47.82 -30.07 -13.17
N PRO D 449 -46.83 -29.55 -12.47
CA PRO D 449 -45.59 -30.30 -12.25
C PRO D 449 -45.76 -31.41 -11.24
N ILE D 450 -45.25 -32.59 -11.58
CA ILE D 450 -45.20 -33.72 -10.65
C ILE D 450 -44.01 -33.55 -9.71
N ARG D 451 -44.30 -33.39 -8.42
CA ARG D 451 -43.25 -33.14 -7.45
C ARG D 451 -42.60 -34.43 -6.94
N GLU D 452 -43.39 -35.44 -6.59
CA GLU D 452 -42.83 -36.68 -6.04
C GLU D 452 -43.63 -37.86 -6.56
N LEU D 453 -43.10 -39.06 -6.31
CA LEU D 453 -43.81 -40.30 -6.57
C LEU D 453 -43.62 -41.25 -5.41
N VAL D 454 -44.67 -41.96 -5.04
CA VAL D 454 -44.64 -42.94 -3.97
C VAL D 454 -45.30 -44.22 -4.50
N ILE D 455 -44.60 -45.35 -4.36
CA ILE D 455 -45.05 -46.62 -4.90
C ILE D 455 -45.59 -47.49 -3.77
N SER D 456 -46.72 -48.13 -4.02
CA SER D 456 -47.31 -49.11 -3.11
C SER D 456 -47.43 -50.42 -3.90
N THR D 457 -46.41 -51.26 -3.79
CA THR D 457 -46.44 -52.55 -4.48
C THR D 457 -47.57 -53.43 -4.00
N SER D 458 -48.10 -53.17 -2.81
CA SER D 458 -49.18 -53.97 -2.25
C SER D 458 -50.50 -53.67 -2.97
N LYS D 459 -50.90 -52.40 -3.01
CA LYS D 459 -52.17 -52.02 -3.63
C LYS D 459 -52.07 -51.86 -5.13
N ASN D 460 -50.92 -52.16 -5.72
CA ASN D 460 -50.69 -51.95 -7.16
C ASN D 460 -51.07 -50.53 -7.57
N SER D 461 -50.68 -49.56 -6.74
CA SER D 461 -51.03 -48.17 -6.96
C SER D 461 -49.78 -47.30 -6.93
N LEU D 462 -49.75 -46.28 -7.78
CA LEU D 462 -48.68 -45.30 -7.84
C LEU D 462 -49.27 -43.94 -7.46
N VAL D 463 -48.84 -43.38 -6.35
CA VAL D 463 -49.35 -42.10 -5.87
C VAL D 463 -48.52 -40.99 -6.50
N VAL D 464 -49.17 -40.12 -7.25
CA VAL D 464 -48.53 -38.97 -7.87
C VAL D 464 -48.78 -37.76 -7.00
N VAL D 465 -47.74 -37.01 -6.68
CA VAL D 465 -47.81 -35.88 -5.76
C VAL D 465 -47.52 -34.60 -6.53
N SER D 466 -48.47 -33.68 -6.52
CA SER D 466 -48.31 -32.33 -7.02
C SER D 466 -48.30 -31.37 -5.84
N ASP D 467 -48.35 -30.07 -6.14
CA ASP D 467 -48.28 -29.09 -5.07
C ASP D 467 -49.54 -29.11 -4.21
N GLY D 468 -50.69 -29.31 -4.83
CA GLY D 468 -51.89 -29.32 -4.04
C GLY D 468 -52.77 -30.54 -4.23
N SER D 469 -52.22 -31.67 -4.65
CA SER D 469 -53.07 -32.84 -4.81
C SER D 469 -52.22 -34.10 -4.69
N LEU D 470 -52.92 -35.22 -4.46
CA LEU D 470 -52.37 -36.55 -4.63
C LEU D 470 -53.32 -37.33 -5.53
N VAL D 471 -52.78 -37.93 -6.59
CA VAL D 471 -53.54 -38.78 -7.48
C VAL D 471 -52.90 -40.15 -7.48
N SER D 472 -53.72 -41.20 -7.47
CA SER D 472 -53.22 -42.56 -7.58
C SER D 472 -53.65 -43.16 -8.91
N VAL D 473 -52.73 -43.90 -9.54
CA VAL D 473 -52.98 -44.57 -10.80
C VAL D 473 -52.57 -46.02 -10.62
N PRO D 474 -52.95 -46.91 -11.54
CA PRO D 474 -52.50 -48.30 -11.42
C PRO D 474 -51.00 -48.40 -11.64
N LEU D 475 -50.35 -49.21 -10.81
CA LEU D 475 -48.93 -49.47 -10.98
C LEU D 475 -48.68 -50.32 -12.23
N HIS D 476 -49.53 -51.32 -12.47
CA HIS D 476 -49.45 -52.15 -13.66
C HIS D 476 -50.83 -52.28 -14.30
N HIS D 477 -50.89 -52.13 -15.62
CA HIS D 477 -52.14 -52.03 -16.36
C HIS D 477 -52.55 -53.34 -17.03
N CYS D 478 -52.22 -54.50 -16.45
CA CYS D 478 -52.48 -55.75 -17.15
C CYS D 478 -53.98 -56.00 -17.29
N SER D 479 -54.75 -55.69 -16.24
CA SER D 479 -56.17 -55.99 -16.27
C SER D 479 -56.91 -55.12 -17.28
N HIS D 480 -56.43 -53.91 -17.54
CA HIS D 480 -57.18 -52.96 -18.34
C HIS D 480 -57.23 -53.35 -19.81
N ILE D 481 -56.12 -53.86 -20.36
CA ILE D 481 -56.05 -54.17 -21.77
C ILE D 481 -56.77 -55.49 -22.06
N VAL D 482 -57.39 -55.57 -23.24
CA VAL D 482 -58.13 -56.76 -23.65
C VAL D 482 -57.76 -57.24 -25.04
N ASP D 483 -56.86 -56.55 -25.74
CA ASP D 483 -56.45 -56.90 -27.10
C ASP D 483 -55.07 -57.55 -27.09
N CYS D 484 -54.85 -58.50 -27.99
CA CYS D 484 -53.55 -59.19 -28.03
C CYS D 484 -52.44 -58.25 -28.43
N LEU D 485 -52.66 -57.43 -29.46
CA LEU D 485 -51.64 -56.48 -29.90
C LEU D 485 -51.24 -55.54 -28.76
N GLY D 486 -52.22 -55.06 -27.99
CA GLY D 486 -51.91 -54.16 -26.90
C GLY D 486 -51.12 -54.82 -25.79
N CYS D 487 -51.44 -56.08 -25.49
CA CYS D 487 -50.75 -56.78 -24.41
C CYS D 487 -49.27 -56.99 -24.74
N LEU D 488 -48.95 -57.30 -25.99
CA LEU D 488 -47.55 -57.48 -26.35
C LEU D 488 -46.84 -56.18 -26.69
N SER D 489 -47.53 -55.23 -27.31
CA SER D 489 -46.92 -53.92 -27.59
C SER D 489 -46.62 -53.15 -26.33
N LEU D 490 -47.34 -53.43 -25.23
CA LEU D 490 -47.09 -52.73 -23.97
C LEU D 490 -45.68 -52.97 -23.48
N GLN D 491 -45.21 -54.19 -23.62
CA GLN D 491 -43.85 -54.60 -23.23
C GLN D 491 -43.59 -54.38 -21.75
N ASP D 492 -44.64 -54.39 -20.94
CA ASP D 492 -44.49 -54.42 -19.49
C ASP D 492 -43.95 -55.78 -19.10
N PRO D 493 -42.87 -55.85 -18.31
CA PRO D 493 -42.31 -57.17 -17.95
C PRO D 493 -43.25 -58.04 -17.15
N ILE D 494 -44.38 -57.50 -16.68
CA ILE D 494 -45.29 -58.25 -15.82
C ILE D 494 -46.57 -58.68 -16.54
N CYS D 495 -46.86 -58.12 -17.72
CA CYS D 495 -48.06 -58.48 -18.45
C CYS D 495 -47.72 -59.38 -19.62
N ALA D 496 -48.48 -60.46 -19.79
CA ALA D 496 -48.26 -61.41 -20.86
C ALA D 496 -49.61 -61.93 -21.33
N TRP D 497 -49.69 -62.25 -22.62
CA TRP D 497 -50.92 -62.67 -23.23
C TRP D 497 -51.07 -64.18 -23.13
N ASP D 498 -52.16 -64.62 -22.50
CA ASP D 498 -52.50 -66.04 -22.47
C ASP D 498 -53.18 -66.45 -23.77
N LEU D 499 -52.99 -67.70 -24.16
CA LEU D 499 -53.58 -68.22 -25.38
C LEU D 499 -54.70 -69.22 -25.13
N GLN D 500 -54.72 -69.88 -23.98
CA GLN D 500 -55.90 -70.62 -23.56
C GLN D 500 -57.02 -69.67 -23.17
N THR D 501 -56.76 -68.81 -22.19
CA THR D 501 -57.64 -67.69 -21.87
C THR D 501 -57.25 -66.50 -22.73
N HIS D 502 -58.26 -65.80 -23.26
CA HIS D 502 -57.94 -64.62 -24.04
C HIS D 502 -57.50 -63.43 -23.20
N GLU D 503 -57.51 -63.55 -21.88
CA GLU D 503 -57.19 -62.41 -21.02
C GLU D 503 -55.68 -62.18 -20.92
N CYS D 504 -55.26 -60.91 -21.11
CA CYS D 504 -53.90 -60.48 -20.79
C CYS D 504 -53.69 -60.50 -19.28
N LYS D 505 -52.82 -61.39 -18.81
CA LYS D 505 -52.75 -61.72 -17.38
C LYS D 505 -51.51 -61.15 -16.70
N ASN D 506 -51.61 -61.02 -15.38
CA ASN D 506 -50.53 -60.51 -14.53
C ASN D 506 -49.74 -61.68 -13.97
N LEU D 507 -48.44 -61.73 -14.28
CA LEU D 507 -47.61 -62.87 -13.91
C LEU D 507 -47.28 -62.93 -12.42
N ALA D 508 -47.52 -61.86 -11.67
CA ALA D 508 -47.33 -61.92 -10.22
C ALA D 508 -48.28 -62.92 -9.59
N THR D 516 -44.31 -74.49 -21.48
CA THR D 516 -45.66 -74.40 -22.01
C THR D 516 -45.77 -73.20 -22.94
N LYS D 517 -46.39 -73.40 -24.11
CA LYS D 517 -46.59 -72.34 -25.08
C LYS D 517 -47.82 -71.50 -24.78
N THR D 518 -48.30 -71.52 -23.54
CA THR D 518 -49.52 -70.79 -23.20
C THR D 518 -49.32 -69.28 -23.29
N TYR D 519 -48.45 -68.74 -22.44
CA TYR D 519 -48.27 -67.29 -22.36
C TYR D 519 -47.33 -66.78 -23.45
N LEU D 520 -47.52 -65.52 -23.81
CA LEU D 520 -46.77 -64.89 -24.90
C LEU D 520 -46.32 -63.49 -24.48
N GLN D 521 -45.02 -63.23 -24.59
CA GLN D 521 -44.46 -61.93 -24.21
C GLN D 521 -43.22 -61.64 -25.04
N SER D 522 -43.11 -60.39 -25.49
CA SER D 522 -41.97 -59.97 -26.30
C SER D 522 -41.48 -58.62 -25.80
N LEU D 523 -40.26 -58.59 -25.28
CA LEU D 523 -39.66 -57.38 -24.74
C LEU D 523 -38.43 -56.91 -25.51
N ASN D 524 -37.62 -57.83 -26.02
CA ASN D 524 -36.38 -57.46 -26.70
C ASN D 524 -36.66 -56.90 -28.10
N SER D 525 -37.69 -57.39 -28.77
CA SER D 525 -37.99 -56.94 -30.13
C SER D 525 -38.51 -55.50 -30.12
N THR D 526 -38.88 -55.03 -31.30
CA THR D 526 -39.63 -53.79 -31.43
C THR D 526 -41.08 -54.02 -31.04
N LYS D 527 -41.83 -52.92 -30.93
CA LYS D 527 -43.22 -53.01 -30.51
C LYS D 527 -44.09 -53.61 -31.62
N LYS D 528 -43.79 -53.28 -32.88
CA LYS D 528 -44.53 -53.89 -33.98
C LYS D 528 -44.21 -55.37 -34.13
N ALA D 529 -42.99 -55.77 -33.79
CA ALA D 529 -42.62 -57.18 -33.86
C ALA D 529 -43.32 -58.00 -32.78
N ALA D 530 -43.56 -57.42 -31.61
CA ALA D 530 -44.35 -58.11 -30.59
C ALA D 530 -45.76 -58.39 -31.10
N ALA D 531 -46.32 -57.48 -31.89
CA ALA D 531 -47.69 -57.66 -32.39
C ALA D 531 -47.80 -58.81 -33.38
N LEU D 532 -46.76 -59.04 -34.19
CA LEU D 532 -46.79 -60.13 -35.16
C LEU D 532 -46.88 -61.49 -34.50
N LEU D 533 -46.46 -61.61 -33.24
CA LEU D 533 -46.61 -62.86 -32.50
C LEU D 533 -48.07 -63.20 -32.26
N CYS D 534 -48.98 -62.22 -32.33
CA CYS D 534 -50.39 -62.48 -32.18
C CYS D 534 -50.94 -63.10 -33.45
N PRO D 535 -51.53 -64.30 -33.39
CA PRO D 535 -52.12 -64.89 -34.59
C PRO D 535 -53.49 -64.28 -34.88
N HIS D 536 -53.75 -64.04 -36.18
CA HIS D 536 -55.05 -63.57 -36.67
C HIS D 536 -55.52 -62.26 -36.01
#